data_9NSU
#
_entry.id   9NSU
#
_cell.length_a   94.083
_cell.length_b   94.083
_cell.length_c   193.415
_cell.angle_alpha   90.00
_cell.angle_beta   90.00
_cell.angle_gamma   120.00
#
_symmetry.space_group_name_H-M   'P 32'
#
loop_
_entity.id
_entity.type
_entity.pdbx_description
1 polymer Pictet-Spenglerase
2 non-polymer '(1S,3S)-1-(2-carboxyethyl)-2,3,4,9-tetrahydro-1H-pyrido[3,4-b]indole-3-carboxylic acid'
#
_entity_poly.entity_id   1
_entity_poly.type   'polypeptide(L)'
_entity_poly.pdbx_seq_one_letter_code
;MSALPELRELIASFVSEEPPEIRRIRTGTVPDLPGSYGQYFTAWDFSNSIVRDYAMNLYQLTRLATDESVSVENLLTVFR
TLDPIYSTFLGYNGFPVLAEYAQRVGQPAESRAELLDRLTTFTEYVNRLTAWSHHYFPWDLGGERYRYAAEEVAAQAAEA
AAASPSVDSVDSLGDPSQRIPVRLTWQPLGVQVDAEIYADLNPQLATDVLKALPFTVLQDHAVVSGESMYAWAPLVSVAP
TPVRERICDAPVGRLRFSQATGNKVIVQYGPTTETLSSPVLGKVVDSHADRLAEVGKAVWESTFSSKEPVWLTVERL
;
_entity_poly.pdbx_strand_id   A,B,C,D,E,F
#
loop_
_chem_comp.id
_chem_comp.type
_chem_comp.name
_chem_comp.formula
A1B1P non-polymer '(1S,3S)-1-(2-carboxyethyl)-2,3,4,9-tetrahydro-1H-pyrido[3,4-b]indole-3-carboxylic acid' 'C15 H16 N2 O4'
#
# COMPACT_ATOMS: atom_id res chain seq x y z
N LEU A 7 31.44 -43.13 -12.69
CA LEU A 7 30.89 -41.87 -12.15
C LEU A 7 31.81 -41.35 -11.04
N ARG A 8 32.17 -42.21 -10.10
CA ARG A 8 32.92 -41.75 -8.91
C ARG A 8 34.18 -40.96 -9.29
N GLU A 9 34.77 -41.28 -10.42
CA GLU A 9 35.97 -40.53 -10.85
C GLU A 9 35.63 -39.04 -10.94
N LEU A 10 34.46 -38.72 -11.48
CA LEU A 10 34.14 -37.28 -11.67
C LEU A 10 33.56 -36.69 -10.39
N ILE A 11 33.06 -37.51 -9.48
CA ILE A 11 32.72 -36.89 -8.19
C ILE A 11 34.01 -36.39 -7.56
N ALA A 12 35.02 -37.26 -7.51
CA ALA A 12 36.33 -36.85 -6.95
C ALA A 12 36.90 -35.65 -7.71
N SER A 13 36.92 -35.74 -9.04
CA SER A 13 37.41 -34.59 -9.85
C SER A 13 36.71 -33.30 -9.39
N PHE A 14 35.39 -33.35 -9.21
CA PHE A 14 34.62 -32.12 -8.91
C PHE A 14 34.62 -31.76 -7.44
N VAL A 15 35.33 -32.51 -6.60
CA VAL A 15 35.53 -32.01 -5.21
C VAL A 15 36.62 -30.94 -5.26
N SER A 16 37.57 -31.08 -6.19
CA SER A 16 38.63 -30.05 -6.35
C SER A 16 38.17 -28.99 -7.33
N GLU A 17 37.72 -29.41 -8.53
CA GLU A 17 37.47 -28.48 -9.65
C GLU A 17 35.99 -28.15 -9.88
N GLU A 18 35.72 -26.93 -10.34
CA GLU A 18 34.34 -26.55 -10.74
C GLU A 18 33.94 -27.36 -11.97
N PRO A 19 32.78 -28.02 -11.97
CA PRO A 19 32.38 -28.88 -13.08
C PRO A 19 32.15 -28.03 -14.31
N PRO A 20 32.51 -28.52 -15.50
CA PRO A 20 32.40 -27.67 -16.72
C PRO A 20 30.96 -27.24 -16.92
N GLU A 21 30.04 -28.17 -16.66
CA GLU A 21 28.60 -27.82 -16.72
C GLU A 21 28.32 -26.55 -15.91
N ILE A 22 28.87 -26.45 -14.70
CA ILE A 22 28.58 -25.26 -13.85
C ILE A 22 29.33 -24.05 -14.40
N ARG A 23 30.14 -24.25 -15.42
CA ARG A 23 30.79 -23.06 -16.03
C ARG A 23 29.91 -22.52 -17.17
N ARG A 24 29.53 -23.37 -18.12
CA ARG A 24 28.72 -22.89 -19.28
C ARG A 24 27.49 -22.14 -18.77
N ILE A 25 26.89 -22.63 -17.68
CA ILE A 25 25.65 -21.99 -17.14
C ILE A 25 25.97 -20.57 -16.66
N ARG A 26 27.06 -20.39 -15.93
CA ARG A 26 27.31 -19.02 -15.42
C ARG A 26 27.68 -18.10 -16.57
N THR A 27 28.40 -18.62 -17.56
CA THR A 27 28.87 -17.70 -18.62
C THR A 27 27.85 -17.54 -19.73
N GLY A 28 26.81 -18.38 -19.77
CA GLY A 28 25.85 -18.27 -20.88
C GLY A 28 26.44 -18.82 -22.15
N THR A 29 26.92 -20.06 -22.09
CA THR A 29 27.45 -20.74 -23.30
C THR A 29 26.78 -22.10 -23.47
N VAL A 30 25.71 -22.36 -22.70
CA VAL A 30 24.94 -23.62 -22.80
C VAL A 30 24.57 -23.78 -24.28
N PRO A 31 24.72 -24.97 -24.86
CA PRO A 31 24.49 -25.13 -26.32
C PRO A 31 23.10 -24.64 -26.70
N ASP A 32 22.11 -24.94 -25.86
CA ASP A 32 20.71 -24.58 -26.15
C ASP A 32 20.48 -23.06 -26.10
N LEU A 33 21.41 -22.30 -25.51
CA LEU A 33 21.16 -20.85 -25.26
C LEU A 33 19.82 -20.64 -24.56
N PRO A 34 19.49 -21.38 -23.46
CA PRO A 34 18.13 -21.29 -22.83
C PRO A 34 17.85 -19.89 -22.30
N GLY A 35 16.58 -19.60 -21.99
CA GLY A 35 16.21 -18.25 -21.53
C GLY A 35 15.54 -17.49 -22.66
N SER A 36 14.21 -17.33 -22.59
CA SER A 36 13.47 -16.67 -23.68
C SER A 36 13.93 -15.22 -23.86
N TYR A 37 13.88 -14.70 -25.09
CA TYR A 37 14.25 -13.28 -25.37
C TYR A 37 15.71 -13.04 -25.00
N GLY A 38 16.59 -13.99 -25.33
CA GLY A 38 18.05 -13.79 -25.11
C GLY A 38 18.42 -13.41 -23.69
N GLN A 39 17.87 -14.08 -22.68
CA GLN A 39 18.30 -13.81 -21.28
C GLN A 39 18.36 -15.16 -20.53
N TYR A 40 19.57 -15.65 -20.23
CA TYR A 40 19.70 -16.99 -19.59
C TYR A 40 19.55 -16.87 -18.07
N PHE A 41 19.15 -15.68 -17.59
CA PHE A 41 18.93 -15.49 -16.14
C PHE A 41 17.86 -16.48 -15.67
N THR A 42 16.74 -16.53 -16.39
CA THR A 42 15.66 -17.50 -16.05
C THR A 42 16.20 -18.89 -16.18
N ALA A 43 16.89 -19.18 -17.29
CA ALA A 43 17.49 -20.51 -17.51
C ALA A 43 18.36 -20.88 -16.32
N TRP A 44 19.30 -19.98 -15.96
CA TRP A 44 20.22 -20.27 -14.84
C TRP A 44 19.43 -20.62 -13.59
N ASP A 45 18.43 -19.79 -13.26
CA ASP A 45 17.57 -20.02 -12.08
C ASP A 45 16.96 -21.42 -12.13
N PHE A 46 16.42 -21.78 -13.28
CA PHE A 46 15.80 -23.12 -13.39
C PHE A 46 16.86 -24.18 -13.18
N SER A 47 18.05 -24.00 -13.76
CA SER A 47 19.16 -24.96 -13.61
C SER A 47 19.51 -25.17 -12.12
N ASN A 48 19.83 -24.08 -11.43
CA ASN A 48 20.13 -24.18 -9.99
C ASN A 48 19.01 -24.94 -9.29
N SER A 49 17.80 -24.37 -9.29
CA SER A 49 16.70 -24.96 -8.48
C SER A 49 16.35 -26.38 -8.91
N ILE A 50 16.30 -26.64 -10.22
CA ILE A 50 15.83 -27.99 -10.63
C ILE A 50 16.84 -29.01 -10.10
N VAL A 51 18.13 -28.73 -10.19
CA VAL A 51 19.04 -29.79 -9.70
C VAL A 51 19.10 -29.82 -8.16
N ARG A 52 18.94 -28.68 -7.49
CA ARG A 52 18.90 -28.75 -6.01
C ARG A 52 17.75 -29.66 -5.56
N ASP A 53 16.55 -29.40 -6.06
CA ASP A 53 15.36 -30.16 -5.57
C ASP A 53 15.41 -31.58 -6.12
N TYR A 54 15.83 -31.72 -7.37
CA TYR A 54 16.04 -33.07 -7.89
C TYR A 54 16.94 -33.83 -6.94
N ALA A 55 17.98 -33.15 -6.44
CA ALA A 55 18.94 -33.83 -5.55
C ALA A 55 18.26 -34.25 -4.25
N MET A 56 17.56 -33.32 -3.62
CA MET A 56 16.89 -33.67 -2.34
C MET A 56 15.98 -34.87 -2.58
N ASN A 57 15.34 -34.89 -3.75
CA ASN A 57 14.48 -36.05 -4.10
C ASN A 57 15.33 -37.32 -4.13
N LEU A 58 16.40 -37.28 -4.91
CA LEU A 58 17.32 -38.45 -4.98
C LEU A 58 17.66 -38.97 -3.59
N TYR A 59 18.03 -38.08 -2.68
CA TYR A 59 18.43 -38.60 -1.34
C TYR A 59 17.26 -39.36 -0.71
N GLN A 60 16.07 -38.79 -0.78
CA GLN A 60 14.92 -39.46 -0.12
C GLN A 60 14.60 -40.77 -0.84
N LEU A 61 14.69 -40.77 -2.16
CA LEU A 61 14.53 -42.05 -2.88
C LEU A 61 15.52 -43.06 -2.28
N THR A 62 16.77 -42.64 -2.14
CA THR A 62 17.77 -43.51 -1.52
C THR A 62 17.26 -43.95 -0.15
N ARG A 63 16.91 -42.98 0.69
CA ARG A 63 16.54 -43.34 2.07
C ARG A 63 15.39 -44.35 2.09
N LEU A 64 14.62 -44.42 1.02
CA LEU A 64 13.56 -45.46 0.99
C LEU A 64 14.09 -46.76 0.41
N ALA A 65 15.09 -46.67 -0.47
CA ALA A 65 15.77 -47.91 -0.89
C ALA A 65 16.21 -48.62 0.39
N THR A 66 16.52 -47.86 1.45
CA THR A 66 16.85 -48.50 2.74
C THR A 66 15.64 -49.01 3.48
N ASP A 67 14.43 -48.57 3.10
CA ASP A 67 13.22 -49.11 3.75
C ASP A 67 12.86 -50.45 3.11
N GLU A 68 12.72 -51.49 3.92
CA GLU A 68 12.54 -52.84 3.34
C GLU A 68 11.06 -53.19 3.19
N SER A 69 10.17 -52.45 3.86
CA SER A 69 8.73 -52.70 3.62
C SER A 69 8.44 -52.46 2.13
N VAL A 70 9.02 -51.40 1.56
CA VAL A 70 8.86 -51.16 0.11
C VAL A 70 9.58 -52.26 -0.67
N SER A 71 8.91 -52.81 -1.67
CA SER A 71 9.62 -53.76 -2.55
C SER A 71 10.61 -52.97 -3.42
N VAL A 72 11.75 -53.59 -3.70
CA VAL A 72 12.70 -52.92 -4.63
C VAL A 72 11.97 -52.60 -5.93
N GLU A 73 11.13 -53.52 -6.40
CA GLU A 73 10.46 -53.27 -7.69
C GLU A 73 9.57 -52.03 -7.54
N ASN A 74 8.92 -51.89 -6.39
CA ASN A 74 8.15 -50.64 -6.18
C ASN A 74 9.10 -49.45 -6.12
N LEU A 75 10.29 -49.65 -5.57
CA LEU A 75 11.26 -48.53 -5.60
C LEU A 75 11.57 -48.16 -7.05
N LEU A 76 11.92 -49.15 -7.87
CA LEU A 76 12.32 -48.83 -9.24
C LEU A 76 11.18 -48.08 -9.93
N THR A 77 9.94 -48.47 -9.63
CA THR A 77 8.80 -47.82 -10.30
C THR A 77 8.62 -46.40 -9.78
N VAL A 78 8.71 -46.19 -8.47
CA VAL A 78 8.64 -44.79 -7.96
C VAL A 78 9.77 -43.97 -8.59
N PHE A 79 10.88 -44.62 -8.95
CA PHE A 79 11.95 -43.85 -9.61
C PHE A 79 11.58 -43.53 -11.05
N ARG A 80 11.19 -44.54 -11.82
CA ARG A 80 10.75 -44.31 -13.22
C ARG A 80 9.59 -43.31 -13.26
N THR A 81 8.84 -43.16 -12.16
CA THR A 81 7.77 -42.13 -12.12
C THR A 81 8.36 -40.77 -11.83
N LEU A 82 9.04 -40.62 -10.69
CA LEU A 82 9.48 -39.26 -10.28
C LEU A 82 10.62 -38.74 -11.12
N ASP A 83 11.47 -39.62 -11.62
CA ASP A 83 12.72 -39.11 -12.19
C ASP A 83 12.60 -38.41 -13.53
N PRO A 84 12.06 -39.05 -14.57
CA PRO A 84 12.29 -38.59 -15.94
C PRO A 84 12.03 -37.12 -16.17
N ILE A 85 11.05 -36.52 -15.49
CA ILE A 85 10.78 -35.09 -15.81
C ILE A 85 12.02 -34.26 -15.43
N TYR A 86 12.46 -34.38 -14.19
CA TYR A 86 13.68 -33.64 -13.74
C TYR A 86 14.85 -34.04 -14.63
N SER A 87 15.03 -35.34 -14.85
CA SER A 87 16.18 -35.80 -15.65
C SER A 87 16.22 -35.06 -16.99
N THR A 88 15.16 -35.21 -17.78
CA THR A 88 15.17 -34.64 -19.14
C THR A 88 15.35 -33.15 -19.13
N PHE A 89 14.65 -32.45 -18.25
CA PHE A 89 14.80 -30.98 -18.34
C PHE A 89 16.23 -30.59 -18.02
N LEU A 90 16.78 -31.12 -16.93
CA LEU A 90 18.16 -30.73 -16.61
C LEU A 90 19.05 -31.10 -17.80
N GLY A 91 18.90 -32.33 -18.31
CA GLY A 91 19.73 -32.76 -19.44
C GLY A 91 19.59 -31.85 -20.65
N TYR A 92 18.50 -31.11 -20.74
CA TYR A 92 18.40 -30.16 -21.87
C TYR A 92 18.76 -28.74 -21.46
N ASN A 93 18.87 -28.48 -20.15
CA ASN A 93 19.29 -27.13 -19.70
C ASN A 93 20.58 -27.20 -18.88
N GLY A 94 21.62 -27.85 -19.42
CA GLY A 94 22.95 -27.75 -18.80
C GLY A 94 23.56 -28.99 -18.18
N PHE A 95 22.90 -30.15 -18.21
CA PHE A 95 23.48 -31.30 -17.46
C PHE A 95 23.27 -32.60 -18.19
N PRO A 96 23.63 -32.68 -19.47
CA PRO A 96 23.28 -33.86 -20.29
C PRO A 96 23.63 -35.19 -19.66
N VAL A 97 24.78 -35.30 -19.02
CA VAL A 97 25.22 -36.64 -18.57
C VAL A 97 24.40 -37.13 -17.39
N LEU A 98 24.04 -36.19 -16.52
CA LEU A 98 23.26 -36.56 -15.32
C LEU A 98 22.04 -37.37 -15.76
N ALA A 99 21.40 -36.94 -16.85
CA ALA A 99 20.23 -37.64 -17.36
C ALA A 99 20.57 -39.10 -17.68
N GLU A 100 21.58 -39.30 -18.53
CA GLU A 100 21.96 -40.68 -18.94
C GLU A 100 22.25 -41.52 -17.69
N TYR A 101 22.92 -40.93 -16.70
CA TYR A 101 23.29 -41.68 -15.47
C TYR A 101 22.02 -41.98 -14.66
N ALA A 102 21.02 -41.10 -14.74
CA ALA A 102 19.73 -41.37 -14.06
C ALA A 102 19.09 -42.61 -14.69
N GLN A 103 19.18 -42.73 -16.01
CA GLN A 103 18.65 -43.92 -16.71
C GLN A 103 19.43 -45.15 -16.24
N ARG A 104 20.75 -45.00 -16.06
CA ARG A 104 21.59 -46.13 -15.57
C ARG A 104 21.09 -46.53 -14.18
N VAL A 105 20.73 -45.55 -13.34
CA VAL A 105 20.19 -45.84 -11.99
C VAL A 105 18.84 -46.56 -12.14
N GLY A 106 18.02 -46.13 -13.09
CA GLY A 106 16.68 -46.72 -13.29
C GLY A 106 16.74 -48.13 -13.84
N GLN A 107 17.91 -48.55 -14.33
CA GLN A 107 18.07 -49.92 -14.86
C GLN A 107 17.68 -50.93 -13.77
N PRO A 108 17.05 -52.08 -14.12
CA PRO A 108 16.57 -53.07 -13.11
C PRO A 108 17.69 -53.44 -12.15
N ALA A 109 17.38 -53.49 -10.85
CA ALA A 109 18.40 -53.80 -9.83
C ALA A 109 18.36 -55.30 -9.49
N GLU A 110 19.42 -56.02 -9.83
CA GLU A 110 19.50 -57.46 -9.50
C GLU A 110 19.25 -57.63 -7.99
N SER A 111 19.69 -56.66 -7.19
CA SER A 111 19.47 -56.71 -5.73
C SER A 111 19.09 -55.32 -5.22
N ARG A 112 18.61 -55.27 -3.99
CA ARG A 112 18.32 -53.96 -3.37
C ARG A 112 19.62 -53.18 -3.16
N ALA A 113 20.70 -53.88 -2.83
CA ALA A 113 21.96 -53.16 -2.51
C ALA A 113 22.49 -52.45 -3.76
N GLU A 114 22.39 -53.09 -4.93
CA GLU A 114 22.85 -52.45 -6.17
C GLU A 114 22.09 -51.15 -6.39
N LEU A 115 20.77 -51.19 -6.19
CA LEU A 115 20.00 -49.96 -6.36
C LEU A 115 20.52 -48.92 -5.35
N LEU A 116 20.71 -49.35 -4.11
CA LEU A 116 21.13 -48.39 -3.07
C LEU A 116 22.45 -47.73 -3.46
N ASP A 117 23.39 -48.51 -3.97
CA ASP A 117 24.71 -47.95 -4.33
C ASP A 117 24.58 -46.96 -5.48
N ARG A 118 23.84 -47.34 -6.53
CA ARG A 118 23.64 -46.39 -7.64
C ARG A 118 22.97 -45.11 -7.12
N LEU A 119 21.95 -45.28 -6.29
CA LEU A 119 21.22 -44.10 -5.79
C LEU A 119 22.22 -43.16 -5.09
N THR A 120 23.06 -43.71 -4.21
CA THR A 120 23.96 -42.87 -3.40
C THR A 120 25.07 -42.26 -4.24
N THR A 121 25.65 -43.04 -5.14
CA THR A 121 26.64 -42.45 -6.04
C THR A 121 26.01 -41.26 -6.72
N PHE A 122 24.91 -41.49 -7.43
CA PHE A 122 24.31 -40.41 -8.26
C PHE A 122 23.86 -39.25 -7.41
N THR A 123 23.27 -39.54 -6.26
CA THR A 123 22.95 -38.44 -5.34
C THR A 123 24.20 -37.61 -5.11
N GLU A 124 25.33 -38.25 -4.85
CA GLU A 124 26.50 -37.39 -4.51
C GLU A 124 26.99 -36.65 -5.76
N TYR A 125 26.95 -37.30 -6.92
CA TYR A 125 27.31 -36.57 -8.15
C TYR A 125 26.49 -35.30 -8.26
N VAL A 126 25.18 -35.46 -8.16
CA VAL A 126 24.35 -34.26 -8.38
C VAL A 126 24.48 -33.32 -7.18
N ASN A 127 24.87 -33.85 -6.02
CA ASN A 127 25.09 -33.00 -4.84
C ASN A 127 26.32 -32.10 -5.04
N ARG A 128 27.36 -32.65 -5.67
CA ARG A 128 28.53 -31.81 -5.97
C ARG A 128 28.09 -30.71 -6.94
N LEU A 129 27.36 -31.09 -7.99
CA LEU A 129 26.88 -30.09 -8.97
C LEU A 129 25.99 -29.06 -8.28
N THR A 130 25.11 -29.51 -7.39
CA THR A 130 24.26 -28.58 -6.64
C THR A 130 25.15 -27.59 -5.93
N ALA A 131 26.06 -28.10 -5.10
CA ALA A 131 27.05 -27.25 -4.41
C ALA A 131 27.62 -26.19 -5.35
N TRP A 132 28.15 -26.59 -6.50
CA TRP A 132 28.85 -25.61 -7.35
C TRP A 132 27.91 -24.54 -7.89
N SER A 133 26.71 -24.96 -8.32
CA SER A 133 25.69 -23.99 -8.77
C SER A 133 25.37 -23.04 -7.61
N HIS A 134 25.11 -23.61 -6.44
CA HIS A 134 24.81 -22.78 -5.25
C HIS A 134 25.91 -21.73 -5.11
N HIS A 135 27.15 -22.14 -5.28
CA HIS A 135 28.26 -21.18 -5.11
C HIS A 135 28.15 -20.07 -6.16
N TYR A 136 27.96 -20.43 -7.42
CA TYR A 136 28.02 -19.38 -8.48
C TYR A 136 26.69 -18.73 -8.83
N PHE A 137 25.61 -19.02 -8.11
CA PHE A 137 24.35 -18.37 -8.56
C PHE A 137 24.25 -16.96 -7.99
N PRO A 138 23.95 -15.94 -8.81
CA PRO A 138 23.98 -14.53 -8.34
C PRO A 138 22.86 -14.18 -7.35
N TRP A 139 22.95 -14.64 -6.12
CA TRP A 139 21.96 -14.20 -5.10
C TRP A 139 22.08 -12.72 -4.81
N ASP A 140 23.01 -12.01 -5.44
CA ASP A 140 23.23 -10.61 -5.01
C ASP A 140 22.21 -9.66 -5.61
N LEU A 141 21.70 -9.94 -6.80
CA LEU A 141 20.79 -8.94 -7.45
C LEU A 141 19.71 -8.51 -6.44
N GLY A 142 19.33 -9.41 -5.55
CA GLY A 142 18.24 -9.07 -4.62
C GLY A 142 18.63 -7.98 -3.65
N GLY A 143 19.80 -8.09 -3.02
CA GLY A 143 20.17 -7.10 -1.98
C GLY A 143 20.11 -5.67 -2.48
N GLU A 144 20.36 -5.49 -3.78
CA GLU A 144 20.34 -4.11 -4.35
C GLU A 144 18.92 -3.54 -4.30
N ARG A 145 17.92 -4.37 -4.63
CA ARG A 145 16.55 -3.84 -4.75
C ARG A 145 15.66 -4.33 -3.61
N TYR A 146 15.52 -5.65 -3.47
CA TYR A 146 14.52 -6.20 -2.52
C TYR A 146 15.09 -6.28 -1.13
N ARG A 147 14.85 -5.24 -0.33
CA ARG A 147 15.38 -5.23 1.06
C ARG A 147 14.27 -5.14 2.11
N TYR A 148 14.65 -5.39 3.36
CA TYR A 148 13.67 -5.38 4.49
C TYR A 148 13.70 -4.05 5.24
N ASP A 175 27.84 -38.37 26.70
CA ASP A 175 29.09 -38.91 27.29
C ASP A 175 30.27 -38.08 26.81
N PRO A 176 31.00 -37.46 27.73
CA PRO A 176 32.24 -36.76 27.36
C PRO A 176 33.30 -37.73 26.81
N SER A 177 33.15 -39.02 27.10
CA SER A 177 34.14 -40.02 26.64
C SER A 177 34.13 -40.10 25.11
N GLN A 178 32.95 -40.08 24.51
CA GLN A 178 32.89 -40.34 23.04
C GLN A 178 33.13 -39.07 22.22
N ARG A 179 33.13 -37.89 22.82
CA ARG A 179 33.31 -36.69 21.97
C ARG A 179 34.68 -36.77 21.27
N ILE A 180 34.66 -36.76 19.95
CA ILE A 180 35.95 -36.82 19.19
C ILE A 180 36.38 -35.40 18.86
N PRO A 181 37.67 -35.09 18.93
CA PRO A 181 38.12 -33.75 18.53
C PRO A 181 38.57 -33.72 17.08
N VAL A 182 38.27 -32.60 16.41
CA VAL A 182 38.74 -32.40 15.02
C VAL A 182 39.09 -30.91 14.87
N ARG A 183 39.67 -30.57 13.73
CA ARG A 183 40.04 -29.15 13.47
C ARG A 183 39.50 -28.72 12.12
N LEU A 184 38.92 -27.52 12.11
CA LEU A 184 38.34 -26.95 10.87
C LEU A 184 39.18 -25.76 10.46
N THR A 185 39.59 -25.72 9.19
CA THR A 185 40.49 -24.67 8.73
C THR A 185 39.93 -24.04 7.47
N TRP A 186 39.84 -22.71 7.46
CA TRP A 186 39.34 -21.99 6.26
C TRP A 186 40.48 -21.28 5.55
N GLN A 187 40.74 -21.72 4.32
CA GLN A 187 41.74 -21.00 3.49
C GLN A 187 41.00 -20.39 2.31
N PRO A 188 41.46 -19.28 1.71
CA PRO A 188 42.71 -18.56 2.03
C PRO A 188 42.43 -17.61 3.18
N LEU A 189 41.40 -17.93 3.95
CA LEU A 189 41.15 -17.10 5.14
C LEU A 189 42.29 -17.31 6.13
N GLY A 190 42.91 -18.48 6.08
CA GLY A 190 43.92 -18.78 7.11
C GLY A 190 43.30 -18.64 8.48
N VAL A 191 42.10 -19.16 8.68
CA VAL A 191 41.56 -19.15 10.05
C VAL A 191 41.32 -20.59 10.46
N GLN A 192 41.89 -20.99 11.60
CA GLN A 192 41.60 -22.36 12.05
C GLN A 192 40.88 -22.32 13.39
N VAL A 193 40.11 -23.36 13.66
CA VAL A 193 39.40 -23.47 14.96
C VAL A 193 39.24 -24.97 15.20
N ASP A 194 38.94 -25.31 16.43
CA ASP A 194 38.83 -26.74 16.83
C ASP A 194 37.36 -27.04 17.14
N ALA A 195 37.03 -28.32 17.14
CA ALA A 195 35.62 -28.66 17.41
C ALA A 195 35.54 -30.06 17.98
N GLU A 196 34.50 -30.27 18.78
CA GLU A 196 34.21 -31.65 19.25
C GLU A 196 33.03 -32.14 18.42
N ILE A 197 32.99 -33.44 18.15
CA ILE A 197 31.79 -34.02 17.48
C ILE A 197 31.31 -35.14 18.40
N TYR A 198 30.06 -35.04 18.86
CA TYR A 198 29.54 -36.03 19.84
C TYR A 198 29.11 -37.30 19.11
N ALA A 199 29.99 -38.31 19.09
CA ALA A 199 29.61 -39.60 18.49
C ALA A 199 28.43 -40.18 19.27
N ASP A 200 28.43 -39.96 20.59
CA ASP A 200 27.34 -40.48 21.46
C ASP A 200 25.98 -39.91 21.00
N LEU A 201 25.94 -38.62 20.66
CA LEU A 201 24.65 -37.98 20.29
C LEU A 201 24.08 -38.65 19.03
N ASN A 202 24.87 -38.74 17.96
CA ASN A 202 24.40 -39.37 16.69
C ASN A 202 25.43 -40.40 16.24
N PRO A 203 25.46 -41.63 16.82
CA PRO A 203 26.50 -42.64 16.50
C PRO A 203 26.58 -42.88 14.99
N GLN A 204 25.52 -43.44 14.41
CA GLN A 204 25.56 -43.79 12.96
C GLN A 204 26.05 -42.57 12.16
N LEU A 205 25.45 -41.40 12.40
CA LEU A 205 25.83 -40.18 11.63
C LEU A 205 27.31 -39.86 11.86
N ALA A 206 27.75 -39.76 13.12
CA ALA A 206 29.13 -39.35 13.42
C ALA A 206 30.15 -40.32 12.80
N THR A 207 29.86 -41.62 12.88
CA THR A 207 30.79 -42.63 12.31
C THR A 207 30.92 -42.38 10.83
N ASP A 208 29.80 -42.19 10.12
CA ASP A 208 29.83 -41.90 8.66
C ASP A 208 30.63 -40.61 8.42
N VAL A 209 30.37 -39.59 9.23
CA VAL A 209 31.12 -38.30 9.10
C VAL A 209 32.60 -38.57 9.36
N LEU A 210 32.92 -39.33 10.42
CA LEU A 210 34.33 -39.65 10.75
C LEU A 210 34.94 -40.49 9.62
N LYS A 211 34.15 -41.37 9.00
CA LYS A 211 34.67 -42.24 7.91
C LYS A 211 35.50 -41.37 6.95
N ALA A 212 34.94 -40.27 6.47
CA ALA A 212 35.69 -39.33 5.61
C ALA A 212 36.50 -38.39 6.51
N PHE A 215 38.68 -33.96 4.33
CA PHE A 215 37.86 -33.47 3.19
C PHE A 215 38.01 -31.95 3.07
N THR A 216 38.57 -31.49 1.94
CA THR A 216 38.73 -30.04 1.70
C THR A 216 37.69 -29.68 0.67
N VAL A 217 36.62 -28.98 1.06
CA VAL A 217 35.51 -28.74 0.10
C VAL A 217 35.18 -27.24 0.13
N LEU A 218 34.66 -26.74 -0.98
CA LEU A 218 34.34 -25.29 -1.08
C LEU A 218 33.35 -24.90 0.03
N GLN A 219 33.52 -23.69 0.56
CA GLN A 219 32.67 -23.24 1.68
C GLN A 219 31.76 -22.11 1.22
N ASP A 220 30.47 -22.23 1.55
CA ASP A 220 29.48 -21.24 1.12
C ASP A 220 28.53 -20.90 2.27
N HIS A 221 27.72 -19.88 2.02
CA HIS A 221 26.82 -19.35 3.07
C HIS A 221 25.37 -19.69 2.73
N ALA A 222 24.60 -19.99 3.77
CA ALA A 222 23.14 -20.15 3.59
C ALA A 222 22.56 -18.83 3.09
N VAL A 223 21.62 -18.91 2.15
CA VAL A 223 21.10 -17.64 1.54
C VAL A 223 19.73 -17.23 2.09
N VAL A 224 19.08 -18.07 2.90
CA VAL A 224 17.78 -17.64 3.48
C VAL A 224 17.84 -17.74 5.00
N SER A 225 18.53 -18.76 5.53
CA SER A 225 18.48 -19.05 6.98
C SER A 225 18.96 -17.87 7.82
N GLY A 226 20.05 -17.24 7.41
CA GLY A 226 20.61 -16.15 8.23
C GLY A 226 22.12 -16.28 8.42
N GLU A 227 22.59 -16.27 9.67
CA GLU A 227 24.05 -16.32 9.93
C GLU A 227 24.46 -17.79 10.14
N SER A 228 24.59 -18.51 9.04
CA SER A 228 25.08 -19.90 9.11
C SER A 228 25.88 -20.17 7.83
N MET A 229 26.86 -21.06 7.88
CA MET A 229 27.57 -21.45 6.65
C MET A 229 27.45 -22.96 6.50
N TYR A 230 27.57 -23.44 5.27
CA TYR A 230 27.54 -24.92 5.10
C TYR A 230 28.48 -25.30 3.95
N ALA A 231 28.86 -26.57 3.92
CA ALA A 231 29.69 -27.10 2.81
C ALA A 231 29.23 -28.52 2.48
N TRP A 232 29.48 -28.92 1.24
CA TRP A 232 28.91 -30.19 0.75
C TRP A 232 29.88 -31.33 1.01
N ALA A 233 29.73 -31.93 2.19
CA ALA A 233 30.65 -33.01 2.58
C ALA A 233 30.58 -34.17 1.59
N PRO A 234 31.72 -34.76 1.27
CA PRO A 234 31.79 -35.87 0.28
C PRO A 234 31.35 -37.19 0.88
N LEU A 235 30.05 -37.33 1.16
CA LEU A 235 29.52 -38.62 1.67
C LEU A 235 28.01 -38.69 1.40
N VAL A 236 27.41 -39.88 1.57
CA VAL A 236 25.94 -40.05 1.36
C VAL A 236 25.37 -40.84 2.56
N SER A 237 25.09 -40.15 3.67
CA SER A 237 24.59 -40.81 4.89
C SER A 237 23.06 -40.90 4.85
N VAL A 238 22.50 -42.11 4.99
CA VAL A 238 21.02 -42.28 5.04
C VAL A 238 20.66 -42.70 6.48
N ALA A 239 21.65 -42.69 7.39
CA ALA A 239 21.41 -43.12 8.78
C ALA A 239 20.40 -42.20 9.48
N PRO A 240 19.39 -42.75 10.18
CA PRO A 240 18.41 -41.92 10.95
C PRO A 240 19.13 -41.14 12.04
N THR A 241 18.62 -39.94 12.36
CA THR A 241 19.28 -39.10 13.39
C THR A 241 18.34 -38.89 14.56
N PRO A 242 18.36 -39.78 15.59
CA PRO A 242 17.46 -39.67 16.77
C PRO A 242 17.56 -38.33 17.48
N VAL A 243 18.74 -37.72 17.51
CA VAL A 243 18.90 -36.47 18.29
C VAL A 243 19.00 -35.30 17.33
N ARG A 244 17.96 -34.49 17.29
CA ARG A 244 18.02 -33.27 16.47
C ARG A 244 17.76 -32.09 17.40
N GLU A 245 18.10 -30.90 16.92
CA GLU A 245 17.90 -29.71 17.77
C GLU A 245 17.16 -28.66 16.95
N ARG A 246 16.33 -27.87 17.63
CA ARG A 246 15.71 -26.73 16.92
C ARG A 246 16.78 -25.66 16.82
N ILE A 247 17.03 -25.20 15.61
CA ILE A 247 18.22 -24.32 15.41
C ILE A 247 18.14 -23.02 16.21
N CYS A 248 16.95 -22.57 16.60
CA CYS A 248 16.95 -21.33 17.42
C CYS A 248 17.52 -21.63 18.80
N ASP A 249 17.42 -22.88 19.24
CA ASP A 249 18.08 -23.25 20.52
C ASP A 249 19.57 -23.45 20.30
N ALA A 250 19.99 -23.73 19.07
CA ALA A 250 21.41 -24.05 18.81
C ALA A 250 22.32 -22.91 19.26
N PRO A 251 23.46 -23.21 19.88
CA PRO A 251 24.44 -22.18 20.33
C PRO A 251 25.38 -21.76 19.21
N VAL A 252 26.22 -20.79 19.53
CA VAL A 252 27.12 -20.33 18.45
C VAL A 252 28.07 -21.47 18.11
N GLY A 253 28.65 -21.35 16.92
CA GLY A 253 29.54 -22.42 16.44
C GLY A 253 28.90 -23.79 16.55
N ARG A 254 27.58 -23.91 16.48
CA ARG A 254 26.98 -25.27 16.49
C ARG A 254 27.21 -25.95 15.13
N LEU A 255 27.51 -27.25 15.19
CA LEU A 255 27.78 -28.01 13.96
C LEU A 255 26.61 -28.98 13.73
N ARG A 256 26.11 -29.00 12.50
CA ARG A 256 24.94 -29.83 12.15
C ARG A 256 25.15 -30.43 10.75
N PHE A 257 24.69 -31.67 10.58
CA PHE A 257 24.81 -32.31 9.26
C PHE A 257 23.40 -32.52 8.72
N SER A 258 23.15 -32.05 7.50
CA SER A 258 21.80 -32.23 6.90
C SER A 258 21.92 -33.21 5.71
N GLN A 259 21.53 -34.45 5.95
CA GLN A 259 21.58 -35.43 4.86
C GLN A 259 20.58 -35.05 3.79
N ALA A 260 19.64 -34.15 4.13
CA ALA A 260 18.49 -33.85 3.25
C ALA A 260 18.77 -32.70 2.30
N THR A 261 19.21 -31.54 2.82
CA THR A 261 19.38 -30.39 1.90
C THR A 261 20.68 -30.49 1.12
N GLY A 262 21.48 -31.50 1.38
CA GLY A 262 22.68 -31.83 0.57
C GLY A 262 23.20 -33.01 1.32
N ASN A 263 24.50 -33.13 1.49
CA ASN A 263 24.97 -33.95 2.61
C ASN A 263 25.78 -32.89 3.34
N LYS A 264 25.10 -31.82 3.66
CA LYS A 264 25.88 -30.63 4.06
C LYS A 264 26.32 -30.68 5.50
N VAL A 265 27.41 -29.97 5.75
CA VAL A 265 27.85 -29.74 7.14
C VAL A 265 27.59 -28.26 7.38
N ILE A 266 27.12 -27.96 8.58
CA ILE A 266 26.62 -26.59 8.83
C ILE A 266 27.27 -26.04 10.09
N VAL A 267 27.86 -24.86 9.94
CA VAL A 267 28.46 -24.17 11.12
C VAL A 267 27.61 -22.93 11.39
N GLN A 268 27.02 -22.89 12.57
CA GLN A 268 26.10 -21.77 12.85
C GLN A 268 26.80 -20.67 13.64
N TYR A 269 26.94 -19.52 13.03
CA TYR A 269 27.56 -18.42 13.79
C TYR A 269 26.53 -17.34 14.09
N SER A 278 17.12 -29.76 13.21
CA SER A 278 18.36 -30.14 12.48
C SER A 278 19.13 -31.22 13.23
N PRO A 279 19.74 -32.18 12.52
CA PRO A 279 20.58 -33.21 13.17
C PRO A 279 21.89 -32.56 13.59
N VAL A 280 22.24 -32.70 14.87
CA VAL A 280 23.46 -32.05 15.41
C VAL A 280 24.66 -32.99 15.27
N LEU A 281 25.82 -32.42 14.90
CA LEU A 281 27.08 -33.19 14.73
C LEU A 281 28.08 -32.87 15.87
N GLY A 282 28.47 -31.61 16.03
CA GLY A 282 29.36 -31.26 17.15
C GLY A 282 29.28 -29.79 17.53
N LYS A 283 30.31 -29.29 18.22
CA LYS A 283 30.36 -27.84 18.49
C LYS A 283 31.80 -27.37 18.40
N VAL A 284 32.02 -26.30 17.61
CA VAL A 284 33.34 -25.64 17.63
C VAL A 284 33.58 -25.20 19.08
N VAL A 285 34.82 -25.39 19.53
CA VAL A 285 35.11 -25.05 20.95
C VAL A 285 34.85 -23.56 21.19
N ASP A 286 34.37 -23.26 22.38
CA ASP A 286 34.00 -21.87 22.74
C ASP A 286 35.18 -20.93 22.51
N SER A 287 36.37 -21.35 22.91
CA SER A 287 37.55 -20.45 22.90
C SER A 287 37.82 -19.86 21.52
N HIS A 288 37.51 -20.61 20.47
CA HIS A 288 37.81 -20.16 19.09
C HIS A 288 36.56 -19.64 18.39
N ALA A 289 35.40 -19.76 19.05
CA ALA A 289 34.15 -19.20 18.49
C ALA A 289 34.35 -17.74 18.07
N ASP A 290 35.34 -17.04 18.64
CA ASP A 290 35.56 -15.60 18.37
C ASP A 290 35.95 -15.29 16.92
N ARG A 291 36.37 -16.30 16.15
CA ARG A 291 36.80 -16.02 14.75
C ARG A 291 35.68 -16.35 13.77
N LEU A 292 34.82 -17.33 14.09
CA LEU A 292 33.72 -17.79 13.20
C LEU A 292 32.93 -16.64 12.61
N ALA A 293 32.71 -15.56 13.36
CA ALA A 293 31.86 -14.45 12.87
C ALA A 293 32.47 -13.81 11.62
N GLU A 294 33.77 -13.51 11.68
CA GLU A 294 34.42 -12.96 10.46
C GLU A 294 34.59 -14.07 9.42
N VAL A 295 34.80 -15.31 9.84
CA VAL A 295 34.83 -16.40 8.83
C VAL A 295 33.48 -16.33 8.08
N GLY A 296 32.40 -16.12 8.84
CA GLY A 296 31.08 -15.93 8.23
C GLY A 296 31.10 -14.77 7.25
N LYS A 297 31.21 -13.54 7.74
CA LYS A 297 31.16 -12.37 6.84
C LYS A 297 31.99 -12.66 5.56
N ALA A 298 33.17 -13.24 5.73
CA ALA A 298 34.00 -13.59 4.55
C ALA A 298 33.23 -14.51 3.61
N VAL A 299 32.74 -15.64 4.12
CA VAL A 299 32.08 -16.62 3.21
C VAL A 299 30.79 -16.02 2.63
N TRP A 300 30.07 -15.22 3.43
CA TRP A 300 28.88 -14.55 2.84
C TRP A 300 29.33 -13.75 1.62
N GLU A 301 30.39 -12.96 1.77
CA GLU A 301 30.86 -12.27 0.57
C GLU A 301 31.24 -13.29 -0.51
N SER A 302 31.69 -14.47 -0.10
CA SER A 302 32.11 -15.47 -1.10
C SER A 302 30.93 -15.84 -2.00
N THR A 303 29.81 -16.27 -1.39
CA THR A 303 28.66 -16.74 -2.20
C THR A 303 27.73 -15.59 -2.55
N PHE A 304 27.60 -14.58 -1.71
CA PHE A 304 26.75 -13.44 -2.12
C PHE A 304 27.44 -12.58 -3.16
N SER A 305 28.64 -12.05 -2.87
CA SER A 305 29.24 -11.02 -3.76
C SER A 305 30.39 -11.47 -4.65
N SER A 306 31.44 -12.04 -4.06
CA SER A 306 32.72 -12.22 -4.78
C SER A 306 32.79 -13.39 -5.74
N LYS A 307 32.05 -14.48 -5.48
CA LYS A 307 32.26 -15.73 -6.26
C LYS A 307 33.73 -16.19 -6.11
N GLU A 308 34.46 -15.68 -5.11
CA GLU A 308 35.87 -16.07 -4.88
C GLU A 308 35.90 -17.29 -3.97
N PRO A 309 36.49 -18.38 -4.41
CA PRO A 309 36.42 -19.63 -3.65
C PRO A 309 36.95 -19.46 -2.24
N VAL A 310 36.29 -20.15 -1.33
CA VAL A 310 36.74 -20.15 0.07
C VAL A 310 36.61 -21.61 0.48
N TRP A 311 37.75 -22.24 0.74
CA TRP A 311 37.69 -23.69 0.99
C TRP A 311 37.81 -23.99 2.46
N LEU A 312 37.14 -25.06 2.87
CA LEU A 312 37.16 -25.44 4.30
C LEU A 312 37.63 -26.89 4.39
N THR A 313 38.53 -27.13 5.34
CA THR A 313 39.08 -28.48 5.54
C THR A 313 38.69 -28.98 6.91
N VAL A 314 38.26 -30.24 6.97
CA VAL A 314 38.04 -30.84 8.31
C VAL A 314 39.01 -32.02 8.42
N GLU A 315 39.81 -31.98 9.49
CA GLU A 315 40.77 -33.05 9.79
C GLU A 315 40.55 -33.38 11.27
N ARG A 316 40.90 -34.58 11.69
CA ARG A 316 40.63 -34.94 13.09
C ARG A 316 41.91 -34.76 13.92
N LEU A 317 41.79 -34.13 15.08
CA LEU A 317 42.96 -33.98 15.97
C LEU A 317 43.20 -35.27 16.76
N LEU B 7 -10.01 -27.18 0.72
CA LEU B 7 -9.01 -26.88 -0.34
C LEU B 7 -9.64 -26.41 -1.65
N ARG B 8 -10.60 -27.16 -2.18
CA ARG B 8 -11.24 -26.79 -3.47
C ARG B 8 -11.79 -25.37 -3.38
N GLU B 9 -12.45 -25.06 -2.26
CA GLU B 9 -12.88 -23.68 -1.99
C GLU B 9 -11.74 -22.71 -2.35
N LEU B 10 -10.57 -22.95 -1.79
CA LEU B 10 -9.44 -22.03 -2.03
C LEU B 10 -8.98 -22.14 -3.48
N ILE B 11 -9.04 -23.34 -4.06
CA ILE B 11 -8.55 -23.47 -5.44
C ILE B 11 -9.37 -22.56 -6.35
N ALA B 12 -10.69 -22.71 -6.29
CA ALA B 12 -11.57 -21.86 -7.11
C ALA B 12 -11.27 -20.38 -6.82
N SER B 13 -11.26 -20.02 -5.54
CA SER B 13 -11.05 -18.59 -5.18
C SER B 13 -9.76 -18.07 -5.83
N PHE B 14 -8.72 -18.91 -5.84
CA PHE B 14 -7.41 -18.42 -6.35
C PHE B 14 -7.42 -18.32 -7.86
N VAL B 15 -8.24 -19.12 -8.54
CA VAL B 15 -8.18 -19.07 -10.03
C VAL B 15 -8.33 -17.62 -10.49
N SER B 16 -9.01 -16.79 -9.72
CA SER B 16 -9.12 -15.39 -10.14
C SER B 16 -8.37 -14.46 -9.18
N GLU B 17 -8.19 -14.89 -7.94
CA GLU B 17 -7.66 -13.94 -6.93
C GLU B 17 -6.25 -14.32 -6.51
N GLU B 18 -5.42 -13.29 -6.40
CA GLU B 18 -4.03 -13.52 -5.95
C GLU B 18 -4.06 -14.12 -4.56
N PRO B 19 -3.37 -15.23 -4.32
CA PRO B 19 -3.29 -15.82 -2.98
C PRO B 19 -2.65 -14.79 -2.04
N PRO B 20 -2.94 -14.85 -0.74
CA PRO B 20 -2.30 -13.92 0.19
C PRO B 20 -0.83 -14.26 0.29
N GLU B 21 -0.51 -15.56 0.32
CA GLU B 21 0.88 -16.01 0.51
C GLU B 21 1.81 -15.43 -0.57
N ILE B 22 1.47 -15.63 -1.84
CA ILE B 22 2.30 -15.08 -2.94
C ILE B 22 2.48 -13.57 -2.76
N ARG B 23 1.42 -12.89 -2.32
CA ARG B 23 1.53 -11.42 -2.17
C ARG B 23 2.54 -11.10 -1.05
N ARG B 24 2.39 -11.71 0.12
CA ARG B 24 3.28 -11.32 1.24
C ARG B 24 4.73 -11.72 0.93
N ILE B 25 4.93 -12.83 0.21
CA ILE B 25 6.35 -13.14 -0.11
C ILE B 25 6.87 -12.13 -1.14
N ARG B 26 6.05 -11.79 -2.13
CA ARG B 26 6.58 -10.89 -3.18
C ARG B 26 6.70 -9.46 -2.64
N THR B 27 6.01 -9.17 -1.54
CA THR B 27 6.20 -7.86 -0.90
C THR B 27 7.14 -8.00 0.28
N GLY B 28 7.73 -9.17 0.47
CA GLY B 28 8.64 -9.40 1.60
C GLY B 28 7.99 -9.03 2.91
N THR B 29 6.72 -9.38 3.09
CA THR B 29 6.08 -9.13 4.40
C THR B 29 5.79 -10.45 5.07
N VAL B 30 6.51 -11.49 4.67
CA VAL B 30 6.36 -12.80 5.37
C VAL B 30 6.72 -12.58 6.84
N GLY B 35 15.25 -14.86 4.52
CA GLY B 35 16.33 -14.24 3.74
C GLY B 35 17.52 -13.91 4.60
N SER B 36 18.67 -13.69 3.97
CA SER B 36 19.92 -13.41 4.71
C SER B 36 20.27 -11.93 4.63
N TYR B 37 20.61 -11.33 5.76
CA TYR B 37 21.11 -9.93 5.76
C TYR B 37 20.11 -8.98 5.14
N GLY B 38 18.87 -9.03 5.62
CA GLY B 38 17.89 -8.02 5.21
C GLY B 38 17.61 -7.96 3.73
N GLN B 39 17.71 -9.07 3.00
CA GLN B 39 17.22 -9.07 1.60
C GLN B 39 16.27 -10.28 1.48
N TYR B 40 15.25 -10.16 0.66
CA TYR B 40 14.28 -11.28 0.57
C TYR B 40 14.38 -11.96 -0.79
N PHE B 41 15.14 -11.42 -1.74
CA PHE B 41 15.13 -12.02 -3.09
C PHE B 41 15.63 -13.46 -3.04
N THR B 42 16.56 -13.78 -2.15
CA THR B 42 16.93 -15.21 -2.05
C THR B 42 15.77 -16.02 -1.50
N ALA B 43 15.11 -15.52 -0.46
CA ALA B 43 13.96 -16.26 0.12
C ALA B 43 12.88 -16.43 -0.95
N TRP B 44 12.73 -15.42 -1.81
CA TRP B 44 11.73 -15.50 -2.90
C TRP B 44 12.15 -16.55 -3.93
N ASP B 45 13.41 -16.47 -4.37
CA ASP B 45 13.89 -17.47 -5.34
C ASP B 45 13.63 -18.87 -4.80
N PHE B 46 13.87 -19.04 -3.51
CA PHE B 46 13.68 -20.37 -2.90
C PHE B 46 12.21 -20.73 -2.89
N SER B 47 11.37 -19.84 -2.37
CA SER B 47 9.91 -20.11 -2.32
C SER B 47 9.40 -20.46 -3.73
N ASN B 48 9.75 -19.63 -4.72
CA ASN B 48 9.23 -19.90 -6.08
C ASN B 48 9.63 -21.31 -6.52
N SER B 49 10.93 -21.60 -6.52
CA SER B 49 11.40 -22.90 -7.06
C SER B 49 10.90 -24.08 -6.22
N ILE B 50 10.82 -23.91 -4.90
CA ILE B 50 10.43 -25.09 -4.08
C ILE B 50 8.94 -25.36 -4.28
N VAL B 51 8.13 -24.31 -4.43
CA VAL B 51 6.71 -24.58 -4.69
C VAL B 51 6.56 -25.21 -6.09
N ARG B 52 7.24 -24.65 -7.07
CA ARG B 52 7.10 -25.22 -8.42
C ARG B 52 7.47 -26.70 -8.38
N ASP B 53 8.55 -27.03 -7.70
CA ASP B 53 9.06 -28.43 -7.78
C ASP B 53 8.28 -29.36 -6.85
N TYR B 54 7.87 -28.84 -5.70
CA TYR B 54 6.96 -29.65 -4.86
C TYR B 54 5.72 -29.99 -5.67
N ALA B 55 5.31 -29.06 -6.55
CA ALA B 55 4.12 -29.30 -7.39
C ALA B 55 4.39 -30.46 -8.35
N MET B 56 5.47 -30.38 -9.13
CA MET B 56 5.77 -31.51 -10.04
C MET B 56 5.84 -32.80 -9.22
N ASN B 57 6.36 -32.73 -8.01
CA ASN B 57 6.53 -33.97 -7.25
C ASN B 57 5.15 -34.50 -6.87
N LEU B 58 4.29 -33.60 -6.40
CA LEU B 58 2.91 -33.99 -6.03
C LEU B 58 2.18 -34.62 -7.23
N TYR B 59 2.35 -34.02 -8.41
CA TYR B 59 1.66 -34.57 -9.59
C TYR B 59 2.17 -35.99 -9.89
N GLN B 60 3.48 -36.19 -9.80
CA GLN B 60 3.99 -37.55 -10.06
C GLN B 60 3.57 -38.50 -8.96
N LEU B 61 3.34 -37.99 -7.75
CA LEU B 61 2.87 -38.87 -6.67
C LEU B 61 1.41 -39.27 -6.90
N THR B 62 0.57 -38.34 -7.35
CA THR B 62 -0.81 -38.74 -7.71
C THR B 62 -0.74 -39.79 -8.80
N ARG B 63 0.00 -39.49 -9.88
CA ARG B 63 0.13 -40.49 -10.96
C ARG B 63 0.51 -41.84 -10.34
N LEU B 64 1.49 -41.83 -9.44
CA LEU B 64 1.82 -43.08 -8.72
C LEU B 64 0.54 -43.65 -8.12
N ALA B 65 -0.25 -42.81 -7.44
CA ALA B 65 -1.46 -43.29 -6.74
C ALA B 65 -2.38 -44.07 -7.69
N THR B 66 -2.32 -43.78 -8.99
CA THR B 66 -3.11 -44.59 -9.93
C THR B 66 -2.53 -45.99 -10.03
N ASP B 67 -1.22 -46.14 -9.91
CA ASP B 67 -0.58 -47.46 -10.14
C ASP B 67 -1.04 -48.48 -9.10
N GLU B 68 -1.42 -49.67 -9.56
CA GLU B 68 -1.96 -50.73 -8.66
C GLU B 68 -0.86 -51.70 -8.19
N SER B 69 0.36 -51.49 -8.65
CA SER B 69 1.50 -52.32 -8.18
C SER B 69 1.91 -51.88 -6.78
N VAL B 70 1.65 -50.61 -6.44
CA VAL B 70 2.11 -50.06 -5.15
C VAL B 70 0.95 -50.05 -4.16
N SER B 71 1.18 -50.60 -2.98
CA SER B 71 0.14 -50.52 -1.93
C SER B 71 -0.15 -49.06 -1.59
N VAL B 72 -1.22 -48.84 -0.84
CA VAL B 72 -1.47 -47.45 -0.38
C VAL B 72 -0.63 -47.20 0.88
N GLU B 73 -0.16 -48.26 1.54
CA GLU B 73 0.75 -48.02 2.69
C GLU B 73 2.16 -47.70 2.16
N ASN B 74 2.64 -48.43 1.17
CA ASN B 74 3.95 -48.05 0.57
C ASN B 74 3.84 -46.65 -0.03
N LEU B 75 2.71 -46.38 -0.68
CA LEU B 75 2.51 -45.02 -1.25
C LEU B 75 2.59 -44.02 -0.10
N LEU B 76 1.94 -44.33 1.00
CA LEU B 76 1.92 -43.31 2.07
C LEU B 76 3.33 -43.16 2.65
N THR B 77 4.12 -44.22 2.72
CA THR B 77 5.46 -43.99 3.32
C THR B 77 6.35 -43.25 2.33
N VAL B 78 6.24 -43.53 1.03
CA VAL B 78 7.07 -42.73 0.07
C VAL B 78 6.63 -41.27 0.19
N PHE B 79 5.36 -41.02 0.48
CA PHE B 79 4.96 -39.62 0.73
C PHE B 79 5.57 -39.12 2.04
N ARG B 80 5.46 -39.90 3.10
CA ARG B 80 5.92 -39.41 4.43
C ARG B 80 7.42 -39.08 4.41
N THR B 81 8.15 -39.61 3.44
CA THR B 81 9.57 -39.23 3.36
C THR B 81 9.80 -38.10 2.37
N LEU B 82 9.32 -38.21 1.13
CA LEU B 82 9.64 -37.13 0.16
C LEU B 82 8.90 -35.83 0.50
N ASP B 83 7.78 -35.90 1.21
CA ASP B 83 7.01 -34.66 1.40
C ASP B 83 7.65 -33.71 2.40
N PRO B 84 7.92 -34.11 3.66
CA PRO B 84 8.22 -33.13 4.72
C PRO B 84 9.36 -32.18 4.40
N ILE B 85 10.38 -32.66 3.69
CA ILE B 85 11.53 -31.77 3.42
C ILE B 85 10.99 -30.56 2.65
N TYR B 86 10.05 -30.78 1.75
CA TYR B 86 9.43 -29.67 0.99
C TYR B 86 8.35 -29.00 1.82
N SER B 87 7.49 -29.80 2.45
CA SER B 87 6.32 -29.21 3.15
C SER B 87 6.76 -28.26 4.28
N THR B 88 7.50 -28.77 5.26
CA THR B 88 7.86 -27.96 6.45
C THR B 88 8.64 -26.72 6.04
N PHE B 89 9.58 -26.89 5.11
CA PHE B 89 10.39 -25.75 4.65
C PHE B 89 9.49 -24.67 4.07
N LEU B 90 8.70 -25.04 3.07
CA LEU B 90 7.82 -24.03 2.44
C LEU B 90 6.99 -23.37 3.54
N GLY B 91 6.48 -24.18 4.47
CA GLY B 91 5.71 -23.62 5.59
C GLY B 91 6.48 -22.55 6.32
N TYR B 92 7.78 -22.73 6.48
CA TYR B 92 8.52 -21.62 7.12
C TYR B 92 8.58 -20.41 6.20
N ASN B 93 8.73 -20.62 4.90
CA ASN B 93 8.90 -19.44 4.02
C ASN B 93 7.73 -19.32 3.05
N GLY B 94 6.61 -18.79 3.51
CA GLY B 94 5.53 -18.47 2.56
C GLY B 94 4.25 -19.26 2.64
N PHE B 95 4.32 -20.59 2.75
CA PHE B 95 3.09 -21.42 2.60
C PHE B 95 2.87 -22.33 3.79
N PRO B 96 2.50 -21.78 4.94
CA PRO B 96 2.23 -22.60 6.14
C PRO B 96 1.08 -23.57 5.92
N VAL B 97 -0.01 -23.10 5.31
CA VAL B 97 -1.21 -23.96 5.16
C VAL B 97 -0.90 -25.06 4.17
N LEU B 98 -0.08 -24.74 3.17
CA LEU B 98 0.38 -25.83 2.28
C LEU B 98 0.91 -26.94 3.19
N ALA B 99 1.76 -26.57 4.15
CA ALA B 99 2.40 -27.60 4.99
C ALA B 99 1.34 -28.38 5.77
N GLU B 100 0.46 -27.68 6.51
CA GLU B 100 -0.51 -28.40 7.36
C GLU B 100 -1.37 -29.33 6.49
N TYR B 101 -1.69 -28.90 5.27
CA TYR B 101 -2.52 -29.80 4.45
C TYR B 101 -1.68 -30.98 3.93
N ALA B 102 -0.38 -30.77 3.71
CA ALA B 102 0.48 -31.91 3.33
C ALA B 102 0.51 -32.94 4.45
N GLN B 103 0.69 -32.45 5.67
CA GLN B 103 0.66 -33.35 6.84
C GLN B 103 -0.63 -34.18 6.77
N ARG B 104 -1.74 -33.52 6.49
CA ARG B 104 -3.01 -34.28 6.52
C ARG B 104 -3.09 -35.25 5.32
N VAL B 105 -2.58 -34.86 4.16
CA VAL B 105 -2.58 -35.84 3.05
C VAL B 105 -1.87 -37.11 3.52
N GLY B 106 -0.82 -36.95 4.33
CA GLY B 106 -0.05 -38.12 4.77
C GLY B 106 -0.84 -39.06 5.67
N GLN B 107 -1.78 -38.52 6.45
CA GLN B 107 -2.48 -39.36 7.46
C GLN B 107 -3.02 -40.64 6.82
N PRO B 108 -3.09 -41.74 7.57
CA PRO B 108 -3.46 -43.06 6.99
C PRO B 108 -4.77 -43.03 6.23
N ALA B 109 -4.71 -43.44 4.96
CA ALA B 109 -5.94 -43.57 4.15
C ALA B 109 -6.28 -45.05 4.04
N GLU B 110 -7.57 -45.35 4.01
CA GLU B 110 -8.01 -46.77 3.90
C GLU B 110 -8.50 -47.06 2.47
N SER B 111 -8.57 -46.05 1.61
CA SER B 111 -8.95 -46.31 0.20
C SER B 111 -7.99 -45.59 -0.73
N ARG B 112 -7.57 -46.27 -1.79
CA ARG B 112 -6.72 -45.60 -2.80
C ARG B 112 -7.43 -44.34 -3.30
N ALA B 113 -8.75 -44.40 -3.41
CA ALA B 113 -9.48 -43.24 -3.96
C ALA B 113 -9.37 -42.05 -3.01
N GLU B 114 -9.53 -42.28 -1.71
CA GLU B 114 -9.51 -41.15 -0.76
C GLU B 114 -8.19 -40.41 -0.90
N LEU B 115 -7.10 -41.17 -0.80
CA LEU B 115 -5.78 -40.55 -1.04
C LEU B 115 -5.80 -39.84 -2.39
N LEU B 116 -6.02 -40.59 -3.47
CA LEU B 116 -5.89 -39.99 -4.82
C LEU B 116 -6.66 -38.68 -4.92
N ASP B 117 -7.81 -38.60 -4.25
CA ASP B 117 -8.56 -37.33 -4.26
C ASP B 117 -7.77 -36.25 -3.51
N ARG B 118 -7.36 -36.54 -2.28
CA ARG B 118 -6.65 -35.46 -1.55
C ARG B 118 -5.41 -35.07 -2.38
N LEU B 119 -4.72 -36.07 -2.92
CA LEU B 119 -3.51 -35.78 -3.73
C LEU B 119 -3.87 -34.82 -4.86
N THR B 120 -4.90 -35.14 -5.64
CA THR B 120 -5.22 -34.30 -6.81
C THR B 120 -5.63 -32.90 -6.39
N THR B 121 -6.48 -32.78 -5.39
CA THR B 121 -6.83 -31.39 -5.00
C THR B 121 -5.58 -30.68 -4.53
N PHE B 122 -4.74 -31.36 -3.75
CA PHE B 122 -3.56 -30.65 -3.20
C PHE B 122 -2.64 -30.27 -4.34
N THR B 123 -2.40 -31.21 -5.24
CA THR B 123 -1.64 -30.84 -6.44
C THR B 123 -2.18 -29.54 -6.95
N GLU B 124 -3.44 -29.52 -7.40
CA GLU B 124 -3.96 -28.32 -8.10
C GLU B 124 -3.91 -27.08 -7.22
N TYR B 125 -4.13 -27.22 -5.92
CA TYR B 125 -3.95 -26.04 -5.03
C TYR B 125 -2.54 -25.51 -5.22
N VAL B 126 -1.56 -26.41 -5.14
CA VAL B 126 -0.14 -25.99 -5.24
C VAL B 126 0.13 -25.45 -6.66
N ASN B 127 -0.45 -26.07 -7.69
CA ASN B 127 -0.23 -25.62 -9.08
C ASN B 127 -0.78 -24.20 -9.28
N ARG B 128 -1.85 -23.85 -8.57
CA ARG B 128 -2.30 -22.44 -8.71
C ARG B 128 -1.28 -21.55 -8.00
N LEU B 129 -0.88 -21.93 -6.78
CA LEU B 129 0.15 -21.15 -6.06
C LEU B 129 1.36 -20.96 -6.98
N THR B 130 1.76 -22.02 -7.66
CA THR B 130 2.89 -21.93 -8.62
C THR B 130 2.59 -20.94 -9.71
N ALA B 131 1.40 -21.04 -10.31
CA ALA B 131 1.02 -20.14 -11.42
C ALA B 131 1.18 -18.69 -11.00
N TRP B 132 0.71 -18.38 -9.80
CA TRP B 132 0.79 -16.99 -9.33
C TRP B 132 2.23 -16.61 -9.03
N SER B 133 3.01 -17.55 -8.50
CA SER B 133 4.46 -17.31 -8.25
C SER B 133 5.17 -17.00 -9.56
N HIS B 134 5.03 -17.89 -10.54
CA HIS B 134 5.64 -17.66 -11.87
C HIS B 134 5.24 -16.28 -12.39
N HIS B 135 3.97 -15.91 -12.25
CA HIS B 135 3.60 -14.59 -12.83
C HIS B 135 4.35 -13.50 -12.10
N TYR B 136 4.26 -13.48 -10.77
CA TYR B 136 4.86 -12.34 -10.05
C TYR B 136 6.37 -12.42 -9.98
N PHE B 137 6.94 -13.61 -10.10
CA PHE B 137 8.40 -13.73 -9.88
C PHE B 137 9.17 -12.83 -10.81
N PRO B 138 10.23 -12.17 -10.34
CA PRO B 138 10.96 -11.18 -11.18
C PRO B 138 12.04 -11.77 -12.05
N TRP B 139 11.75 -11.95 -13.33
CA TRP B 139 12.79 -12.48 -14.23
C TRP B 139 13.44 -11.35 -15.00
N ASP B 140 13.10 -10.12 -14.66
CA ASP B 140 13.67 -8.93 -15.34
C ASP B 140 15.05 -8.56 -14.76
N LEU B 141 15.40 -9.08 -13.57
CA LEU B 141 16.67 -8.68 -12.89
C LEU B 141 17.88 -9.09 -13.73
N GLY B 142 18.05 -10.39 -13.96
CA GLY B 142 19.17 -10.79 -14.82
C GLY B 142 19.02 -10.29 -16.24
N GLY B 143 17.85 -9.75 -16.60
CA GLY B 143 17.60 -9.36 -18.00
C GLY B 143 18.58 -8.33 -18.54
N GLU B 144 19.14 -7.49 -17.67
CA GLU B 144 20.12 -6.49 -18.14
C GLU B 144 21.55 -7.03 -17.98
N ARG B 145 21.78 -7.89 -17.00
CA ARG B 145 23.14 -8.39 -16.75
C ARG B 145 23.49 -9.51 -17.73
N TYR B 146 22.50 -10.33 -18.11
CA TYR B 146 22.82 -11.57 -18.85
C TYR B 146 22.15 -11.54 -20.20
N ARG B 147 22.92 -11.26 -21.25
CA ARG B 147 22.27 -11.10 -22.58
C ARG B 147 23.01 -11.89 -23.66
N TYR B 148 22.73 -11.55 -24.91
CA TYR B 148 23.39 -12.26 -26.03
C TYR B 148 23.67 -11.29 -27.18
N ASP B 175 -8.05 -37.80 -37.97
CA ASP B 175 -9.42 -37.51 -38.48
C ASP B 175 -9.80 -36.05 -38.21
N PRO B 176 -9.89 -35.21 -39.25
CA PRO B 176 -10.44 -33.82 -39.07
C PRO B 176 -11.90 -33.86 -38.67
N SER B 177 -12.61 -34.92 -39.03
CA SER B 177 -14.02 -35.11 -38.59
C SER B 177 -14.10 -35.21 -37.07
N GLN B 178 -12.98 -35.47 -36.39
CA GLN B 178 -12.97 -35.80 -34.94
C GLN B 178 -12.65 -34.62 -34.03
N ARG B 179 -11.92 -33.63 -34.54
CA ARG B 179 -11.46 -32.51 -33.67
C ARG B 179 -12.64 -31.62 -33.27
N ILE B 180 -12.54 -31.05 -32.09
CA ILE B 180 -13.66 -30.23 -31.56
C ILE B 180 -13.21 -28.78 -31.48
N PRO B 181 -13.73 -27.91 -32.33
CA PRO B 181 -13.35 -26.49 -32.32
C PRO B 181 -13.87 -25.77 -31.10
N VAL B 182 -12.98 -24.96 -30.52
CA VAL B 182 -13.38 -24.07 -29.40
C VAL B 182 -12.71 -22.72 -29.72
N ARG B 183 -12.94 -21.72 -28.87
CA ARG B 183 -12.26 -20.44 -29.16
C ARG B 183 -11.66 -19.84 -27.91
N LEU B 184 -10.61 -19.07 -28.15
CA LEU B 184 -9.80 -18.54 -27.04
C LEU B 184 -9.75 -17.03 -27.16
N THR B 185 -9.68 -16.36 -26.03
CA THR B 185 -9.60 -14.91 -26.10
C THR B 185 -8.85 -14.36 -24.92
N TRP B 186 -8.15 -13.25 -25.15
CA TRP B 186 -7.35 -12.61 -24.09
C TRP B 186 -7.88 -11.23 -23.79
N GLN B 187 -8.18 -10.99 -22.51
CA GLN B 187 -8.59 -9.66 -21.99
C GLN B 187 -7.54 -9.23 -20.95
N PRO B 188 -7.21 -7.94 -20.79
CA PRO B 188 -7.77 -6.76 -21.54
C PRO B 188 -7.05 -6.50 -22.86
N LEU B 189 -6.41 -7.50 -23.44
CA LEU B 189 -5.79 -7.25 -24.76
C LEU B 189 -6.86 -7.31 -25.86
N GLY B 190 -8.01 -7.91 -25.55
CA GLY B 190 -9.11 -8.00 -26.52
C GLY B 190 -8.67 -8.67 -27.80
N VAL B 191 -8.05 -9.85 -27.70
CA VAL B 191 -7.69 -10.57 -28.96
C VAL B 191 -8.23 -12.00 -28.86
N GLN B 192 -8.79 -12.49 -29.95
CA GLN B 192 -9.35 -13.86 -29.92
C GLN B 192 -8.91 -14.66 -31.14
N VAL B 193 -9.03 -15.97 -31.00
CA VAL B 193 -8.62 -16.87 -32.11
C VAL B 193 -9.42 -18.17 -31.96
N ASP B 194 -9.70 -18.79 -33.08
CA ASP B 194 -10.47 -20.04 -33.05
C ASP B 194 -9.49 -21.19 -33.19
N ALA B 195 -9.69 -22.23 -32.40
CA ALA B 195 -8.75 -23.35 -32.45
C ALA B 195 -9.52 -24.65 -32.42
N GLU B 196 -8.83 -25.73 -32.76
CA GLU B 196 -9.50 -27.05 -32.77
C GLU B 196 -8.72 -28.04 -31.90
N ILE B 197 -9.43 -28.74 -31.01
CA ILE B 197 -8.76 -29.74 -30.12
C ILE B 197 -8.75 -31.08 -30.84
N TYR B 198 -7.56 -31.65 -31.07
CA TYR B 198 -7.46 -32.91 -31.86
C TYR B 198 -7.85 -34.08 -30.95
N ALA B 199 -9.15 -34.32 -30.80
CA ALA B 199 -9.63 -35.45 -29.97
C ALA B 199 -9.04 -36.76 -30.52
N ASP B 200 -8.92 -36.85 -31.85
CA ASP B 200 -8.35 -38.06 -32.49
C ASP B 200 -6.94 -38.30 -31.92
N LEU B 201 -6.13 -37.25 -31.80
CA LEU B 201 -4.73 -37.41 -31.33
C LEU B 201 -4.71 -37.82 -29.85
N ASN B 202 -5.38 -37.04 -28.98
CA ASN B 202 -5.35 -37.34 -27.52
C ASN B 202 -6.78 -37.35 -26.98
N PRO B 203 -7.56 -38.45 -27.15
CA PRO B 203 -8.99 -38.50 -26.72
C PRO B 203 -9.11 -38.27 -25.21
N GLN B 204 -8.33 -39.00 -24.42
CA GLN B 204 -8.40 -38.87 -22.94
C GLN B 204 -8.04 -37.42 -22.56
N LEU B 205 -6.92 -36.92 -23.08
CA LEU B 205 -6.49 -35.54 -22.75
C LEU B 205 -7.58 -34.56 -23.22
N ALA B 206 -8.11 -34.77 -24.43
CA ALA B 206 -9.14 -33.86 -24.99
C ALA B 206 -10.33 -33.79 -24.02
N THR B 207 -10.87 -34.94 -23.61
CA THR B 207 -12.05 -34.92 -22.74
C THR B 207 -11.70 -34.23 -21.45
N ASP B 208 -10.57 -34.61 -20.83
CA ASP B 208 -10.19 -34.04 -19.51
C ASP B 208 -10.17 -32.51 -19.57
N VAL B 209 -9.69 -31.93 -20.67
CA VAL B 209 -9.53 -30.45 -20.73
C VAL B 209 -10.87 -29.81 -21.09
N LEU B 210 -11.64 -30.47 -21.96
CA LEU B 210 -12.94 -29.89 -22.35
C LEU B 210 -13.85 -29.83 -21.12
N LYS B 211 -13.88 -30.91 -20.35
CA LYS B 211 -14.81 -30.94 -19.18
C LYS B 211 -14.56 -29.75 -18.26
N ALA B 212 -13.42 -29.06 -18.37
CA ALA B 212 -13.21 -27.86 -17.54
C ALA B 212 -13.76 -26.62 -18.22
N LEU B 213 -13.74 -26.63 -19.55
CA LEU B 213 -14.30 -25.49 -20.30
C LEU B 213 -15.73 -25.24 -19.84
N PRO B 214 -16.17 -23.99 -19.78
CA PRO B 214 -15.36 -22.81 -20.14
C PRO B 214 -14.51 -22.44 -18.95
N PHE B 215 -13.43 -21.69 -19.16
CA PHE B 215 -12.74 -21.14 -17.97
C PHE B 215 -12.01 -19.88 -18.38
N THR B 216 -11.62 -19.09 -17.37
CA THR B 216 -10.80 -17.91 -17.62
C THR B 216 -9.74 -17.88 -16.55
N VAL B 217 -8.46 -17.92 -16.96
CA VAL B 217 -7.34 -18.01 -15.99
C VAL B 217 -6.26 -16.98 -16.33
N LEU B 218 -5.19 -16.97 -15.52
CA LEU B 218 -4.01 -16.12 -15.79
C LEU B 218 -3.18 -16.73 -16.93
N GLN B 219 -2.82 -15.90 -17.91
CA GLN B 219 -1.95 -16.36 -19.01
C GLN B 219 -0.58 -15.73 -18.80
N ASP B 220 0.44 -16.57 -18.66
CA ASP B 220 1.82 -16.07 -18.50
C ASP B 220 2.68 -16.61 -19.64
N HIS B 221 3.93 -16.18 -19.69
CA HIS B 221 4.82 -16.58 -20.80
C HIS B 221 5.74 -17.72 -20.36
N ALA B 222 6.48 -18.28 -21.33
CA ALA B 222 7.51 -19.32 -21.06
C ALA B 222 8.87 -18.63 -20.93
N VAL B 223 9.40 -18.57 -19.71
CA VAL B 223 10.63 -17.75 -19.48
C VAL B 223 11.91 -18.38 -20.03
N VAL B 224 11.92 -19.70 -20.20
CA VAL B 224 13.18 -20.37 -20.65
C VAL B 224 13.00 -20.95 -22.04
N SER B 225 11.82 -21.52 -22.31
CA SER B 225 11.59 -22.28 -23.56
C SER B 225 11.75 -21.40 -24.79
N GLY B 226 11.25 -20.17 -24.74
CA GLY B 226 11.30 -19.33 -25.94
C GLY B 226 9.94 -18.75 -26.24
N GLU B 227 9.56 -18.71 -27.53
CA GLU B 227 8.27 -18.09 -27.94
C GLU B 227 7.12 -19.08 -27.72
N SER B 228 6.73 -19.23 -26.46
CA SER B 228 5.53 -20.03 -26.13
C SER B 228 4.89 -19.32 -24.93
N MET B 229 3.56 -19.32 -24.89
CA MET B 229 2.87 -18.81 -23.68
C MET B 229 2.19 -20.01 -23.05
N TYR B 230 1.80 -19.88 -21.78
CA TYR B 230 1.03 -20.99 -21.17
C TYR B 230 0.19 -20.45 -20.03
N ALA B 231 -0.82 -21.24 -19.67
CA ALA B 231 -1.73 -20.84 -18.57
C ALA B 231 -2.14 -22.08 -17.77
N TRP B 232 -2.32 -21.89 -16.46
CA TRP B 232 -2.56 -23.06 -15.58
C TRP B 232 -4.03 -23.42 -15.61
N ALA B 233 -4.37 -24.42 -16.43
CA ALA B 233 -5.78 -24.83 -16.54
C ALA B 233 -6.26 -25.44 -15.22
N PRO B 234 -7.57 -25.35 -14.90
CA PRO B 234 -8.10 -25.83 -13.60
C PRO B 234 -8.46 -27.30 -13.61
N LEU B 235 -7.51 -28.14 -14.00
CA LEU B 235 -7.78 -29.59 -13.94
C LEU B 235 -6.53 -30.32 -13.47
N VAL B 236 -6.68 -31.60 -13.17
CA VAL B 236 -5.50 -32.46 -12.85
C VAL B 236 -5.75 -33.73 -13.66
N SER B 237 -5.17 -33.80 -14.85
CA SER B 237 -5.45 -34.91 -15.79
C SER B 237 -4.43 -36.03 -15.62
N VAL B 238 -4.89 -37.26 -15.45
CA VAL B 238 -3.94 -38.41 -15.38
C VAL B 238 -4.09 -39.10 -16.75
N ALA B 239 -4.61 -38.35 -17.71
CA ALA B 239 -4.88 -38.93 -19.04
C ALA B 239 -3.57 -39.32 -19.70
N PRO B 240 -3.50 -40.53 -20.26
CA PRO B 240 -2.33 -40.92 -21.07
C PRO B 240 -2.06 -39.87 -22.14
N THR B 241 -0.81 -39.78 -22.59
CA THR B 241 -0.47 -38.87 -23.71
C THR B 241 0.23 -39.70 -24.78
N PRO B 242 -0.49 -40.58 -25.48
CA PRO B 242 0.13 -41.47 -26.48
C PRO B 242 0.88 -40.68 -27.55
N VAL B 243 0.25 -39.65 -28.09
CA VAL B 243 0.98 -38.84 -29.08
C VAL B 243 1.71 -37.71 -28.36
N ARG B 244 2.97 -37.53 -28.70
CA ARG B 244 3.71 -36.36 -28.19
C ARG B 244 4.51 -35.80 -29.37
N GLU B 245 5.10 -34.64 -29.18
CA GLU B 245 5.76 -34.05 -30.36
C GLU B 245 6.84 -33.06 -29.94
N ARG B 246 7.91 -33.04 -30.74
CA ARG B 246 9.00 -32.07 -30.53
C ARG B 246 8.45 -30.64 -30.55
N ILE B 247 8.87 -29.85 -29.56
CA ILE B 247 8.45 -28.42 -29.56
C ILE B 247 9.13 -27.69 -30.73
N CYS B 248 10.22 -28.22 -31.24
CA CYS B 248 10.81 -27.58 -32.44
C CYS B 248 9.90 -27.88 -33.65
N ASP B 249 9.28 -29.05 -33.67
CA ASP B 249 8.33 -29.39 -34.76
C ASP B 249 7.03 -28.61 -34.62
N ALA B 250 6.69 -28.14 -33.42
CA ALA B 250 5.37 -27.51 -33.18
C ALA B 250 5.20 -26.23 -33.99
N PRO B 251 4.18 -26.15 -34.85
CA PRO B 251 3.97 -24.94 -35.68
C PRO B 251 3.45 -23.78 -34.85
N VAL B 252 3.41 -22.61 -35.47
CA VAL B 252 2.83 -21.44 -34.77
C VAL B 252 1.35 -21.75 -34.54
N GLY B 253 0.87 -21.47 -33.33
CA GLY B 253 -0.52 -21.86 -33.00
C GLY B 253 -0.61 -23.28 -32.47
N ARG B 254 0.52 -23.97 -32.32
CA ARG B 254 0.43 -25.33 -31.76
C ARG B 254 -0.05 -25.26 -30.31
N LEU B 255 -1.15 -25.97 -30.03
CA LEU B 255 -1.64 -26.06 -28.64
C LEU B 255 -1.11 -27.37 -28.04
N ARG B 256 -0.39 -27.26 -26.93
CA ARG B 256 0.06 -28.49 -26.26
C ARG B 256 -0.44 -28.44 -24.83
N PHE B 257 -0.43 -29.58 -24.14
CA PHE B 257 -0.85 -29.60 -22.71
C PHE B 257 0.39 -29.90 -21.84
N SER B 258 0.33 -29.53 -20.57
CA SER B 258 1.51 -29.72 -19.67
C SER B 258 1.07 -30.38 -18.36
N GLN B 259 0.33 -31.48 -18.44
CA GLN B 259 -0.16 -32.19 -17.21
C GLN B 259 1.05 -32.52 -16.32
N ALA B 260 2.17 -32.91 -16.94
CA ALA B 260 3.40 -33.25 -16.19
C ALA B 260 3.91 -32.03 -15.42
N THR B 261 3.79 -30.84 -16.02
CA THR B 261 4.34 -29.62 -15.38
C THR B 261 3.24 -28.62 -15.12
N GLY B 262 2.39 -28.86 -14.12
CA GLY B 262 1.37 -27.87 -13.73
C GLY B 262 0.10 -27.97 -14.57
N ASN B 263 -0.11 -29.09 -15.26
CA ASN B 263 -1.37 -29.27 -16.05
C ASN B 263 -1.66 -27.97 -16.79
N LYS B 264 -0.69 -27.44 -17.53
CA LYS B 264 -0.87 -26.11 -18.18
C LYS B 264 -1.34 -26.26 -19.63
N VAL B 265 -1.82 -25.16 -20.23
CA VAL B 265 -2.25 -25.16 -21.64
C VAL B 265 -1.26 -24.23 -22.36
N ILE B 266 -0.56 -24.79 -23.35
CA ILE B 266 0.60 -24.07 -23.96
C ILE B 266 0.28 -23.72 -25.42
N VAL B 267 0.37 -22.44 -25.73
CA VAL B 267 0.23 -22.04 -27.15
C VAL B 267 1.64 -21.63 -27.62
N GLN B 268 2.10 -22.22 -28.72
CA GLN B 268 3.45 -21.88 -29.22
C GLN B 268 3.35 -20.91 -30.39
N TYR B 269 3.88 -19.70 -30.22
CA TYR B 269 3.92 -18.76 -31.37
C TYR B 269 5.37 -18.60 -31.84
N SER B 278 6.37 -33.02 -26.27
CA SER B 278 5.22 -32.39 -25.57
C SER B 278 3.94 -33.09 -26.00
N PRO B 279 2.96 -33.29 -25.10
CA PRO B 279 1.66 -33.87 -25.51
C PRO B 279 0.87 -32.87 -26.33
N VAL B 280 0.41 -33.33 -27.49
CA VAL B 280 -0.33 -32.45 -28.42
C VAL B 280 -1.79 -32.29 -27.96
N LEU B 281 -2.38 -31.13 -28.28
CA LEU B 281 -3.79 -30.90 -27.92
C LEU B 281 -4.52 -30.32 -29.14
N GLY B 282 -4.03 -29.20 -29.67
CA GLY B 282 -4.79 -28.59 -30.75
C GLY B 282 -4.00 -27.66 -31.64
N LYS B 283 -4.71 -26.96 -32.50
CA LYS B 283 -4.01 -25.91 -33.27
C LYS B 283 -4.97 -24.74 -33.52
N VAL B 284 -4.44 -23.53 -33.40
CA VAL B 284 -5.24 -22.36 -33.81
C VAL B 284 -5.32 -22.37 -35.34
N VAL B 285 -6.47 -21.97 -35.85
CA VAL B 285 -6.67 -22.02 -37.33
C VAL B 285 -5.69 -21.10 -38.04
N ASP B 286 -5.38 -21.47 -39.26
CA ASP B 286 -4.29 -20.76 -40.00
C ASP B 286 -4.59 -19.27 -40.08
N SER B 287 -5.82 -18.90 -40.40
CA SER B 287 -6.09 -17.45 -40.59
C SER B 287 -6.09 -16.71 -39.26
N HIS B 288 -6.09 -17.42 -38.15
CA HIS B 288 -6.03 -16.70 -36.87
C HIS B 288 -4.64 -16.79 -36.24
N ALA B 289 -3.73 -17.58 -36.81
CA ALA B 289 -2.38 -17.73 -36.22
C ALA B 289 -1.66 -16.37 -36.16
N ASP B 290 -1.92 -15.50 -37.13
CA ASP B 290 -1.21 -14.20 -37.17
C ASP B 290 -1.52 -13.37 -35.94
N ARG B 291 -2.72 -13.49 -35.37
CA ARG B 291 -3.08 -12.61 -34.24
C ARG B 291 -2.34 -13.01 -32.94
N LEU B 292 -1.53 -14.08 -32.97
CA LEU B 292 -0.87 -14.58 -31.73
C LEU B 292 0.45 -13.84 -31.44
N ALA B 293 1.03 -13.18 -32.45
CA ALA B 293 2.36 -12.57 -32.25
C ALA B 293 2.33 -11.49 -31.18
N GLU B 294 1.46 -10.49 -31.34
CA GLU B 294 1.48 -9.35 -30.40
C GLU B 294 0.95 -9.76 -29.02
N VAL B 295 0.10 -10.77 -28.94
CA VAL B 295 -0.36 -11.14 -27.57
C VAL B 295 0.81 -11.84 -26.87
N GLY B 296 1.61 -12.59 -27.60
CA GLY B 296 2.84 -13.13 -26.98
C GLY B 296 3.75 -11.99 -26.57
N LYS B 297 3.90 -10.99 -27.43
CA LYS B 297 4.70 -9.80 -27.04
C LYS B 297 4.16 -9.25 -25.72
N ALA B 298 2.86 -8.97 -25.66
CA ALA B 298 2.28 -8.32 -24.47
C ALA B 298 2.41 -9.23 -23.24
N VAL B 299 2.22 -10.52 -23.43
CA VAL B 299 2.26 -11.42 -22.25
C VAL B 299 3.71 -11.61 -21.80
N TRP B 300 4.66 -11.54 -22.74
CA TRP B 300 6.05 -11.56 -22.23
C TRP B 300 6.27 -10.29 -21.42
N GLU B 301 5.80 -9.15 -21.95
CA GLU B 301 5.93 -7.91 -21.16
C GLU B 301 5.12 -7.97 -19.87
N SER B 302 4.22 -8.93 -19.74
CA SER B 302 3.41 -9.09 -18.50
C SER B 302 4.15 -9.98 -17.49
N THR B 303 4.66 -11.10 -17.97
CA THR B 303 5.32 -12.04 -17.05
C THR B 303 6.71 -11.52 -16.72
N PHE B 304 7.43 -11.09 -17.75
CA PHE B 304 8.77 -10.53 -17.49
C PHE B 304 8.69 -9.25 -16.70
N SER B 305 7.91 -8.27 -17.17
CA SER B 305 8.04 -6.90 -16.63
C SER B 305 6.82 -6.33 -15.89
N SER B 306 5.81 -5.90 -16.65
CA SER B 306 4.68 -5.14 -16.07
C SER B 306 4.02 -5.84 -14.88
N LYS B 307 3.80 -7.16 -14.99
CA LYS B 307 3.01 -7.92 -13.98
C LYS B 307 1.51 -7.60 -14.10
N GLU B 308 1.11 -6.68 -15.00
CA GLU B 308 -0.34 -6.39 -15.21
C GLU B 308 -0.99 -7.67 -15.72
N PRO B 309 -1.96 -8.24 -15.01
CA PRO B 309 -2.43 -9.58 -15.36
C PRO B 309 -2.95 -9.64 -16.78
N VAL B 310 -2.66 -10.74 -17.45
CA VAL B 310 -3.31 -10.98 -18.77
C VAL B 310 -4.14 -12.25 -18.57
N TRP B 311 -5.44 -12.15 -18.88
CA TRP B 311 -6.31 -13.31 -18.67
C TRP B 311 -6.71 -13.91 -20.00
N LEU B 312 -6.85 -15.23 -19.99
CA LEU B 312 -7.33 -15.94 -21.20
C LEU B 312 -8.59 -16.73 -20.84
N THR B 313 -9.57 -16.65 -21.73
CA THR B 313 -10.80 -17.44 -21.58
C THR B 313 -10.87 -18.44 -22.70
N VAL B 314 -11.11 -19.70 -22.35
CA VAL B 314 -11.35 -20.72 -23.40
C VAL B 314 -12.79 -21.20 -23.26
N GLU B 315 -13.51 -21.18 -24.38
CA GLU B 315 -14.94 -21.60 -24.39
C GLU B 315 -15.15 -22.58 -25.54
N ARG B 316 -16.08 -23.51 -25.36
CA ARG B 316 -16.33 -24.49 -26.43
C ARG B 316 -17.08 -23.83 -27.58
N LEU B 317 -16.82 -24.31 -28.79
CA LEU B 317 -17.65 -23.79 -29.92
C LEU B 317 -18.47 -24.97 -30.47
N LEU C 7 -45.03 8.37 28.60
CA LEU C 7 -44.19 8.01 27.43
C LEU C 7 -45.10 7.50 26.31
N ARG C 8 -46.19 6.83 26.69
CA ARG C 8 -47.08 6.26 25.65
C ARG C 8 -47.61 7.39 24.76
N GLU C 9 -47.90 8.55 25.35
CA GLU C 9 -48.40 9.68 24.54
C GLU C 9 -47.41 9.97 23.40
N LEU C 10 -46.13 9.98 23.74
CA LEU C 10 -45.13 10.32 22.71
C LEU C 10 -45.05 9.18 21.69
N ILE C 11 -45.20 7.94 22.14
CA ILE C 11 -45.22 6.81 21.15
C ILE C 11 -46.36 7.04 20.16
N ALA C 12 -47.54 7.41 20.68
CA ALA C 12 -48.66 7.73 19.78
C ALA C 12 -48.25 8.87 18.84
N SER C 13 -47.87 10.01 19.42
CA SER C 13 -47.53 11.20 18.62
C SER C 13 -46.53 10.89 17.50
N PHE C 14 -45.50 10.11 17.78
CA PHE C 14 -44.39 9.98 16.80
C PHE C 14 -44.65 9.03 15.64
N VAL C 15 -45.69 8.20 15.69
CA VAL C 15 -45.95 7.36 14.48
C VAL C 15 -46.22 8.26 13.29
N SER C 16 -46.95 9.36 13.54
CA SER C 16 -47.31 10.29 12.44
C SER C 16 -46.39 11.52 12.46
N GLU C 17 -45.85 11.86 13.63
CA GLU C 17 -45.03 13.09 13.76
C GLU C 17 -43.56 12.76 13.95
N GLU C 18 -42.74 13.58 13.32
CA GLU C 18 -41.29 13.39 13.46
C GLU C 18 -40.84 13.84 14.85
N PRO C 19 -39.96 13.08 15.49
CA PRO C 19 -39.50 13.46 16.84
C PRO C 19 -38.77 14.77 16.74
N PRO C 20 -39.16 15.75 17.57
CA PRO C 20 -38.53 17.10 17.50
C PRO C 20 -37.03 16.94 17.60
N GLU C 21 -36.61 15.98 18.43
CA GLU C 21 -35.18 15.62 18.53
C GLU C 21 -34.62 15.37 17.13
N ILE C 22 -35.19 14.40 16.41
CA ILE C 22 -34.73 14.09 15.04
C ILE C 22 -34.64 15.40 14.25
N ARG C 23 -35.66 16.25 14.35
CA ARG C 23 -35.59 17.55 13.65
C ARG C 23 -34.25 18.23 13.96
N ARG C 24 -34.00 18.57 15.22
CA ARG C 24 -32.79 19.34 15.57
C ARG C 24 -31.53 18.59 15.12
N ILE C 25 -31.50 17.29 15.37
CA ILE C 25 -30.27 16.51 15.06
C ILE C 25 -29.95 16.59 13.57
N ARG C 26 -30.95 16.44 12.72
CA ARG C 26 -30.63 16.40 11.28
C ARG C 26 -30.54 17.81 10.69
N THR C 27 -30.99 18.81 11.43
CA THR C 27 -30.82 20.20 10.94
C THR C 27 -29.49 20.76 11.37
N GLY C 28 -28.65 19.98 12.04
CA GLY C 28 -27.43 20.59 12.58
C GLY C 28 -27.80 21.68 13.55
N THR C 29 -28.87 21.49 14.33
CA THR C 29 -29.25 22.46 15.37
C THR C 29 -29.35 21.69 16.67
N VAL C 30 -28.64 20.57 16.77
CA VAL C 30 -28.66 19.72 17.99
C VAL C 30 -28.26 20.58 19.20
N PRO C 31 -28.93 20.45 20.36
CA PRO C 31 -28.58 21.23 21.59
C PRO C 31 -27.16 20.90 22.03
N ASP C 32 -26.45 21.88 22.60
CA ASP C 32 -25.07 21.67 23.13
C ASP C 32 -24.06 21.56 21.98
N LEU C 33 -24.45 21.97 20.77
CA LEU C 33 -23.50 21.97 19.61
C LEU C 33 -22.66 20.69 19.59
N PRO C 34 -23.26 19.49 19.40
CA PRO C 34 -22.48 18.21 19.29
C PRO C 34 -21.67 18.20 18.00
N GLY C 35 -20.67 17.31 17.92
CA GLY C 35 -19.80 17.25 16.74
C GLY C 35 -18.53 18.06 16.98
N SER C 36 -17.62 18.11 15.99
CA SER C 36 -16.33 18.80 16.20
C SER C 36 -15.88 19.53 14.93
N TYR C 37 -15.10 20.60 15.08
CA TYR C 37 -14.53 21.33 13.90
C TYR C 37 -15.66 21.86 13.01
N GLY C 38 -16.79 22.22 13.60
CA GLY C 38 -17.89 22.85 12.82
C GLY C 38 -18.55 21.89 11.83
N GLN C 39 -18.50 20.58 12.09
CA GLN C 39 -19.23 19.62 11.23
C GLN C 39 -20.23 18.82 12.08
N TYR C 40 -21.47 18.73 11.61
CA TYR C 40 -22.51 18.04 12.44
C TYR C 40 -22.76 16.62 11.92
N PHE C 41 -22.08 16.21 10.85
CA PHE C 41 -22.31 14.87 10.27
C PHE C 41 -21.87 13.79 11.26
N THR C 42 -20.75 14.01 11.94
CA THR C 42 -20.24 12.96 12.86
C THR C 42 -21.20 12.76 14.02
N ALA C 43 -21.68 13.86 14.58
CA ALA C 43 -22.69 13.71 15.66
C ALA C 43 -23.95 13.04 15.10
N TRP C 44 -24.31 13.37 13.87
CA TRP C 44 -25.49 12.72 13.25
C TRP C 44 -25.25 11.22 13.19
N ASP C 45 -24.17 10.81 12.52
CA ASP C 45 -23.81 9.39 12.39
C ASP C 45 -23.85 8.71 13.76
N PHE C 46 -23.25 9.36 14.75
CA PHE C 46 -23.20 8.69 16.07
C PHE C 46 -24.60 8.57 16.64
N SER C 47 -25.35 9.67 16.65
CA SER C 47 -26.73 9.67 17.24
C SER C 47 -27.55 8.58 16.57
N ASN C 48 -27.42 8.48 15.25
CA ASN C 48 -28.12 7.41 14.52
C ASN C 48 -27.68 6.05 15.06
N SER C 49 -26.37 5.77 15.02
CA SER C 49 -25.86 4.42 15.36
C SER C 49 -26.15 4.07 16.82
N ILE C 50 -25.98 5.05 17.69
CA ILE C 50 -26.14 4.72 19.13
C ILE C 50 -27.62 4.49 19.42
N VAL C 51 -28.51 5.29 18.84
CA VAL C 51 -29.93 5.00 19.13
C VAL C 51 -30.33 3.67 18.47
N ARG C 52 -29.86 3.42 17.25
CA ARG C 52 -30.16 2.13 16.62
C ARG C 52 -29.78 0.99 17.56
N ASP C 53 -28.53 0.98 17.99
CA ASP C 53 -28.05 -0.21 18.74
C ASP C 53 -28.55 -0.16 20.18
N TYR C 54 -28.62 1.04 20.74
CA TYR C 54 -29.23 1.15 22.08
C TYR C 54 -30.59 0.47 22.04
N ALA C 55 -31.35 0.77 20.99
CA ALA C 55 -32.67 0.13 20.83
C ALA C 55 -32.51 -1.39 20.90
N MET C 56 -31.61 -1.93 20.08
CA MET C 56 -31.47 -3.41 20.07
C MET C 56 -31.16 -3.87 21.51
N ASN C 57 -30.36 -3.09 22.21
CA ASN C 57 -30.02 -3.46 23.61
C ASN C 57 -31.30 -3.51 24.43
N LEU C 58 -32.07 -2.41 24.41
CA LEU C 58 -33.29 -2.34 25.24
C LEU C 58 -34.20 -3.52 24.96
N TYR C 59 -34.33 -3.91 23.69
CA TYR C 59 -35.14 -5.12 23.41
C TYR C 59 -34.53 -6.30 24.16
N GLN C 60 -33.24 -6.57 23.97
CA GLN C 60 -32.67 -7.79 24.60
C GLN C 60 -32.76 -7.70 26.11
N LEU C 61 -32.65 -6.49 26.64
CA LEU C 61 -32.83 -6.32 28.10
C LEU C 61 -34.22 -6.84 28.48
N THR C 62 -35.27 -6.32 27.84
CA THR C 62 -36.63 -6.72 28.26
C THR C 62 -36.87 -8.18 27.94
N ARG C 63 -36.28 -8.68 26.85
CA ARG C 63 -36.40 -10.12 26.57
C ARG C 63 -35.78 -10.94 27.71
N LEU C 64 -34.80 -10.38 28.42
CA LEU C 64 -34.26 -11.08 29.61
C LEU C 64 -35.10 -10.76 30.83
N ALA C 65 -35.73 -9.58 30.84
CA ALA C 65 -36.69 -9.24 31.91
C ALA C 65 -37.80 -10.28 31.92
N THR C 66 -38.01 -10.98 30.80
CA THR C 66 -38.96 -12.11 30.83
C THR C 66 -38.34 -13.28 31.56
N ASP C 67 -37.04 -13.49 31.41
CA ASP C 67 -36.40 -14.68 32.03
C ASP C 67 -36.28 -14.49 33.54
N GLU C 68 -36.92 -15.37 34.31
CA GLU C 68 -36.97 -15.17 35.77
C GLU C 68 -35.95 -16.04 36.51
N SER C 69 -35.15 -16.78 35.75
CA SER C 69 -33.96 -17.39 36.38
C SER C 69 -33.12 -16.18 36.80
N VAL C 70 -33.05 -15.15 35.94
CA VAL C 70 -32.36 -13.91 36.35
C VAL C 70 -33.29 -13.12 37.29
N SER C 71 -32.74 -12.72 38.42
CA SER C 71 -33.58 -12.00 39.41
C SER C 71 -34.01 -10.64 38.84
N VAL C 72 -35.03 -10.06 39.45
CA VAL C 72 -35.45 -8.70 39.03
C VAL C 72 -34.30 -7.74 39.28
N GLU C 73 -33.71 -7.79 40.47
CA GLU C 73 -32.64 -6.82 40.84
C GLU C 73 -31.37 -7.16 40.09
N ASN C 74 -31.11 -8.43 39.86
CA ASN C 74 -30.01 -8.77 38.94
C ASN C 74 -30.31 -8.08 37.61
N LEU C 75 -31.57 -8.14 37.17
CA LEU C 75 -31.91 -7.53 35.86
C LEU C 75 -31.68 -6.02 35.92
N LEU C 76 -32.12 -5.40 37.01
CA LEU C 76 -31.94 -3.93 37.13
C LEU C 76 -30.46 -3.58 37.15
N THR C 77 -29.64 -4.40 37.81
CA THR C 77 -28.21 -4.10 37.80
C THR C 77 -27.64 -4.27 36.40
N VAL C 78 -27.96 -5.36 35.73
CA VAL C 78 -27.49 -5.49 34.33
C VAL C 78 -27.88 -4.22 33.56
N PHE C 79 -29.07 -3.70 33.85
CA PHE C 79 -29.51 -2.47 33.16
C PHE C 79 -28.66 -1.27 33.62
N ARG C 80 -28.48 -1.12 34.93
CA ARG C 80 -27.81 0.11 35.45
C ARG C 80 -26.34 0.17 35.04
N THR C 81 -25.70 -0.99 34.83
CA THR C 81 -24.32 -0.97 34.33
C THR C 81 -24.30 -0.79 32.83
N LEU C 82 -25.07 -1.59 32.10
CA LEU C 82 -24.99 -1.60 30.62
C LEU C 82 -25.60 -0.34 30.01
N ASP C 83 -26.65 0.19 30.63
CA ASP C 83 -27.43 1.24 29.96
C ASP C 83 -26.74 2.57 29.77
N PRO C 84 -26.33 3.26 30.84
CA PRO C 84 -26.02 4.72 30.78
C PRO C 84 -24.98 4.97 29.73
N ILE C 85 -24.21 3.93 29.43
CA ILE C 85 -23.17 3.94 28.37
C ILE C 85 -23.73 4.65 27.13
N TYR C 86 -24.88 4.18 26.61
CA TYR C 86 -25.55 4.84 25.46
C TYR C 86 -26.42 5.98 25.93
N SER C 87 -27.15 5.78 27.03
CA SER C 87 -28.15 6.77 27.50
C SER C 87 -27.56 8.16 27.65
N THR C 88 -26.46 8.27 28.38
CA THR C 88 -25.94 9.63 28.62
C THR C 88 -25.40 10.19 27.32
N PHE C 89 -24.83 9.35 26.47
CA PHE C 89 -24.24 9.91 25.24
C PHE C 89 -25.33 10.49 24.36
N LEU C 90 -26.46 9.80 24.30
CA LEU C 90 -27.59 10.40 23.56
C LEU C 90 -28.12 11.62 24.32
N GLY C 91 -28.24 11.50 25.65
CA GLY C 91 -28.76 12.63 26.44
C GLY C 91 -28.06 13.94 26.12
N TYR C 92 -26.75 13.88 25.87
CA TYR C 92 -26.05 15.12 25.46
C TYR C 92 -26.05 15.30 23.94
N ASN C 93 -26.22 14.20 23.20
CA ASN C 93 -26.27 14.29 21.73
C ASN C 93 -27.72 14.34 21.23
N GLY C 94 -28.54 15.24 21.78
CA GLY C 94 -29.90 15.49 21.27
C GLY C 94 -31.00 14.52 21.70
N PHE C 95 -30.78 13.73 22.75
CA PHE C 95 -31.86 12.83 23.24
C PHE C 95 -31.98 12.99 24.73
N PRO C 96 -32.28 14.20 25.24
CA PRO C 96 -32.30 14.41 26.71
C PRO C 96 -33.38 13.56 27.37
N VAL C 97 -34.61 13.63 26.87
CA VAL C 97 -35.73 12.87 27.47
C VAL C 97 -35.40 11.37 27.45
N LEU C 98 -34.71 10.92 26.41
CA LEU C 98 -34.24 9.51 26.36
C LEU C 98 -33.56 9.17 27.69
N ALA C 99 -32.47 9.88 27.99
CA ALA C 99 -31.71 9.59 29.21
C ALA C 99 -32.58 9.76 30.46
N GLU C 100 -33.31 10.87 30.55
CA GLU C 100 -34.09 11.13 31.77
C GLU C 100 -35.07 9.98 32.05
N TYR C 101 -35.56 9.34 30.99
CA TYR C 101 -36.49 8.22 31.25
C TYR C 101 -35.73 6.93 31.46
N ALA C 102 -34.58 6.75 30.80
CA ALA C 102 -33.73 5.57 31.12
C ALA C 102 -33.50 5.56 32.63
N GLN C 103 -33.28 6.75 33.20
CA GLN C 103 -33.05 6.85 34.66
C GLN C 103 -34.22 6.22 35.44
N ARG C 104 -35.45 6.60 35.10
CA ARG C 104 -36.61 6.06 35.85
C ARG C 104 -36.76 4.56 35.57
N VAL C 105 -36.43 4.12 34.36
CA VAL C 105 -36.44 2.65 34.12
C VAL C 105 -35.50 2.01 35.14
N GLY C 106 -34.43 2.71 35.48
CA GLY C 106 -33.48 2.16 36.48
C GLY C 106 -34.04 2.11 37.88
N GLN C 107 -35.01 2.96 38.21
CA GLN C 107 -35.58 3.00 39.58
C GLN C 107 -35.96 1.58 40.00
N PRO C 108 -35.94 1.22 41.28
CA PRO C 108 -36.21 -0.17 41.68
C PRO C 108 -37.63 -0.56 41.32
N ALA C 109 -37.80 -1.79 40.81
CA ALA C 109 -39.13 -2.25 40.37
C ALA C 109 -39.77 -3.09 41.46
N GLU C 110 -41.01 -2.76 41.80
CA GLU C 110 -41.72 -3.54 42.84
C GLU C 110 -42.02 -4.95 42.30
N SER C 111 -42.33 -5.07 41.01
CA SER C 111 -42.58 -6.41 40.41
C SER C 111 -41.97 -6.49 39.01
N ARG C 112 -41.63 -7.73 38.62
CA ARG C 112 -41.08 -7.95 37.26
C ARG C 112 -42.03 -7.39 36.20
N ALA C 113 -43.33 -7.52 36.41
CA ALA C 113 -44.27 -6.95 35.42
C ALA C 113 -44.03 -5.45 35.24
N GLU C 114 -43.75 -4.74 36.33
CA GLU C 114 -43.50 -3.29 36.22
C GLU C 114 -42.26 -3.03 35.37
N LEU C 115 -41.17 -3.73 35.68
CA LEU C 115 -39.93 -3.49 34.93
C LEU C 115 -40.20 -3.85 33.46
N LEU C 116 -40.86 -4.97 33.21
CA LEU C 116 -41.17 -5.37 31.82
C LEU C 116 -41.99 -4.26 31.13
N ASP C 117 -43.01 -3.76 31.82
CA ASP C 117 -43.87 -2.70 31.24
C ASP C 117 -42.99 -1.56 30.73
N ARG C 118 -42.22 -0.92 31.62
CA ARG C 118 -41.47 0.28 31.17
C ARG C 118 -40.32 -0.12 30.23
N LEU C 119 -39.74 -1.30 30.40
CA LEU C 119 -38.72 -1.72 29.42
C LEU C 119 -39.37 -1.71 28.04
N THR C 120 -40.55 -2.33 27.92
CA THR C 120 -41.26 -2.43 26.62
C THR C 120 -41.63 -1.06 26.09
N THR C 121 -42.28 -0.25 26.92
CA THR C 121 -42.71 1.07 26.43
C THR C 121 -41.50 1.86 25.99
N PHE C 122 -40.45 1.89 26.82
CA PHE C 122 -39.19 2.57 26.42
C PHE C 122 -38.67 1.98 25.11
N THR C 123 -38.67 0.65 25.01
CA THR C 123 -38.14 0.02 23.80
C THR C 123 -38.82 0.59 22.57
N GLU C 124 -40.15 0.63 22.55
CA GLU C 124 -40.75 1.14 21.29
C GLU C 124 -40.63 2.66 21.19
N TYR C 125 -40.53 3.36 22.31
CA TYR C 125 -40.24 4.82 22.22
C TYR C 125 -38.91 4.99 21.47
N VAL C 126 -37.88 4.33 21.96
CA VAL C 126 -36.54 4.46 21.31
C VAL C 126 -36.63 3.86 19.91
N ASN C 127 -37.45 2.84 19.73
CA ASN C 127 -37.49 2.15 18.43
C ASN C 127 -38.07 3.04 17.34
N ARG C 128 -39.11 3.81 17.66
CA ARG C 128 -39.62 4.73 16.63
C ARG C 128 -38.67 5.90 16.45
N LEU C 129 -38.01 6.34 17.52
CA LEU C 129 -36.93 7.35 17.32
C LEU C 129 -35.90 6.78 16.33
N THR C 130 -35.57 5.51 16.50
CA THR C 130 -34.63 4.85 15.57
C THR C 130 -35.19 4.86 14.17
N ALA C 131 -36.47 4.53 14.04
CA ALA C 131 -37.14 4.54 12.72
C ALA C 131 -36.95 5.89 12.04
N TRP C 132 -37.23 6.97 12.77
CA TRP C 132 -37.18 8.31 12.13
C TRP C 132 -35.74 8.67 11.79
N SER C 133 -34.80 8.26 12.66
CA SER C 133 -33.37 8.45 12.34
C SER C 133 -33.02 7.73 11.03
N HIS C 134 -33.37 6.46 10.95
CA HIS C 134 -32.98 5.68 9.75
C HIS C 134 -33.55 6.33 8.49
N HIS C 135 -34.81 6.74 8.56
CA HIS C 135 -35.39 7.42 7.40
C HIS C 135 -34.55 8.64 7.07
N TYR C 136 -34.25 9.42 8.11
CA TYR C 136 -33.71 10.76 7.82
C TYR C 136 -32.22 10.80 7.67
N PHE C 137 -31.56 9.65 7.84
CA PHE C 137 -30.09 9.69 7.76
C PHE C 137 -29.66 9.73 6.32
N PRO C 138 -28.76 10.63 5.95
CA PRO C 138 -28.37 10.83 4.53
C PRO C 138 -27.34 9.81 4.07
N TRP C 139 -27.81 8.62 3.77
CA TRP C 139 -26.88 7.60 3.25
C TRP C 139 -26.31 8.04 1.90
N ASP C 140 -27.07 8.82 1.14
CA ASP C 140 -26.67 9.18 -0.25
C ASP C 140 -25.24 9.73 -0.32
N LEU C 141 -24.75 10.35 0.75
CA LEU C 141 -23.41 10.97 0.66
C LEU C 141 -22.38 9.92 0.23
N GLY C 142 -22.40 8.74 0.85
CA GLY C 142 -21.43 7.74 0.42
C GLY C 142 -21.75 7.25 -0.98
N GLY C 143 -23.03 7.05 -1.27
CA GLY C 143 -23.40 6.44 -2.56
C GLY C 143 -22.76 7.12 -3.76
N GLU C 144 -22.52 8.42 -3.68
CA GLU C 144 -21.99 9.07 -4.90
C GLU C 144 -20.50 8.74 -5.09
N ARG C 145 -19.73 8.70 -4.00
CA ARG C 145 -18.26 8.52 -4.16
C ARG C 145 -17.84 7.06 -4.01
N TYR C 146 -18.72 6.22 -3.47
CA TYR C 146 -18.35 4.81 -3.18
C TYR C 146 -19.40 3.93 -3.81
N ARG C 147 -19.05 3.29 -4.93
CA ARG C 147 -19.99 2.40 -5.64
C ARG C 147 -19.23 1.17 -6.14
N TYR C 148 -19.85 0.00 -6.09
CA TYR C 148 -19.20 -1.25 -6.57
C TYR C 148 -18.96 -1.18 -8.08
N ASP C 175 -50.53 -24.63 7.00
CA ASP C 175 -51.99 -24.88 7.00
C ASP C 175 -52.75 -23.63 6.55
N PRO C 176 -53.49 -23.74 5.44
CA PRO C 176 -54.30 -22.61 4.95
C PRO C 176 -55.36 -22.24 5.98
N SER C 177 -55.70 -23.17 6.87
CA SER C 177 -56.74 -22.92 7.89
C SER C 177 -56.33 -21.75 8.78
N GLN C 178 -55.04 -21.62 9.08
CA GLN C 178 -54.62 -20.60 10.07
C GLN C 178 -54.20 -19.28 9.43
N ARG C 179 -53.91 -19.28 8.13
CA ARG C 179 -53.42 -18.02 7.53
C ARG C 179 -54.53 -16.97 7.52
N ILE C 180 -54.16 -15.74 7.85
CA ILE C 180 -55.15 -14.64 7.94
C ILE C 180 -54.90 -13.70 6.76
N PRO C 181 -55.94 -13.25 6.08
CA PRO C 181 -55.75 -12.31 4.97
C PRO C 181 -55.42 -10.93 5.50
N VAL C 182 -54.66 -10.16 4.72
CA VAL C 182 -54.38 -8.75 5.10
C VAL C 182 -54.06 -7.99 3.81
N ARG C 183 -54.18 -6.67 3.88
CA ARG C 183 -53.84 -5.83 2.71
C ARG C 183 -52.78 -4.82 3.15
N LEU C 184 -51.78 -4.63 2.28
CA LEU C 184 -50.73 -3.62 2.54
C LEU C 184 -50.91 -2.51 1.51
N THR C 185 -50.99 -1.27 2.00
CA THR C 185 -51.28 -0.13 1.10
C THR C 185 -50.23 0.95 1.29
N TRP C 186 -49.52 1.25 0.20
CA TRP C 186 -48.46 2.29 0.22
C TRP C 186 -48.99 3.58 -0.39
N GLN C 187 -49.07 4.63 0.43
CA GLN C 187 -49.44 5.96 -0.12
C GLN C 187 -48.32 6.93 0.27
N PRO C 188 -48.00 7.96 -0.53
CA PRO C 188 -48.80 8.46 -1.68
C PRO C 188 -48.54 7.65 -2.95
N LEU C 189 -47.92 6.48 -2.85
CA LEU C 189 -47.71 5.75 -4.13
C LEU C 189 -49.04 5.17 -4.61
N GLY C 190 -50.01 5.04 -3.70
CA GLY C 190 -51.31 4.49 -4.10
C GLY C 190 -51.17 3.08 -4.62
N VAL C 191 -50.39 2.27 -3.91
CA VAL C 191 -50.21 0.86 -4.35
C VAL C 191 -50.84 -0.03 -3.29
N GLN C 192 -51.57 -1.05 -3.73
CA GLN C 192 -52.23 -1.95 -2.76
C GLN C 192 -51.83 -3.38 -3.14
N VAL C 193 -51.48 -4.16 -2.13
CA VAL C 193 -51.12 -5.57 -2.40
C VAL C 193 -51.80 -6.41 -1.31
N ASP C 194 -52.22 -7.60 -1.69
CA ASP C 194 -52.90 -8.51 -0.74
C ASP C 194 -51.91 -9.57 -0.30
N ALA C 195 -51.93 -9.91 0.99
CA ALA C 195 -50.93 -10.86 1.50
C ALA C 195 -51.58 -11.76 2.54
N GLU C 196 -50.94 -12.90 2.78
CA GLU C 196 -51.49 -13.86 3.76
C GLU C 196 -50.53 -14.03 4.93
N ILE C 197 -51.06 -13.96 6.15
CA ILE C 197 -50.24 -14.11 7.37
C ILE C 197 -50.36 -15.56 7.87
N TYR C 198 -49.26 -16.30 7.90
CA TYR C 198 -49.33 -17.73 8.29
C TYR C 198 -49.34 -17.82 9.82
N ALA C 199 -50.53 -17.82 10.41
CA ALA C 199 -50.59 -17.72 11.89
C ALA C 199 -50.16 -19.00 12.61
N ASP C 200 -50.03 -20.09 11.88
CA ASP C 200 -49.71 -21.37 12.55
C ASP C 200 -48.20 -21.51 12.76
N LEU C 201 -47.39 -20.79 11.98
CA LEU C 201 -45.93 -20.99 12.11
C LEU C 201 -45.41 -20.32 13.37
N ASN C 202 -45.52 -19.01 13.48
CA ASN C 202 -45.00 -18.27 14.67
C ASN C 202 -46.21 -17.68 15.35
N PRO C 203 -47.06 -18.50 15.99
CA PRO C 203 -48.39 -18.06 16.46
C PRO C 203 -48.38 -16.84 17.36
N GLN C 204 -47.55 -16.81 18.39
CA GLN C 204 -47.53 -15.68 19.36
C GLN C 204 -47.09 -14.42 18.59
N LEU C 205 -46.16 -14.60 17.67
CA LEU C 205 -45.74 -13.47 16.82
C LEU C 205 -46.97 -12.97 16.06
N ALA C 206 -47.61 -13.86 15.31
CA ALA C 206 -48.85 -13.51 14.59
C ALA C 206 -49.78 -12.73 15.51
N THR C 207 -50.25 -13.37 16.58
CA THR C 207 -51.22 -12.71 17.46
C THR C 207 -50.78 -11.30 17.84
N ASP C 208 -49.51 -11.11 18.20
CA ASP C 208 -49.07 -9.73 18.52
C ASP C 208 -49.23 -8.83 17.29
N VAL C 209 -48.77 -9.32 16.14
CA VAL C 209 -48.82 -8.48 14.91
C VAL C 209 -50.28 -8.13 14.59
N LEU C 210 -51.20 -9.06 14.82
CA LEU C 210 -52.64 -8.80 14.52
C LEU C 210 -53.16 -7.73 15.48
N LYS C 211 -52.96 -7.92 16.79
CA LYS C 211 -53.49 -6.92 17.73
C LYS C 211 -52.95 -5.53 17.37
N ALA C 212 -51.85 -5.46 16.62
CA ALA C 212 -51.38 -4.12 16.21
C ALA C 212 -52.21 -3.56 15.07
N LEU C 213 -52.87 -4.45 14.30
CA LEU C 213 -53.69 -4.03 13.15
C LEU C 213 -54.96 -3.30 13.59
N PRO C 214 -55.46 -2.34 12.82
CA PRO C 214 -54.85 -1.86 11.54
C PRO C 214 -53.93 -0.68 11.81
N PHE C 215 -52.82 -0.56 11.08
CA PHE C 215 -51.94 0.58 11.44
C PHE C 215 -51.35 1.15 10.17
N THR C 216 -50.76 2.33 10.31
CA THR C 216 -50.07 2.96 9.18
C THR C 216 -48.81 3.59 9.70
N VAL C 217 -47.66 3.08 9.25
CA VAL C 217 -46.32 3.53 9.74
C VAL C 217 -45.44 3.91 8.53
N LEU C 218 -44.43 4.73 8.78
CA LEU C 218 -43.51 5.12 7.69
C LEU C 218 -42.72 3.92 7.19
N GLN C 219 -42.58 3.82 5.87
CA GLN C 219 -41.85 2.68 5.29
C GLN C 219 -40.49 3.19 4.83
N ASP C 220 -39.46 2.35 4.97
CA ASP C 220 -38.10 2.74 4.58
C ASP C 220 -37.41 1.57 3.89
N HIS C 221 -36.21 1.79 3.40
CA HIS C 221 -35.50 0.73 2.64
C HIS C 221 -34.31 0.20 3.44
N ALA C 222 -34.03 -1.10 3.27
CA ALA C 222 -32.85 -1.71 3.91
C ALA C 222 -31.62 -1.27 3.13
N VAL C 223 -30.79 -0.43 3.73
CA VAL C 223 -29.68 0.16 2.93
C VAL C 223 -28.46 -0.76 2.86
N VAL C 224 -28.51 -1.93 3.49
CA VAL C 224 -27.29 -2.79 3.49
C VAL C 224 -27.64 -4.19 2.99
N SER C 225 -28.66 -4.83 3.58
CA SER C 225 -28.98 -6.23 3.23
C SER C 225 -29.15 -6.36 1.71
N GLY C 226 -30.00 -5.51 1.11
CA GLY C 226 -30.27 -5.61 -0.34
C GLY C 226 -31.61 -5.03 -0.78
N GLU C 227 -32.34 -5.76 -1.63
CA GLU C 227 -33.68 -5.31 -2.10
C GLU C 227 -34.72 -5.78 -1.08
N SER C 228 -34.78 -5.05 0.02
CA SER C 228 -35.75 -5.35 1.09
C SER C 228 -36.22 -4.02 1.64
N MET C 229 -37.47 -3.95 2.09
CA MET C 229 -37.90 -2.70 2.75
C MET C 229 -38.61 -3.07 4.05
N TYR C 230 -38.67 -2.11 4.96
CA TYR C 230 -39.20 -2.45 6.30
C TYR C 230 -39.87 -1.24 6.90
N ALA C 231 -40.69 -1.51 7.91
CA ALA C 231 -41.31 -0.39 8.65
C ALA C 231 -41.43 -0.83 10.10
N TRP C 232 -41.45 0.14 11.00
CA TRP C 232 -41.35 -0.19 12.44
C TRP C 232 -42.76 -0.23 13.03
N ALA C 233 -43.32 -1.44 13.09
CA ALA C 233 -44.68 -1.63 13.59
C ALA C 233 -44.81 -1.09 15.01
N PRO C 234 -46.00 -0.64 15.43
CA PRO C 234 -46.22 -0.19 16.82
C PRO C 234 -46.46 -1.32 17.80
N LEU C 235 -45.44 -2.15 18.00
CA LEU C 235 -45.58 -3.15 19.07
C LEU C 235 -44.20 -3.57 19.55
N VAL C 236 -44.14 -4.35 20.64
CA VAL C 236 -42.82 -4.89 21.12
C VAL C 236 -43.03 -6.40 21.36
N SER C 237 -43.14 -7.16 20.28
CA SER C 237 -43.36 -8.62 20.41
C SER C 237 -42.11 -9.29 21.00
N VAL C 238 -42.24 -9.97 22.15
CA VAL C 238 -41.11 -10.74 22.72
C VAL C 238 -41.45 -12.22 22.48
N ALA C 239 -42.35 -12.48 21.54
CA ALA C 239 -42.81 -13.86 21.24
C ALA C 239 -41.66 -14.72 20.72
N PRO C 240 -41.68 -16.05 20.96
CA PRO C 240 -40.64 -16.99 20.41
C PRO C 240 -40.79 -17.07 18.90
N THR C 241 -39.72 -17.46 18.20
CA THR C 241 -39.76 -17.50 16.72
C THR C 241 -39.38 -18.89 16.24
N PRO C 242 -40.12 -19.94 16.61
CA PRO C 242 -39.72 -21.33 16.31
C PRO C 242 -39.39 -21.56 14.84
N VAL C 243 -39.99 -20.78 13.95
CA VAL C 243 -39.73 -21.00 12.52
C VAL C 243 -39.06 -19.77 11.97
N ARG C 244 -37.86 -19.95 11.44
CA ARG C 244 -37.14 -18.85 10.79
C ARG C 244 -36.77 -19.33 9.39
N GLU C 245 -36.32 -18.43 8.54
CA GLU C 245 -35.89 -18.90 7.21
C GLU C 245 -34.74 -18.03 6.71
N ARG C 246 -33.83 -18.63 5.97
CA ARG C 246 -32.65 -17.87 5.50
C ARG C 246 -33.10 -16.95 4.37
N ILE C 247 -32.71 -15.68 4.46
CA ILE C 247 -33.25 -14.70 3.48
C ILE C 247 -32.77 -14.97 2.05
N CYS C 248 -31.65 -15.63 1.85
CA CYS C 248 -31.33 -15.91 0.43
C CYS C 248 -32.36 -16.92 -0.11
N ASP C 249 -32.99 -17.69 0.78
CA ASP C 249 -34.04 -18.64 0.37
C ASP C 249 -35.42 -17.97 0.30
N ALA C 250 -35.52 -16.69 0.65
CA ALA C 250 -36.85 -16.04 0.70
C ALA C 250 -37.38 -15.76 -0.70
N PRO C 251 -38.69 -15.95 -0.93
CA PRO C 251 -39.30 -15.63 -2.24
C PRO C 251 -39.59 -14.15 -2.37
N VAL C 252 -39.76 -13.69 -3.60
CA VAL C 252 -40.17 -12.27 -3.77
C VAL C 252 -41.56 -12.12 -3.15
N GLY C 253 -41.71 -11.13 -2.27
CA GLY C 253 -42.99 -10.97 -1.58
C GLY C 253 -42.98 -11.56 -0.18
N ARG C 254 -41.87 -12.11 0.29
CA ARG C 254 -41.90 -12.75 1.62
C ARG C 254 -42.07 -11.66 2.69
N LEU C 255 -42.79 -12.00 3.75
CA LEU C 255 -43.04 -11.04 4.86
C LEU C 255 -42.33 -11.51 6.12
N ARG C 256 -41.39 -10.69 6.58
CA ARG C 256 -40.59 -11.04 7.78
C ARG C 256 -40.91 -10.09 8.92
N PHE C 257 -40.80 -10.59 10.14
CA PHE C 257 -40.95 -9.67 11.29
C PHE C 257 -39.72 -9.88 12.15
N SER C 258 -39.00 -8.78 12.42
CA SER C 258 -37.72 -8.89 13.15
C SER C 258 -37.82 -8.08 14.44
N GLN C 259 -38.14 -8.77 15.54
CA GLN C 259 -38.27 -8.07 16.83
C GLN C 259 -36.94 -7.42 17.16
N ALA C 260 -35.84 -8.17 16.98
CA ALA C 260 -34.52 -7.69 17.43
C ALA C 260 -34.13 -6.37 16.77
N THR C 261 -34.66 -6.09 15.59
CA THR C 261 -34.21 -4.84 14.94
C THR C 261 -35.30 -3.78 15.02
N GLY C 262 -36.19 -3.89 15.99
CA GLY C 262 -37.13 -2.77 16.22
C GLY C 262 -38.55 -3.16 15.97
N ASN C 263 -38.84 -4.45 16.12
CA ASN C 263 -40.19 -4.96 15.79
C ASN C 263 -40.51 -4.54 14.36
N LYS C 264 -39.52 -4.64 13.50
CA LYS C 264 -39.81 -4.20 12.13
C LYS C 264 -40.64 -5.25 11.41
N VAL C 265 -41.41 -4.81 10.43
CA VAL C 265 -42.05 -5.79 9.50
C VAL C 265 -41.36 -5.52 8.16
N ILE C 266 -41.11 -6.60 7.43
CA ILE C 266 -40.23 -6.46 6.25
C ILE C 266 -40.85 -7.10 5.01
N VAL C 267 -40.70 -6.39 3.90
CA VAL C 267 -41.18 -6.93 2.59
C VAL C 267 -39.93 -7.20 1.74
N GLN C 268 -39.82 -8.44 1.28
CA GLN C 268 -38.61 -8.82 0.51
C GLN C 268 -38.93 -8.73 -0.99
N TYR C 269 -38.33 -7.76 -1.65
CA TYR C 269 -38.53 -7.70 -3.13
C TYR C 269 -37.20 -7.88 -3.84
N SER C 278 -34.13 -15.08 9.10
CA SER C 278 -35.12 -14.11 9.61
C SER C 278 -36.39 -14.86 9.97
N PRO C 279 -37.13 -14.39 10.97
CA PRO C 279 -38.41 -15.02 11.34
C PRO C 279 -39.45 -14.79 10.26
N VAL C 280 -40.35 -15.75 10.10
CA VAL C 280 -41.34 -15.69 8.99
C VAL C 280 -42.69 -15.21 9.53
N LEU C 281 -43.28 -14.24 8.83
CA LEU C 281 -44.58 -13.67 9.27
C LEU C 281 -45.66 -13.93 8.21
N GLY C 282 -45.39 -13.56 6.95
CA GLY C 282 -46.40 -13.87 5.91
C GLY C 282 -45.85 -13.96 4.50
N LYS C 283 -46.74 -13.88 3.52
CA LYS C 283 -46.29 -13.88 2.10
C LYS C 283 -47.29 -13.09 1.26
N VAL C 284 -46.76 -12.10 0.53
CA VAL C 284 -47.63 -11.37 -0.44
C VAL C 284 -48.10 -12.38 -1.47
N VAL C 285 -49.38 -12.31 -1.81
CA VAL C 285 -49.90 -13.23 -2.83
C VAL C 285 -49.06 -13.05 -4.11
N ASP C 286 -48.79 -14.17 -4.77
CA ASP C 286 -47.88 -14.13 -5.94
C ASP C 286 -48.46 -13.24 -7.04
N SER C 287 -49.77 -13.29 -7.22
CA SER C 287 -50.43 -12.49 -8.28
C SER C 287 -50.14 -10.99 -8.07
N HIS C 288 -50.03 -10.57 -6.81
CA HIS C 288 -49.71 -9.15 -6.51
C HIS C 288 -48.21 -8.92 -6.38
N ALA C 289 -47.42 -9.99 -6.48
CA ALA C 289 -45.94 -9.86 -6.35
C ALA C 289 -45.44 -8.69 -7.20
N ASP C 290 -45.74 -8.71 -8.50
CA ASP C 290 -45.23 -7.66 -9.44
C ASP C 290 -45.24 -6.27 -8.80
N ARG C 291 -46.30 -5.92 -8.07
CA ARG C 291 -46.43 -4.53 -7.52
C ARG C 291 -45.27 -4.18 -6.57
N LEU C 292 -44.86 -5.10 -5.69
CA LEU C 292 -43.84 -4.77 -4.66
C LEU C 292 -42.56 -4.24 -5.31
N ALA C 293 -42.13 -4.81 -6.44
CA ALA C 293 -40.84 -4.40 -7.05
C ALA C 293 -40.79 -2.87 -7.19
N GLU C 294 -41.80 -2.28 -7.83
CA GLU C 294 -41.80 -0.81 -8.08
C GLU C 294 -41.85 -0.07 -6.74
N VAL C 295 -42.66 -0.53 -5.79
CA VAL C 295 -42.75 0.12 -4.46
C VAL C 295 -41.34 0.16 -3.84
N GLY C 296 -40.59 -0.94 -3.97
CA GLY C 296 -39.24 -1.00 -3.38
C GLY C 296 -38.33 0.08 -3.95
N LYS C 297 -38.34 0.24 -5.27
CA LYS C 297 -37.50 1.30 -5.91
C LYS C 297 -37.90 2.67 -5.35
N ALA C 298 -39.21 2.91 -5.22
CA ALA C 298 -39.69 4.22 -4.73
C ALA C 298 -39.18 4.46 -3.30
N VAL C 299 -39.37 3.48 -2.41
CA VAL C 299 -38.94 3.64 -0.99
C VAL C 299 -37.40 3.69 -0.96
N TRP C 300 -36.74 3.08 -1.94
CA TRP C 300 -35.25 3.15 -2.01
C TRP C 300 -34.84 4.62 -2.08
N GLU C 301 -35.41 5.36 -3.03
CA GLU C 301 -35.05 6.79 -3.19
C GLU C 301 -35.50 7.56 -1.94
N SER C 302 -36.65 7.20 -1.37
CA SER C 302 -37.18 7.96 -0.22
C SER C 302 -36.23 7.84 0.98
N THR C 303 -35.42 6.76 1.03
CA THR C 303 -34.39 6.64 2.09
C THR C 303 -33.06 7.18 1.60
N PHE C 304 -32.72 6.98 0.33
CA PHE C 304 -31.39 7.43 -0.13
C PHE C 304 -31.36 8.95 -0.25
N SER C 305 -32.34 9.55 -0.92
CA SER C 305 -32.23 11.02 -1.14
C SER C 305 -33.58 11.77 -1.01
N SER C 306 -34.68 11.18 -1.48
CA SER C 306 -35.97 11.90 -1.44
C SER C 306 -36.22 12.41 -0.02
N LYS C 307 -36.27 11.46 0.92
CA LYS C 307 -36.71 11.83 2.29
C LYS C 307 -38.12 12.40 2.17
N GLU C 308 -38.89 11.89 1.21
CA GLU C 308 -40.33 12.22 1.15
C GLU C 308 -41.04 11.03 1.79
N PRO C 309 -41.84 11.23 2.84
CA PRO C 309 -42.41 10.10 3.57
C PRO C 309 -43.36 9.30 2.69
N VAL C 310 -43.25 7.98 2.77
CA VAL C 310 -44.26 7.11 2.12
C VAL C 310 -44.75 6.20 3.24
N TRP C 311 -46.06 5.93 3.22
CA TRP C 311 -46.65 5.27 4.40
C TRP C 311 -47.27 3.94 4.05
N LEU C 312 -46.86 2.93 4.81
CA LEU C 312 -47.47 1.60 4.63
C LEU C 312 -48.62 1.46 5.62
N THR C 313 -49.73 0.90 5.13
CA THR C 313 -50.88 0.61 5.99
C THR C 313 -51.11 -0.88 5.96
N VAL C 314 -51.17 -1.50 7.13
CA VAL C 314 -51.50 -2.95 7.15
C VAL C 314 -52.86 -3.11 7.83
N GLU C 315 -53.76 -3.73 7.08
CA GLU C 315 -55.16 -3.86 7.53
C GLU C 315 -55.55 -5.32 7.36
N ARG C 316 -56.32 -5.83 8.30
CA ARG C 316 -56.81 -7.21 8.11
C ARG C 316 -57.90 -7.22 7.05
N LEU C 317 -58.07 -8.37 6.40
CA LEU C 317 -59.15 -8.53 5.38
C LEU C 317 -59.93 -9.85 5.65
N LEU D 7 -6.15 -15.89 19.87
CA LEU D 7 -6.67 -14.51 19.67
C LEU D 7 -5.57 -13.54 20.07
N ARG D 8 -4.92 -13.83 21.18
CA ARG D 8 -3.86 -12.92 21.68
C ARG D 8 -2.87 -12.62 20.54
N GLU D 9 -2.57 -13.61 19.71
CA GLU D 9 -1.62 -13.38 18.60
C GLU D 9 -2.21 -12.33 17.65
N LEU D 10 -3.49 -12.49 17.30
CA LEU D 10 -4.15 -11.50 16.43
C LEU D 10 -4.12 -10.12 17.09
N ILE D 11 -4.37 -10.07 18.40
CA ILE D 11 -4.28 -8.77 19.11
C ILE D 11 -2.89 -8.17 18.91
N ALA D 12 -1.85 -8.98 19.16
CA ALA D 12 -0.47 -8.45 19.05
C ALA D 12 -0.25 -7.87 17.65
N SER D 13 -0.61 -8.62 16.62
CA SER D 13 -0.30 -8.12 15.25
C SER D 13 -1.09 -6.84 14.97
N PHE D 14 -2.37 -6.82 15.31
CA PHE D 14 -3.16 -5.60 15.00
C PHE D 14 -2.85 -4.49 15.99
N VAL D 15 -1.92 -4.69 16.91
CA VAL D 15 -1.52 -3.55 17.77
C VAL D 15 -1.06 -2.44 16.82
N SER D 16 -0.34 -2.80 15.78
CA SER D 16 0.00 -1.74 14.78
C SER D 16 0.02 -2.28 13.35
N GLU D 17 -0.57 -3.45 13.11
CA GLU D 17 -0.83 -3.88 11.72
C GLU D 17 -2.35 -3.70 11.48
N GLU D 18 -2.71 -3.06 10.38
CA GLU D 18 -4.14 -2.84 10.06
C GLU D 18 -4.85 -4.18 9.84
N PRO D 19 -5.91 -4.46 10.58
CA PRO D 19 -6.69 -5.69 10.33
C PRO D 19 -7.05 -5.81 8.86
N PRO D 20 -7.12 -7.03 8.34
CA PRO D 20 -7.50 -7.23 6.93
C PRO D 20 -8.96 -6.87 6.77
N GLU D 21 -9.77 -7.21 7.76
CA GLU D 21 -11.21 -6.86 7.71
C GLU D 21 -11.36 -5.34 7.56
N ILE D 22 -10.63 -4.58 8.36
CA ILE D 22 -10.80 -3.09 8.29
C ILE D 22 -10.43 -2.63 6.87
N ARG D 23 -9.34 -3.15 6.32
CA ARG D 23 -8.92 -2.66 4.99
C ARG D 23 -9.92 -3.13 3.91
N ARG D 24 -10.58 -4.27 4.11
CA ARG D 24 -11.47 -4.79 3.04
C ARG D 24 -12.83 -4.10 3.10
N ILE D 25 -13.25 -3.70 4.30
CA ILE D 25 -14.45 -2.82 4.33
C ILE D 25 -13.98 -1.42 3.94
N ARG D 26 -12.68 -1.17 3.94
CA ARG D 26 -12.22 0.22 3.70
C ARG D 26 -12.59 0.67 2.29
N THR D 27 -12.37 -0.18 1.29
CA THR D 27 -12.65 0.27 -0.09
C THR D 27 -13.49 -0.74 -0.83
N GLY D 28 -14.46 -1.34 -0.14
CA GLY D 28 -15.38 -2.31 -0.81
C GLY D 28 -14.66 -3.58 -1.17
N THR D 29 -15.24 -4.40 -2.06
CA THR D 29 -14.65 -5.70 -2.47
C THR D 29 -14.81 -6.71 -1.33
N VAL D 30 -15.39 -6.27 -0.21
CA VAL D 30 -15.65 -7.18 0.95
C VAL D 30 -16.33 -8.46 0.41
N PRO D 31 -15.92 -9.67 0.83
CA PRO D 31 -16.49 -10.94 0.30
C PRO D 31 -18.00 -10.92 0.34
N ASP D 32 -18.57 -10.42 1.44
CA ASP D 32 -20.06 -10.38 1.60
C ASP D 32 -20.66 -9.36 0.62
N LEU D 33 -19.87 -8.36 0.20
CA LEU D 33 -20.38 -7.31 -0.73
C LEU D 33 -21.70 -6.74 -0.19
N PRO D 34 -21.76 -6.18 1.05
CA PRO D 34 -23.02 -5.66 1.65
C PRO D 34 -23.34 -4.28 1.09
N GLY D 35 -24.45 -3.68 1.54
CA GLY D 35 -24.87 -2.37 1.00
C GLY D 35 -25.93 -2.56 -0.07
N SER D 36 -26.68 -1.51 -0.42
CA SER D 36 -27.80 -1.67 -1.38
C SER D 36 -27.58 -0.80 -2.63
N TYR D 37 -27.98 -1.30 -3.80
CA TYR D 37 -27.88 -0.51 -5.06
C TYR D 37 -26.42 -0.16 -5.36
N GLY D 38 -25.53 -1.17 -5.39
CA GLY D 38 -24.12 -0.94 -5.76
C GLY D 38 -23.45 0.18 -4.99
N GLN D 39 -23.45 0.09 -3.65
CA GLN D 39 -22.71 1.08 -2.81
C GLN D 39 -22.38 0.41 -1.47
N TYR D 40 -21.21 0.69 -0.90
CA TYR D 40 -20.79 -0.01 0.36
C TYR D 40 -20.77 0.93 1.55
N PHE D 41 -20.88 2.23 1.30
CA PHE D 41 -20.85 3.22 2.40
C PHE D 41 -21.80 2.82 3.53
N THR D 42 -23.01 2.39 3.19
CA THR D 42 -23.96 2.00 4.25
C THR D 42 -23.44 0.80 5.00
N ALA D 43 -23.01 -0.23 4.27
CA ALA D 43 -22.44 -1.42 4.94
C ALA D 43 -21.27 -0.97 5.82
N TRP D 44 -20.45 -0.07 5.30
CA TRP D 44 -19.26 0.41 6.06
C TRP D 44 -19.70 1.11 7.33
N ASP D 45 -20.58 2.09 7.20
CA ASP D 45 -21.10 2.82 8.37
C ASP D 45 -21.63 1.83 9.39
N PHE D 46 -22.26 0.78 8.88
CA PHE D 46 -22.87 -0.17 9.84
C PHE D 46 -21.77 -0.92 10.57
N SER D 47 -20.79 -1.44 9.84
CA SER D 47 -19.71 -2.22 10.48
C SER D 47 -19.02 -1.35 11.54
N ASN D 48 -18.67 -0.13 11.16
CA ASN D 48 -18.07 0.79 12.17
C ASN D 48 -18.95 0.84 13.41
N SER D 49 -20.18 1.30 13.26
CA SER D 49 -21.06 1.53 14.43
C SER D 49 -21.27 0.25 15.24
N ILE D 50 -21.38 -0.87 14.52
CA ILE D 50 -21.78 -2.09 15.26
C ILE D 50 -20.59 -2.69 15.99
N VAL D 51 -19.39 -2.60 15.42
CA VAL D 51 -18.24 -3.12 16.21
C VAL D 51 -17.97 -2.17 17.38
N ARG D 52 -18.04 -0.87 17.16
CA ARG D 52 -17.78 0.02 18.31
C ARG D 52 -18.78 -0.31 19.43
N ASP D 53 -20.06 -0.39 19.11
CA ASP D 53 -21.07 -0.59 20.17
C ASP D 53 -21.01 -2.02 20.68
N TYR D 54 -20.61 -2.95 19.81
CA TYR D 54 -20.38 -4.32 20.30
C TYR D 54 -19.30 -4.28 21.36
N ALA D 55 -18.22 -3.54 21.10
CA ALA D 55 -17.11 -3.42 22.07
C ALA D 55 -17.64 -2.85 23.37
N MET D 56 -18.45 -1.80 23.25
CA MET D 56 -19.02 -1.13 24.45
C MET D 56 -19.82 -2.16 25.26
N ASN D 57 -20.59 -3.01 24.58
CA ASN D 57 -21.34 -4.08 25.28
C ASN D 57 -20.35 -5.02 25.97
N LEU D 58 -19.33 -5.45 25.25
CA LEU D 58 -18.36 -6.41 25.83
C LEU D 58 -17.75 -5.84 27.09
N TYR D 59 -17.31 -4.58 27.05
CA TYR D 59 -16.65 -4.05 28.26
C TYR D 59 -17.65 -4.05 29.42
N GLN D 60 -18.89 -3.62 29.17
CA GLN D 60 -19.81 -3.64 30.31
C GLN D 60 -20.09 -5.07 30.75
N LEU D 61 -19.99 -6.02 29.83
CA LEU D 61 -20.18 -7.41 30.26
C LEU D 61 -19.00 -7.89 31.11
N THR D 62 -17.77 -7.51 30.76
CA THR D 62 -16.63 -7.90 31.62
C THR D 62 -16.80 -7.30 33.00
N ARG D 63 -17.11 -6.00 33.05
CA ARG D 63 -17.39 -5.40 34.37
C ARG D 63 -18.45 -6.25 35.07
N LEU D 64 -19.44 -6.72 34.33
CA LEU D 64 -20.47 -7.60 34.95
C LEU D 64 -19.79 -8.85 35.53
N ALA D 65 -18.86 -9.44 34.79
CA ALA D 65 -18.11 -10.64 35.27
C ALA D 65 -17.33 -10.32 36.55
N THR D 66 -17.02 -9.05 36.81
CA THR D 66 -16.40 -8.73 38.11
C THR D 66 -17.47 -8.65 39.18
N ASP D 67 -18.70 -8.32 38.82
CA ASP D 67 -19.78 -8.39 39.83
C ASP D 67 -20.26 -9.83 39.91
N GLU D 68 -20.36 -10.35 41.13
CA GLU D 68 -20.81 -11.77 41.28
C GLU D 68 -22.10 -11.85 42.05
N SER D 69 -22.71 -10.69 42.30
CA SER D 69 -24.14 -10.72 42.67
C SER D 69 -24.74 -11.39 41.43
N VAL D 70 -24.24 -11.01 40.25
CA VAL D 70 -24.63 -11.77 39.05
C VAL D 70 -23.96 -13.14 39.14
N SER D 71 -24.77 -14.18 39.08
CA SER D 71 -24.23 -15.55 39.06
C SER D 71 -23.46 -15.81 37.75
N VAL D 72 -22.80 -16.94 37.68
CA VAL D 72 -21.98 -17.19 36.47
C VAL D 72 -22.92 -17.61 35.33
N GLU D 73 -23.99 -18.33 35.66
CA GLU D 73 -25.00 -18.73 34.64
C GLU D 73 -25.73 -17.47 34.16
N ASN D 74 -26.10 -16.59 35.08
CA ASN D 74 -26.82 -15.33 34.72
C ASN D 74 -25.95 -14.54 33.74
N LEU D 75 -24.65 -14.42 34.03
CA LEU D 75 -23.72 -13.66 33.15
C LEU D 75 -23.76 -14.25 31.73
N LEU D 76 -23.65 -15.57 31.62
CA LEU D 76 -23.61 -16.23 30.29
C LEU D 76 -24.92 -15.95 29.54
N THR D 77 -26.06 -16.12 30.21
CA THR D 77 -27.37 -15.93 29.56
C THR D 77 -27.48 -14.48 29.09
N VAL D 78 -27.07 -13.54 29.95
CA VAL D 78 -27.15 -12.09 29.61
C VAL D 78 -26.29 -11.83 28.35
N PHE D 79 -25.08 -12.39 28.33
CA PHE D 79 -24.16 -12.20 27.18
C PHE D 79 -24.76 -12.88 25.94
N ARG D 80 -25.40 -14.03 26.12
CA ARG D 80 -25.92 -14.81 24.96
C ARG D 80 -27.16 -14.12 24.33
N THR D 81 -27.55 -12.96 24.83
CA THR D 81 -28.78 -12.30 24.31
C THR D 81 -28.42 -11.09 23.49
N LEU D 82 -27.63 -10.17 24.04
CA LEU D 82 -27.31 -8.90 23.34
C LEU D 82 -26.12 -9.09 22.37
N ASP D 83 -25.20 -10.00 22.70
CA ASP D 83 -23.98 -10.18 21.85
C ASP D 83 -24.33 -10.74 20.47
N PRO D 84 -25.19 -11.77 20.31
CA PRO D 84 -25.43 -12.41 18.97
C PRO D 84 -25.85 -11.39 17.92
N ILE D 85 -26.80 -10.51 18.22
CA ILE D 85 -27.30 -9.55 17.19
C ILE D 85 -26.10 -8.81 16.57
N TYR D 86 -25.24 -8.24 17.41
CA TYR D 86 -24.07 -7.46 16.91
C TYR D 86 -23.12 -8.42 16.20
N SER D 87 -22.79 -9.54 16.84
CA SER D 87 -21.83 -10.51 16.25
C SER D 87 -22.30 -10.98 14.86
N THR D 88 -23.46 -11.64 14.80
CA THR D 88 -23.94 -12.21 13.52
C THR D 88 -23.86 -11.14 12.45
N PHE D 89 -24.35 -9.93 12.76
CA PHE D 89 -24.37 -8.84 11.76
C PHE D 89 -22.93 -8.54 11.32
N LEU D 90 -22.04 -8.34 12.30
CA LEU D 90 -20.63 -8.02 11.98
C LEU D 90 -20.02 -9.17 11.18
N GLY D 91 -20.42 -10.42 11.47
CA GLY D 91 -19.93 -11.58 10.70
C GLY D 91 -20.26 -11.39 9.24
N TYR D 92 -21.44 -10.83 8.94
CA TYR D 92 -21.85 -10.57 7.53
C TYR D 92 -21.41 -9.17 7.11
N ASN D 93 -20.86 -8.41 8.06
CA ASN D 93 -20.45 -7.01 7.78
C ASN D 93 -18.92 -6.89 7.78
N GLY D 94 -18.21 -8.01 7.63
CA GLY D 94 -16.74 -7.96 7.55
C GLY D 94 -16.08 -8.27 8.88
N PHE D 95 -16.75 -8.99 9.77
CA PHE D 95 -16.11 -9.40 11.06
C PHE D 95 -16.53 -10.84 11.39
N PRO D 96 -16.21 -11.84 10.54
CA PRO D 96 -16.63 -13.26 10.75
C PRO D 96 -15.92 -13.86 11.95
N VAL D 97 -14.60 -13.65 12.05
CA VAL D 97 -13.81 -14.20 13.19
C VAL D 97 -14.41 -13.67 14.50
N LEU D 98 -14.81 -12.40 14.52
CA LEU D 98 -15.44 -11.82 15.74
C LEU D 98 -16.65 -12.67 16.13
N ALA D 99 -17.52 -12.98 15.16
CA ALA D 99 -18.73 -13.79 15.45
C ALA D 99 -18.30 -15.18 15.92
N GLU D 100 -17.29 -15.77 15.26
CA GLU D 100 -16.83 -17.13 15.63
C GLU D 100 -16.29 -17.11 17.07
N TYR D 101 -15.58 -16.05 17.46
CA TYR D 101 -14.99 -15.97 18.81
C TYR D 101 -16.10 -15.70 19.83
N ALA D 102 -17.09 -14.87 19.47
CA ALA D 102 -18.24 -14.66 20.38
C ALA D 102 -18.85 -16.03 20.69
N GLN D 103 -18.86 -16.91 19.70
CA GLN D 103 -19.41 -18.27 19.87
C GLN D 103 -18.55 -19.00 20.91
N ARG D 104 -17.24 -18.81 20.84
CA ARG D 104 -16.39 -19.39 21.89
C ARG D 104 -16.84 -18.83 23.25
N VAL D 105 -16.89 -17.52 23.37
CA VAL D 105 -17.15 -16.91 24.70
C VAL D 105 -18.40 -17.51 25.36
N GLY D 106 -19.41 -17.83 24.57
CA GLY D 106 -20.64 -18.31 25.21
C GLY D 106 -20.53 -19.70 25.80
N GLN D 107 -19.71 -20.58 25.22
CA GLN D 107 -19.71 -22.02 25.59
C GLN D 107 -19.53 -22.25 27.09
N PRO D 108 -19.90 -23.43 27.61
CA PRO D 108 -19.91 -23.67 29.06
C PRO D 108 -18.60 -23.25 29.69
N ALA D 109 -18.72 -22.67 30.89
CA ALA D 109 -17.52 -22.19 31.60
C ALA D 109 -17.50 -22.80 33.01
N GLU D 110 -16.29 -23.02 33.53
CA GLU D 110 -16.10 -23.65 34.87
C GLU D 110 -15.78 -22.60 35.95
N SER D 111 -15.33 -21.41 35.58
CA SER D 111 -15.10 -20.41 36.64
C SER D 111 -15.39 -19.02 36.13
N ARG D 112 -15.98 -18.18 37.00
CA ARG D 112 -16.15 -16.75 36.68
C ARG D 112 -14.82 -16.23 36.13
N ALA D 113 -13.71 -16.71 36.67
CA ALA D 113 -12.37 -16.27 36.22
C ALA D 113 -12.12 -16.67 34.76
N GLU D 114 -12.47 -17.90 34.40
CA GLU D 114 -12.30 -18.33 33.00
C GLU D 114 -13.12 -17.43 32.08
N LEU D 115 -14.39 -17.23 32.45
CA LEU D 115 -15.27 -16.37 31.63
C LEU D 115 -14.65 -14.97 31.55
N LEU D 116 -14.25 -14.43 32.69
CA LEU D 116 -13.71 -13.05 32.68
C LEU D 116 -12.50 -12.98 31.76
N ASP D 117 -11.66 -14.02 31.74
CA ASP D 117 -10.46 -13.94 30.87
C ASP D 117 -10.89 -13.92 29.40
N ARG D 118 -11.81 -14.81 29.05
CA ARG D 118 -12.33 -14.79 27.66
C ARG D 118 -12.94 -13.41 27.37
N LEU D 119 -13.71 -12.89 28.31
CA LEU D 119 -14.39 -11.60 28.05
C LEU D 119 -13.35 -10.50 27.82
N THR D 120 -12.31 -10.46 28.65
CA THR D 120 -11.30 -9.38 28.53
C THR D 120 -10.50 -9.54 27.26
N THR D 121 -10.12 -10.76 26.95
CA THR D 121 -9.38 -10.97 25.69
C THR D 121 -10.25 -10.50 24.53
N PHE D 122 -11.49 -10.97 24.48
CA PHE D 122 -12.39 -10.60 23.37
C PHE D 122 -12.51 -9.09 23.31
N THR D 123 -13.00 -8.50 24.39
CA THR D 123 -13.11 -7.03 24.44
C THR D 123 -11.89 -6.38 23.84
N GLU D 124 -10.70 -6.80 24.25
CA GLU D 124 -9.50 -6.09 23.74
C GLU D 124 -9.36 -6.28 22.24
N TYR D 125 -9.61 -7.50 21.76
CA TYR D 125 -9.54 -7.76 20.30
C TYR D 125 -10.44 -6.76 19.59
N VAL D 126 -11.72 -6.80 19.91
CA VAL D 126 -12.70 -5.94 19.17
C VAL D 126 -12.33 -4.45 19.38
N ASN D 127 -11.73 -4.12 20.52
CA ASN D 127 -11.27 -2.73 20.76
C ASN D 127 -10.24 -2.35 19.69
N ARG D 128 -9.31 -3.26 19.40
CA ARG D 128 -8.27 -2.99 18.37
C ARG D 128 -8.95 -2.79 17.00
N LEU D 129 -9.93 -3.63 16.67
CA LEU D 129 -10.68 -3.48 15.40
C LEU D 129 -11.34 -2.10 15.38
N THR D 130 -11.99 -1.72 16.48
CA THR D 130 -12.67 -0.41 16.56
C THR D 130 -11.65 0.68 16.32
N ALA D 131 -10.47 0.56 16.95
CA ALA D 131 -9.41 1.58 16.82
C ALA D 131 -9.08 1.81 15.34
N TRP D 132 -8.81 0.73 14.60
CA TRP D 132 -8.43 0.86 13.18
C TRP D 132 -9.64 1.33 12.35
N SER D 133 -10.82 0.77 12.62
CA SER D 133 -12.04 1.23 11.91
C SER D 133 -12.17 2.74 12.09
N HIS D 134 -12.04 3.22 13.33
CA HIS D 134 -12.13 4.67 13.60
C HIS D 134 -11.09 5.41 12.77
N HIS D 135 -9.87 4.87 12.69
CA HIS D 135 -8.86 5.62 11.93
C HIS D 135 -9.23 5.63 10.44
N TYR D 136 -9.71 4.50 9.93
CA TYR D 136 -9.94 4.45 8.45
C TYR D 136 -11.38 4.74 8.08
N PHE D 137 -12.20 5.18 9.01
CA PHE D 137 -13.57 5.51 8.58
C PHE D 137 -13.59 6.84 7.83
N PRO D 138 -14.43 7.01 6.81
CA PRO D 138 -14.37 8.25 5.98
C PRO D 138 -15.16 9.40 6.59
N TRP D 139 -14.68 9.91 7.72
CA TRP D 139 -15.41 11.01 8.42
C TRP D 139 -15.41 12.30 7.60
N ASP D 140 -14.65 12.37 6.52
CA ASP D 140 -14.48 13.66 5.79
C ASP D 140 -15.70 14.04 4.97
N LEU D 141 -16.50 13.07 4.53
CA LEU D 141 -17.60 13.39 3.57
C LEU D 141 -18.56 14.41 4.17
N GLY D 142 -19.23 14.03 5.26
CA GLY D 142 -20.25 14.93 5.83
C GLY D 142 -19.70 16.28 6.23
N GLY D 143 -18.39 16.37 6.49
CA GLY D 143 -17.82 17.70 6.77
C GLY D 143 -18.07 18.64 5.62
N GLU D 144 -18.05 18.11 4.39
CA GLU D 144 -18.19 18.98 3.19
C GLU D 144 -19.58 19.62 3.15
N ARG D 145 -20.63 18.82 3.39
CA ARG D 145 -22.03 19.33 3.24
C ARG D 145 -22.67 19.72 4.58
N TYR D 146 -22.09 19.29 5.71
CA TYR D 146 -22.74 19.51 7.04
C TYR D 146 -21.86 20.40 7.91
N ARG D 147 -22.10 21.71 7.86
CA ARG D 147 -21.31 22.69 8.67
C ARG D 147 -22.14 23.18 9.85
N TYR D 148 -21.57 23.12 11.06
CA TYR D 148 -22.25 23.63 12.25
C TYR D 148 -22.02 25.15 12.37
N ASP D 175 -0.99 14.06 46.47
CA ASP D 175 0.45 14.17 46.82
C ASP D 175 1.31 14.34 45.57
N PRO D 176 2.01 15.48 45.43
CA PRO D 176 2.96 15.65 44.32
C PRO D 176 4.08 14.63 44.46
N SER D 177 4.16 13.98 45.62
CA SER D 177 5.23 13.00 45.87
C SER D 177 5.09 11.79 44.96
N GLN D 178 3.86 11.38 44.64
CA GLN D 178 3.70 10.11 43.91
C GLN D 178 3.49 10.31 42.39
N ARG D 179 3.73 11.50 41.85
CA ARG D 179 3.43 11.71 40.41
C ARG D 179 4.45 10.99 39.53
N ILE D 180 4.12 9.77 39.13
CA ILE D 180 5.11 8.97 38.36
C ILE D 180 5.32 9.60 36.98
N PRO D 181 6.56 9.80 36.54
CA PRO D 181 6.79 10.48 35.27
C PRO D 181 6.86 9.48 34.13
N VAL D 182 6.33 9.89 32.99
CA VAL D 182 6.45 9.05 31.77
C VAL D 182 6.68 10.03 30.61
N ARG D 183 6.84 9.47 29.41
CA ARG D 183 7.09 10.35 28.25
C ARG D 183 6.22 9.89 27.09
N LEU D 184 5.61 10.87 26.41
CA LEU D 184 4.72 10.58 25.27
C LEU D 184 5.41 11.07 23.99
N THR D 185 5.49 10.20 22.98
CA THR D 185 6.15 10.56 21.71
C THR D 185 5.13 10.44 20.59
N TRP D 186 5.35 11.17 19.49
CA TRP D 186 4.43 11.05 18.32
C TRP D 186 5.25 10.85 17.04
N GLN D 187 5.00 9.74 16.34
CA GLN D 187 5.75 9.44 15.10
C GLN D 187 4.76 9.34 13.92
N PRO D 188 5.14 9.78 12.70
CA PRO D 188 6.47 10.36 12.40
C PRO D 188 6.48 11.87 12.64
N LEU D 189 5.60 12.33 13.54
CA LEU D 189 5.49 13.79 13.82
C LEU D 189 6.79 14.28 14.51
N GLY D 190 7.45 13.40 15.27
CA GLY D 190 8.70 13.77 15.96
C GLY D 190 8.44 14.72 17.11
N VAL D 191 7.24 14.65 17.70
CA VAL D 191 6.89 15.51 18.88
C VAL D 191 7.03 14.67 20.16
N GLN D 192 7.76 15.18 21.15
CA GLN D 192 7.96 14.45 22.42
C GLN D 192 7.58 15.35 23.60
N VAL D 193 6.85 14.82 24.59
CA VAL D 193 6.41 15.61 25.76
C VAL D 193 6.61 14.71 26.98
N ASP D 194 6.70 15.32 28.15
CA ASP D 194 6.91 14.55 29.39
C ASP D 194 5.71 14.81 30.30
N ALA D 195 5.26 13.77 31.00
CA ALA D 195 4.02 13.98 31.76
C ALA D 195 4.01 13.17 33.05
N GLU D 196 3.17 13.61 33.98
CA GLU D 196 3.11 12.95 35.32
C GLU D 196 1.77 12.22 35.48
N ILE D 197 1.83 10.95 35.85
CA ILE D 197 0.62 10.12 36.06
C ILE D 197 0.35 10.09 37.57
N TYR D 198 -0.81 10.57 37.98
CA TYR D 198 -1.04 10.69 39.43
C TYR D 198 -1.62 9.37 39.91
N ALA D 199 -0.77 8.54 40.50
CA ALA D 199 -1.25 7.24 41.04
C ALA D 199 -2.21 7.51 42.19
N ASP D 200 -1.97 8.58 42.95
CA ASP D 200 -2.83 8.89 44.13
C ASP D 200 -4.28 9.12 43.67
N LEU D 201 -4.48 9.84 42.56
CA LEU D 201 -5.85 10.16 42.09
C LEU D 201 -6.63 8.85 41.85
N ASN D 202 -6.08 7.96 41.02
CA ASN D 202 -6.74 6.66 40.72
C ASN D 202 -5.68 5.56 40.77
N PRO D 203 -5.40 4.93 41.94
CA PRO D 203 -4.30 3.92 42.07
C PRO D 203 -4.48 2.77 41.08
N GLN D 204 -5.57 2.02 41.21
CA GLN D 204 -5.78 0.84 40.33
C GLN D 204 -5.71 1.29 38.87
N LEU D 205 -6.40 2.39 38.53
CA LEU D 205 -6.39 2.91 37.15
C LEU D 205 -4.94 3.08 36.71
N ALA D 206 -4.21 3.96 37.39
CA ALA D 206 -2.80 4.23 37.03
C ALA D 206 -1.99 2.93 37.01
N THR D 207 -2.23 2.06 37.98
CA THR D 207 -1.48 0.79 38.01
C THR D 207 -1.70 0.05 36.70
N ASP D 208 -2.96 -0.14 36.32
CA ASP D 208 -3.22 -0.92 35.08
C ASP D 208 -2.65 -0.20 33.86
N VAL D 209 -2.70 1.13 33.85
CA VAL D 209 -2.13 1.85 32.68
C VAL D 209 -0.61 1.65 32.62
N LEU D 210 0.07 1.81 33.75
CA LEU D 210 1.55 1.69 33.70
C LEU D 210 1.90 0.28 33.23
N LYS D 211 1.15 -0.71 33.69
CA LYS D 211 1.53 -2.09 33.33
C LYS D 211 1.72 -2.26 31.83
N ALA D 212 1.17 -1.36 31.02
CA ALA D 212 1.23 -1.49 29.55
C ALA D 212 2.48 -0.80 29.01
N LEU D 213 3.13 0.03 29.84
CA LEU D 213 4.32 0.79 29.38
C LEU D 213 5.48 -0.20 29.15
N PRO D 214 6.42 0.08 28.22
CA PRO D 214 6.18 1.01 27.08
C PRO D 214 5.32 0.36 26.00
N PHE D 215 4.57 1.17 25.26
CA PHE D 215 3.72 0.63 24.16
C PHE D 215 3.56 1.70 23.08
N THR D 216 3.35 1.27 21.83
CA THR D 216 3.14 2.22 20.71
C THR D 216 1.84 1.89 20.03
N VAL D 217 0.90 2.84 19.97
CA VAL D 217 -0.41 2.60 19.31
C VAL D 217 -0.71 3.75 18.36
N LEU D 218 -1.55 3.48 17.36
CA LEU D 218 -2.00 4.58 16.50
C LEU D 218 -2.60 5.69 17.37
N GLN D 219 -2.36 6.93 16.96
CA GLN D 219 -2.96 8.07 17.67
C GLN D 219 -4.02 8.67 16.74
N ASP D 220 -5.26 8.71 17.19
CA ASP D 220 -6.36 9.24 16.37
C ASP D 220 -7.04 10.37 17.13
N HIS D 221 -7.76 11.20 16.40
CA HIS D 221 -8.41 12.37 17.03
C HIS D 221 -9.84 12.04 17.41
N ALA D 222 -10.46 12.88 18.25
CA ALA D 222 -11.89 12.70 18.59
C ALA D 222 -12.75 13.44 17.55
N VAL D 223 -13.83 12.81 17.13
CA VAL D 223 -14.67 13.41 16.05
C VAL D 223 -15.87 14.17 16.62
N VAL D 224 -16.22 13.93 17.90
CA VAL D 224 -17.42 14.57 18.50
C VAL D 224 -17.00 15.34 19.77
N SER D 225 -16.09 14.78 20.56
CA SER D 225 -15.69 15.44 21.84
C SER D 225 -15.21 16.86 21.59
N GLY D 226 -14.31 17.05 20.61
CA GLY D 226 -13.74 18.39 20.35
C GLY D 226 -12.26 18.31 20.05
N GLU D 227 -11.47 19.23 20.61
CA GLU D 227 -10.00 19.22 20.40
C GLU D 227 -9.36 18.19 21.33
N SER D 228 -9.67 16.90 21.14
CA SER D 228 -9.08 15.82 21.97
C SER D 228 -8.59 14.69 21.07
N MET D 229 -7.50 14.03 21.44
CA MET D 229 -6.92 12.95 20.61
C MET D 229 -6.73 11.70 21.47
N TYR D 230 -7.32 10.58 21.08
CA TYR D 230 -7.22 9.35 21.91
C TYR D 230 -6.53 8.26 21.12
N ALA D 231 -6.02 7.27 21.86
CA ALA D 231 -5.32 6.12 21.26
C ALA D 231 -5.70 4.89 22.08
N TRP D 232 -5.95 3.78 21.41
CA TRP D 232 -6.53 2.61 22.11
C TRP D 232 -5.47 1.83 22.86
N ALA D 233 -5.52 1.93 24.19
CA ALA D 233 -4.50 1.25 25.02
C ALA D 233 -4.59 -0.26 24.86
N PRO D 234 -3.45 -0.99 24.83
CA PRO D 234 -3.48 -2.48 24.78
C PRO D 234 -3.81 -3.05 26.16
N LEU D 235 -4.93 -2.61 26.72
CA LEU D 235 -5.26 -3.01 28.11
C LEU D 235 -6.76 -3.25 28.21
N VAL D 236 -7.18 -3.89 29.29
CA VAL D 236 -8.63 -3.99 29.56
C VAL D 236 -8.76 -3.73 31.06
N SER D 237 -9.22 -2.54 31.40
CA SER D 237 -9.17 -2.11 32.80
C SER D 237 -10.56 -2.03 33.42
N VAL D 238 -10.84 -2.89 34.41
CA VAL D 238 -12.10 -2.73 35.18
C VAL D 238 -11.76 -1.97 36.47
N ALA D 239 -10.63 -1.27 36.48
CA ALA D 239 -10.17 -0.59 37.70
C ALA D 239 -11.17 0.47 38.15
N PRO D 240 -11.43 0.59 39.46
CA PRO D 240 -12.30 1.66 39.97
C PRO D 240 -11.68 3.01 39.61
N THR D 241 -12.54 3.98 39.29
CA THR D 241 -12.04 5.33 38.97
C THR D 241 -12.72 6.29 39.91
N PRO D 242 -12.26 6.36 41.16
CA PRO D 242 -12.94 7.22 42.15
C PRO D 242 -12.87 8.68 41.74
N VAL D 243 -11.81 9.08 41.03
CA VAL D 243 -11.65 10.51 40.69
C VAL D 243 -11.91 10.70 39.20
N ARG D 244 -13.00 11.39 38.89
CA ARG D 244 -13.26 11.76 37.49
C ARG D 244 -13.36 13.28 37.42
N GLU D 245 -13.09 13.84 36.24
CA GLU D 245 -13.10 15.31 36.08
C GLU D 245 -13.95 15.70 34.88
N ARG D 246 -14.70 16.79 35.03
CA ARG D 246 -15.61 17.22 33.94
C ARG D 246 -14.80 17.84 32.81
N ILE D 247 -14.83 17.21 31.64
CA ILE D 247 -14.03 17.64 30.46
C ILE D 247 -14.02 19.16 30.29
N CYS D 248 -15.15 19.80 30.61
CA CYS D 248 -15.25 21.26 30.38
C CYS D 248 -14.20 22.03 31.19
N ASP D 249 -13.99 21.62 32.45
CA ASP D 249 -12.96 22.26 33.29
C ASP D 249 -11.63 21.52 33.20
N ALA D 250 -11.43 20.75 32.14
CA ALA D 250 -10.13 20.06 31.99
C ALA D 250 -9.07 21.06 31.52
N PRO D 251 -7.85 20.99 32.05
CA PRO D 251 -6.75 21.85 31.59
C PRO D 251 -6.09 21.26 30.35
N VAL D 252 -5.44 22.13 29.58
CA VAL D 252 -4.70 21.63 28.39
C VAL D 252 -3.60 20.69 28.88
N GLY D 253 -3.34 19.63 28.12
CA GLY D 253 -2.37 18.62 28.57
C GLY D 253 -2.99 17.61 29.53
N ARG D 254 -4.24 17.82 29.95
CA ARG D 254 -4.89 16.81 30.81
C ARG D 254 -4.89 15.44 30.10
N LEU D 255 -4.58 14.40 30.87
CA LEU D 255 -4.63 13.02 30.33
C LEU D 255 -5.80 12.30 31.01
N ARG D 256 -6.60 11.58 30.20
CA ARG D 256 -7.77 10.86 30.74
C ARG D 256 -7.81 9.44 30.16
N PHE D 257 -8.72 8.59 30.65
CA PHE D 257 -8.83 7.21 30.14
C PHE D 257 -10.30 6.89 29.87
N SER D 258 -10.56 5.99 28.92
CA SER D 258 -11.96 5.64 28.56
C SER D 258 -12.14 4.10 28.57
N GLN D 259 -11.92 3.47 29.73
CA GLN D 259 -12.09 2.00 29.84
C GLN D 259 -13.53 1.64 29.43
N ALA D 260 -14.50 2.45 29.84
CA ALA D 260 -15.93 2.19 29.51
C ALA D 260 -16.14 2.16 28.00
N THR D 261 -15.44 3.04 27.27
CA THR D 261 -15.65 3.14 25.81
C THR D 261 -14.34 2.92 25.07
N GLY D 262 -13.88 1.66 24.99
CA GLY D 262 -12.67 1.37 24.19
C GLY D 262 -11.41 1.21 25.04
N ASN D 263 -11.50 1.45 26.35
CA ASN D 263 -10.33 1.23 27.24
C ASN D 263 -9.12 1.92 26.60
N LYS D 264 -9.22 3.22 26.31
CA LYS D 264 -8.12 3.92 25.57
C LYS D 264 -7.64 5.16 26.35
N VAL D 265 -6.48 5.70 25.96
CA VAL D 265 -5.93 6.93 26.62
C VAL D 265 -6.41 8.16 25.82
N ILE D 266 -6.52 9.33 26.46
CA ILE D 266 -7.06 10.55 25.80
C ILE D 266 -6.27 11.75 26.32
N VAL D 267 -5.68 12.50 25.40
CA VAL D 267 -4.96 13.73 25.80
C VAL D 267 -5.75 14.91 25.26
N GLN D 268 -5.99 15.91 26.10
CA GLN D 268 -6.81 17.08 25.69
C GLN D 268 -5.92 18.28 25.43
N TYR D 269 -5.79 18.68 24.17
CA TYR D 269 -4.87 19.79 23.87
C TYR D 269 -5.64 21.10 23.66
N SER D 278 -14.78 12.50 33.58
CA SER D 278 -13.83 11.56 32.93
C SER D 278 -12.81 11.07 33.96
N PRO D 279 -12.41 9.79 33.90
CA PRO D 279 -11.33 9.28 34.77
C PRO D 279 -10.06 10.04 34.47
N VAL D 280 -9.51 10.70 35.49
CA VAL D 280 -8.32 11.59 35.27
C VAL D 280 -7.03 10.82 35.55
N LEU D 281 -6.17 10.70 34.52
CA LEU D 281 -4.92 9.92 34.65
C LEU D 281 -3.75 10.79 35.15
N GLY D 282 -3.60 11.99 34.57
CA GLY D 282 -2.50 12.89 34.98
C GLY D 282 -2.39 14.14 34.11
N LYS D 283 -1.17 14.56 33.78
CA LYS D 283 -1.07 15.81 33.00
C LYS D 283 0.25 15.90 32.27
N VAL D 284 0.23 16.53 31.09
CA VAL D 284 1.51 16.88 30.43
C VAL D 284 1.99 18.17 31.10
N VAL D 285 3.26 18.19 31.51
CA VAL D 285 3.75 19.37 32.27
C VAL D 285 3.71 20.64 31.41
N ASP D 286 3.46 21.76 32.06
CA ASP D 286 3.22 23.05 31.35
C ASP D 286 4.27 23.39 30.30
N SER D 287 5.51 22.98 30.52
CA SER D 287 6.59 23.37 29.57
C SER D 287 6.32 22.81 28.17
N HIS D 288 5.74 21.61 28.09
CA HIS D 288 5.51 20.99 26.76
C HIS D 288 4.03 21.02 26.36
N ALA D 289 3.16 21.54 27.22
CA ALA D 289 1.75 21.69 26.80
C ALA D 289 1.72 22.54 25.53
N ASP D 290 2.62 23.51 25.43
CA ASP D 290 2.72 24.33 24.20
C ASP D 290 2.96 23.45 22.98
N ARG D 291 3.63 22.32 23.18
CA ARG D 291 3.95 21.46 22.02
C ARG D 291 2.73 20.63 21.60
N LEU D 292 1.69 20.56 22.43
CA LEU D 292 0.52 19.68 22.12
C LEU D 292 -0.41 20.25 21.06
N ALA D 293 -0.30 21.54 20.72
CA ALA D 293 -1.26 22.11 19.76
C ALA D 293 -1.00 21.54 18.36
N GLU D 294 0.27 21.48 17.94
CA GLU D 294 0.62 20.97 16.59
C GLU D 294 0.17 19.51 16.47
N VAL D 295 0.56 18.69 17.43
CA VAL D 295 -0.05 17.35 17.45
C VAL D 295 -1.53 17.62 17.68
N GLY D 296 -2.39 16.76 17.17
CA GLY D 296 -3.81 17.12 17.32
C GLY D 296 -4.27 17.81 16.07
N LYS D 297 -3.64 18.92 15.70
CA LYS D 297 -3.95 19.46 14.36
C LYS D 297 -3.47 18.41 13.34
N ALA D 298 -2.28 17.84 13.56
CA ALA D 298 -1.70 16.87 12.61
C ALA D 298 -2.51 15.57 12.57
N VAL D 299 -2.86 15.03 13.74
CA VAL D 299 -3.71 13.81 13.74
C VAL D 299 -5.17 14.14 13.42
N TRP D 300 -5.57 15.41 13.54
CA TRP D 300 -6.96 15.74 13.11
C TRP D 300 -7.01 15.70 11.61
N GLU D 301 -5.94 16.17 10.98
CA GLU D 301 -5.88 15.95 9.52
C GLU D 301 -5.72 14.44 9.25
N SER D 302 -5.08 13.69 10.14
CA SER D 302 -4.97 12.23 9.90
C SER D 302 -6.34 11.55 10.07
N THR D 303 -7.01 11.80 11.20
CA THR D 303 -8.27 11.08 11.49
C THR D 303 -9.41 11.59 10.63
N PHE D 304 -9.42 12.87 10.29
CA PHE D 304 -10.58 13.39 9.52
C PHE D 304 -10.31 13.37 8.01
N SER D 305 -9.05 13.54 7.59
CA SER D 305 -8.81 13.76 6.15
C SER D 305 -7.77 12.83 5.51
N SER D 306 -6.55 12.81 6.06
CA SER D 306 -5.44 12.11 5.37
C SER D 306 -5.36 10.62 5.69
N LYS D 307 -5.71 10.24 6.93
CA LYS D 307 -5.66 8.81 7.38
C LYS D 307 -4.23 8.27 7.28
N GLU D 308 -3.23 9.15 7.23
CA GLU D 308 -1.82 8.71 7.31
C GLU D 308 -1.57 8.36 8.78
N PRO D 309 -1.04 7.18 9.08
CA PRO D 309 -0.95 6.73 10.49
C PRO D 309 -0.05 7.63 11.31
N VAL D 310 -0.49 7.96 12.52
CA VAL D 310 0.39 8.72 13.45
C VAL D 310 0.45 7.92 14.74
N TRP D 311 1.67 7.56 15.14
CA TRP D 311 1.79 6.68 16.31
C TRP D 311 2.17 7.43 17.56
N LEU D 312 1.71 6.89 18.69
CA LEU D 312 2.11 7.46 19.99
C LEU D 312 2.75 6.35 20.81
N THR D 313 3.92 6.65 21.37
CA THR D 313 4.57 5.74 22.30
C THR D 313 4.52 6.36 23.67
N VAL D 314 4.16 5.57 24.67
CA VAL D 314 4.33 6.06 26.05
C VAL D 314 5.36 5.14 26.71
N GLU D 315 6.40 5.77 27.28
CA GLU D 315 7.50 5.03 27.94
C GLU D 315 7.51 5.47 29.41
N ARG D 316 7.92 4.57 30.30
CA ARG D 316 8.06 4.98 31.71
C ARG D 316 9.31 5.85 31.87
N LEU D 317 9.28 6.75 32.84
CA LEU D 317 10.54 7.46 33.16
C LEU D 317 10.96 7.05 34.56
N LEU E 7 31.83 16.77 -20.66
CA LEU E 7 31.27 17.51 -19.50
C LEU E 7 32.31 17.64 -18.37
N ARG E 8 32.92 16.54 -17.96
CA ARG E 8 33.83 16.52 -16.77
C ARG E 8 34.75 17.74 -16.72
N GLU E 9 35.37 18.07 -17.85
CA GLU E 9 36.34 19.19 -17.85
C GLU E 9 35.62 20.50 -17.51
N LEU E 10 34.40 20.66 -18.01
CA LEU E 10 33.66 21.93 -17.80
C LEU E 10 33.28 22.11 -16.32
N ILE E 11 32.82 21.05 -15.67
CA ILE E 11 32.50 21.16 -14.21
C ILE E 11 33.79 21.47 -13.44
N ALA E 12 34.85 20.75 -13.78
CA ALA E 12 36.15 21.02 -13.12
C ALA E 12 36.50 22.50 -13.28
N SER E 13 36.46 22.99 -14.51
CA SER E 13 36.79 24.40 -14.75
C SER E 13 35.86 25.31 -13.97
N PHE E 14 34.57 24.99 -13.96
CA PHE E 14 33.60 25.96 -13.42
C PHE E 14 33.59 26.01 -11.91
N VAL E 15 34.11 25.00 -11.23
CA VAL E 15 34.17 25.20 -9.76
C VAL E 15 35.14 26.37 -9.49
N SER E 16 36.14 26.52 -10.35
CA SER E 16 37.11 27.62 -10.15
C SER E 16 36.62 28.90 -10.84
N GLU E 17 36.02 28.76 -12.01
CA GLU E 17 35.65 29.98 -12.76
C GLU E 17 34.16 30.22 -12.76
N GLU E 18 33.79 31.50 -12.82
CA GLU E 18 32.39 31.84 -13.13
C GLU E 18 32.22 31.49 -14.61
N PRO E 19 31.18 30.74 -14.99
CA PRO E 19 31.00 30.34 -16.39
C PRO E 19 30.74 31.56 -17.24
N PRO E 20 31.22 31.58 -18.49
CA PRO E 20 30.98 32.73 -19.40
C PRO E 20 29.49 32.94 -19.57
N GLU E 21 28.71 31.86 -19.44
CA GLU E 21 27.23 31.95 -19.54
C GLU E 21 26.70 32.95 -18.50
N ILE E 22 27.04 32.72 -17.24
CA ILE E 22 26.50 33.59 -16.16
C ILE E 22 27.09 35.00 -16.35
N ARG E 23 28.30 35.07 -16.91
CA ARG E 23 28.83 36.40 -17.28
C ARG E 23 27.84 37.07 -18.25
N ARG E 24 27.49 36.37 -19.33
CA ARG E 24 26.62 36.97 -20.37
C ARG E 24 25.26 37.37 -19.79
N ILE E 25 24.78 36.60 -18.83
CA ILE E 25 23.49 36.97 -18.20
C ILE E 25 23.65 38.26 -17.39
N ARG E 26 24.59 38.28 -16.44
CA ARG E 26 24.66 39.47 -15.57
C ARG E 26 25.08 40.70 -16.38
N THR E 27 25.96 40.53 -17.35
CA THR E 27 26.28 41.70 -18.19
C THR E 27 25.10 42.05 -19.07
N GLY E 28 24.11 41.15 -19.20
CA GLY E 28 23.01 41.42 -20.14
C GLY E 28 23.53 41.47 -21.55
N THR E 29 24.31 40.46 -21.96
CA THR E 29 24.78 40.40 -23.37
C THR E 29 24.61 38.97 -23.87
N VAL E 30 23.52 38.32 -23.46
CA VAL E 30 23.22 36.93 -23.96
C VAL E 30 23.04 37.02 -25.48
N PRO E 31 23.50 36.03 -26.28
CA PRO E 31 23.41 36.09 -27.77
C PRO E 31 21.96 36.35 -28.19
N ASP E 32 21.01 35.66 -27.55
CA ASP E 32 19.57 35.87 -27.86
C ASP E 32 19.10 37.18 -27.23
N LEU E 33 19.79 37.64 -26.19
CA LEU E 33 19.41 38.90 -25.49
C LEU E 33 17.90 38.86 -25.15
N PRO E 34 17.44 37.96 -24.27
CA PRO E 34 15.99 37.80 -23.93
C PRO E 34 15.51 38.94 -23.03
N GLY E 35 14.23 38.92 -22.67
CA GLY E 35 13.66 40.01 -21.86
C GLY E 35 12.76 40.89 -22.70
N SER E 36 11.85 41.65 -22.08
CA SER E 36 10.89 42.47 -22.86
C SER E 36 11.11 43.97 -22.61
N TYR E 37 10.85 44.80 -23.62
CA TYR E 37 10.98 46.28 -23.47
C TYR E 37 12.41 46.65 -23.08
N GLY E 38 13.40 45.90 -23.57
CA GLY E 38 14.81 46.23 -23.31
C GLY E 38 15.20 46.02 -21.85
N GLN E 39 14.29 45.47 -21.04
CA GLN E 39 14.61 45.18 -19.62
C GLN E 39 14.96 43.69 -19.49
N TYR E 40 16.13 43.38 -18.91
CA TYR E 40 16.57 41.96 -18.82
C TYR E 40 16.41 41.45 -17.38
N PHE E 41 16.12 42.33 -16.41
CA PHE E 41 15.93 41.79 -15.05
C PHE E 41 14.96 40.61 -15.08
N THR E 42 13.94 40.69 -15.92
CA THR E 42 12.99 39.57 -16.05
C THR E 42 13.71 38.34 -16.58
N ALA E 43 14.46 38.50 -17.66
CA ALA E 43 15.16 37.34 -18.27
C ALA E 43 16.10 36.68 -17.25
N TRP E 44 16.86 37.49 -16.51
CA TRP E 44 17.81 36.95 -15.51
C TRP E 44 17.06 36.22 -14.40
N ASP E 45 16.01 36.85 -13.88
CA ASP E 45 15.20 36.19 -12.84
C ASP E 45 14.75 34.82 -13.33
N PHE E 46 14.29 34.77 -14.58
CA PHE E 46 13.76 33.49 -15.10
C PHE E 46 14.89 32.48 -15.29
N SER E 47 16.03 32.90 -15.84
CA SER E 47 17.13 31.94 -16.10
C SER E 47 17.71 31.43 -14.78
N ASN E 48 17.85 32.33 -13.80
CA ASN E 48 18.27 31.88 -12.46
C ASN E 48 17.26 30.85 -11.93
N SER E 49 16.00 31.26 -11.83
CA SER E 49 14.96 30.37 -11.26
C SER E 49 14.90 29.04 -11.99
N ILE E 50 14.93 29.11 -13.32
CA ILE E 50 14.67 27.86 -14.08
C ILE E 50 15.87 26.93 -14.00
N VAL E 51 17.09 27.47 -14.08
CA VAL E 51 18.21 26.50 -14.00
C VAL E 51 18.28 25.94 -12.58
N ARG E 52 17.90 26.72 -11.57
CA ARG E 52 17.87 26.17 -10.20
C ARG E 52 16.88 25.00 -10.13
N ASP E 53 15.66 25.25 -10.58
CA ASP E 53 14.61 24.20 -10.41
C ASP E 53 14.87 23.05 -11.36
N TYR E 54 15.28 23.35 -12.60
CA TYR E 54 15.72 22.26 -13.49
C TYR E 54 16.71 21.38 -12.74
N ALA E 55 17.65 22.02 -12.03
CA ALA E 55 18.67 21.26 -11.27
C ALA E 55 17.98 20.34 -10.27
N MET E 56 17.04 20.88 -9.50
CA MET E 56 16.36 20.03 -8.51
C MET E 56 15.72 18.84 -9.25
N ASN E 57 15.14 19.13 -10.41
CA ASN E 57 14.44 18.04 -11.11
C ASN E 57 15.46 17.00 -11.55
N LEU E 58 16.56 17.46 -12.11
CA LEU E 58 17.62 16.53 -12.56
C LEU E 58 18.05 15.65 -11.38
N TYR E 59 18.20 16.25 -10.20
CA TYR E 59 18.68 15.39 -9.09
C TYR E 59 17.64 14.30 -8.85
N GLN E 60 16.36 14.65 -8.85
CA GLN E 60 15.34 13.62 -8.53
C GLN E 60 15.29 12.58 -9.65
N LEU E 61 15.64 13.00 -10.87
CA LEU E 61 15.70 12.01 -11.97
C LEU E 61 16.87 11.04 -11.73
N THR E 62 18.03 11.56 -11.36
CA THR E 62 19.14 10.67 -11.00
C THR E 62 18.70 9.73 -9.89
N ARG E 63 18.17 10.31 -8.81
CA ARG E 63 17.74 9.49 -7.68
C ARG E 63 16.76 8.40 -8.14
N LEU E 64 15.90 8.71 -9.11
CA LEU E 64 14.98 7.65 -9.59
C LEU E 64 15.75 6.65 -10.45
N ALA E 65 16.75 7.13 -11.19
CA ALA E 65 17.59 6.21 -12.00
C ALA E 65 18.22 5.16 -11.09
N THR E 66 18.33 5.46 -9.80
CA THR E 66 18.80 4.40 -8.88
C THR E 66 17.69 3.43 -8.58
N ASP E 67 16.45 3.90 -8.55
CA ASP E 67 15.31 3.02 -8.22
C ASP E 67 15.11 1.99 -9.33
N GLU E 68 15.09 0.72 -8.95
CA GLU E 68 14.93 -0.36 -9.96
C GLU E 68 13.45 -0.63 -10.23
N SER E 69 12.56 -0.15 -9.36
CA SER E 69 11.11 -0.28 -9.61
C SER E 69 10.79 0.29 -11.00
N VAL E 70 11.42 1.41 -11.35
CA VAL E 70 11.15 2.03 -12.66
C VAL E 70 12.11 1.45 -13.70
N SER E 71 11.58 1.12 -14.87
CA SER E 71 12.46 0.62 -15.94
C SER E 71 13.35 1.76 -16.48
N VAL E 72 14.43 1.39 -17.13
CA VAL E 72 15.29 2.43 -17.74
C VAL E 72 14.50 3.15 -18.84
N GLU E 73 13.80 2.41 -19.70
CA GLU E 73 13.03 3.10 -20.75
C GLU E 73 12.00 4.05 -20.09
N ASN E 74 11.36 3.62 -19.01
CA ASN E 74 10.33 4.48 -18.41
C ASN E 74 10.99 5.76 -17.86
N LEU E 75 12.19 5.64 -17.33
CA LEU E 75 12.89 6.85 -16.86
C LEU E 75 13.20 7.77 -18.04
N LEU E 76 13.57 7.18 -19.17
CA LEU E 76 13.90 8.01 -20.34
C LEU E 76 12.65 8.76 -20.83
N THR E 77 11.49 8.09 -20.82
CA THR E 77 10.25 8.78 -21.24
C THR E 77 9.95 9.91 -20.28
N VAL E 78 9.88 9.61 -18.99
CA VAL E 78 9.61 10.68 -17.99
C VAL E 78 10.56 11.86 -18.24
N PHE E 79 11.84 11.58 -18.51
CA PHE E 79 12.79 12.67 -18.84
C PHE E 79 12.33 13.41 -20.08
N ARG E 80 12.04 12.66 -21.14
CA ARG E 80 11.71 13.34 -22.41
C ARG E 80 10.43 14.16 -22.26
N THR E 81 9.62 13.87 -21.23
CA THR E 81 8.40 14.68 -21.01
C THR E 81 8.70 15.89 -20.15
N LEU E 82 9.48 15.70 -19.08
CA LEU E 82 9.67 16.80 -18.10
C LEU E 82 10.81 17.75 -18.45
N ASP E 83 11.73 17.32 -19.28
CA ASP E 83 12.95 18.15 -19.46
C ASP E 83 12.78 19.21 -20.53
N PRO E 84 12.41 18.86 -21.77
CA PRO E 84 12.44 19.84 -22.86
C PRO E 84 11.87 21.18 -22.44
N ILE E 85 10.78 21.16 -21.65
CA ILE E 85 10.14 22.45 -21.28
C ILE E 85 11.21 23.36 -20.64
N TYR E 86 12.00 22.82 -19.71
CA TYR E 86 13.04 23.63 -19.05
C TYR E 86 14.20 23.85 -20.00
N SER E 87 14.75 22.77 -20.53
CA SER E 87 16.00 22.88 -21.33
C SER E 87 15.86 23.93 -22.44
N THR E 88 14.78 23.89 -23.20
CA THR E 88 14.70 24.78 -24.38
C THR E 88 14.75 26.24 -23.95
N PHE E 89 14.11 26.57 -22.85
CA PHE E 89 14.07 28.00 -22.49
C PHE E 89 15.41 28.42 -21.91
N LEU E 90 16.00 27.57 -21.09
CA LEU E 90 17.37 27.88 -20.63
C LEU E 90 18.24 28.08 -21.88
N GLY E 91 18.07 27.20 -22.87
CA GLY E 91 18.88 27.29 -24.09
C GLY E 91 18.74 28.61 -24.80
N TYR E 92 17.57 29.25 -24.70
CA TYR E 92 17.45 30.60 -25.29
C TYR E 92 17.94 31.69 -24.33
N ASN E 93 17.92 31.40 -23.03
CA ASN E 93 18.41 32.40 -22.05
C ASN E 93 19.87 32.11 -21.68
N GLY E 94 20.72 32.00 -22.68
CA GLY E 94 22.15 31.84 -22.39
C GLY E 94 22.50 30.53 -21.74
N PHE E 95 21.80 29.45 -22.07
CA PHE E 95 22.26 28.12 -21.58
C PHE E 95 22.21 27.16 -22.74
N PRO E 96 22.59 27.55 -23.97
CA PRO E 96 22.34 26.69 -25.16
C PRO E 96 22.99 25.33 -25.06
N VAL E 97 24.28 25.28 -24.68
CA VAL E 97 25.02 23.98 -24.66
C VAL E 97 24.46 23.08 -23.57
N LEU E 98 23.90 23.68 -22.52
CA LEU E 98 23.19 22.86 -21.49
C LEU E 98 22.10 22.05 -22.20
N ALA E 99 21.24 22.74 -22.96
CA ALA E 99 20.13 22.06 -23.66
C ALA E 99 20.67 20.98 -24.59
N GLU E 100 21.64 21.35 -25.43
CA GLU E 100 22.24 20.29 -26.28
C GLU E 100 22.63 19.11 -25.37
N TYR E 101 23.37 19.36 -24.29
CA TYR E 101 23.83 18.21 -23.47
C TYR E 101 22.62 17.42 -23.00
N ALA E 102 21.57 18.12 -22.57
CA ALA E 102 20.36 17.43 -22.09
C ALA E 102 19.83 16.49 -23.18
N GLN E 103 19.93 16.91 -24.43
CA GLN E 103 19.40 16.08 -25.53
C GLN E 103 20.15 14.74 -25.60
N ARG E 104 21.46 14.78 -25.39
CA ARG E 104 22.20 13.50 -25.37
C ARG E 104 21.80 12.70 -24.12
N VAL E 105 21.56 13.41 -23.02
CA VAL E 105 21.09 12.69 -21.81
C VAL E 105 19.80 11.97 -22.15
N GLY E 106 18.99 12.55 -23.04
CA GLY E 106 17.72 11.93 -23.42
C GLY E 106 17.88 10.76 -24.39
N GLN E 107 19.00 10.68 -25.10
CA GLN E 107 19.10 9.62 -26.13
C GLN E 107 19.15 8.24 -25.49
N PRO E 108 18.85 7.19 -26.24
CA PRO E 108 18.70 5.82 -25.66
C PRO E 108 19.93 5.32 -24.91
N ALA E 109 19.68 4.84 -23.70
CA ALA E 109 20.78 4.31 -22.86
C ALA E 109 20.90 2.81 -23.05
N GLU E 110 22.14 2.32 -23.07
CA GLU E 110 22.37 0.86 -23.18
C GLU E 110 21.98 0.17 -21.86
N SER E 111 22.26 0.81 -20.73
CA SER E 111 21.95 0.16 -19.44
C SER E 111 21.55 1.23 -18.42
N ARG E 112 21.07 0.79 -17.27
CA ARG E 112 20.60 1.77 -16.26
C ARG E 112 21.78 2.59 -15.77
N ALA E 113 22.97 2.01 -15.77
CA ALA E 113 24.17 2.72 -15.26
C ALA E 113 24.58 3.83 -16.21
N GLU E 114 24.50 3.58 -17.52
CA GLU E 114 24.79 4.68 -18.45
C GLU E 114 23.89 5.88 -18.11
N LEU E 115 22.59 5.63 -17.97
CA LEU E 115 21.65 6.75 -17.75
C LEU E 115 21.92 7.40 -16.38
N LEU E 116 22.31 6.59 -15.40
CA LEU E 116 22.64 7.16 -14.08
C LEU E 116 23.89 8.03 -14.18
N ASP E 117 24.89 7.58 -14.95
CA ASP E 117 26.10 8.40 -15.14
C ASP E 117 25.72 9.73 -15.79
N ARG E 118 25.03 9.68 -16.92
CA ARG E 118 24.66 10.93 -17.62
C ARG E 118 23.84 11.81 -16.66
N LEU E 119 22.88 11.21 -15.96
CA LEU E 119 22.04 12.03 -15.06
C LEU E 119 22.92 12.72 -14.01
N THR E 120 23.87 11.99 -13.43
CA THR E 120 24.59 12.57 -12.28
C THR E 120 25.67 13.53 -12.69
N THR E 121 26.35 13.29 -13.81
CA THR E 121 27.28 14.36 -14.25
C THR E 121 26.47 15.59 -14.56
N PHE E 122 25.40 15.43 -15.36
CA PHE E 122 24.62 16.60 -15.79
C PHE E 122 24.07 17.34 -14.59
N THR E 123 23.57 16.59 -13.60
CA THR E 123 23.14 17.25 -12.37
C THR E 123 24.25 18.13 -11.85
N GLU E 124 25.45 17.59 -11.72
CA GLU E 124 26.52 18.39 -11.08
C GLU E 124 26.81 19.63 -11.92
N TYR E 125 26.80 19.49 -13.24
CA TYR E 125 27.04 20.64 -14.14
C TYR E 125 26.04 21.76 -13.84
N VAL E 126 24.76 21.42 -13.85
CA VAL E 126 23.77 22.53 -13.71
C VAL E 126 23.78 23.04 -12.25
N ASN E 127 24.16 22.19 -11.29
CA ASN E 127 24.25 22.68 -9.89
C ASN E 127 25.39 23.70 -9.77
N ARG E 128 26.45 23.51 -10.54
CA ARG E 128 27.55 24.52 -10.54
C ARG E 128 27.03 25.83 -11.15
N LEU E 129 26.36 25.75 -12.30
CA LEU E 129 25.79 26.97 -12.94
C LEU E 129 24.83 27.65 -11.96
N THR E 130 23.95 26.87 -11.34
CA THR E 130 23.01 27.41 -10.34
C THR E 130 23.77 28.14 -9.23
N ALA E 131 24.80 27.51 -8.69
CA ALA E 131 25.61 28.13 -7.62
C ALA E 131 26.14 29.50 -8.06
N TRP E 132 26.71 29.56 -9.25
CA TRP E 132 27.27 30.84 -9.73
C TRP E 132 26.18 31.89 -9.87
N SER E 133 25.04 31.50 -10.44
CA SER E 133 23.97 32.49 -10.67
C SER E 133 23.35 32.91 -9.33
N HIS E 134 23.22 31.99 -8.40
CA HIS E 134 22.73 32.39 -7.05
C HIS E 134 23.68 33.43 -6.45
N HIS E 135 24.99 33.21 -6.61
CA HIS E 135 25.96 34.22 -6.09
C HIS E 135 25.74 35.55 -6.78
N TYR E 136 25.64 35.55 -8.10
CA TYR E 136 25.57 36.84 -8.83
C TYR E 136 24.19 37.44 -8.84
N PHE E 137 23.16 36.70 -8.46
CA PHE E 137 21.79 37.23 -8.59
C PHE E 137 21.57 38.39 -7.65
N PRO E 138 21.08 39.52 -8.14
CA PRO E 138 21.02 40.74 -7.32
C PRO E 138 19.81 40.81 -6.41
N TRP E 139 19.99 40.49 -5.13
CA TRP E 139 18.87 40.67 -4.20
C TRP E 139 19.00 42.01 -3.45
N ASP E 140 19.83 42.92 -3.95
CA ASP E 140 20.04 44.24 -3.31
C ASP E 140 18.84 45.15 -3.59
N LEU E 141 18.10 44.87 -4.66
CA LEU E 141 16.85 45.64 -4.87
C LEU E 141 15.91 45.32 -3.71
N GLY E 142 15.75 44.05 -3.38
CA GLY E 142 14.75 43.65 -2.39
C GLY E 142 14.91 44.36 -1.06
N GLY E 143 16.14 44.71 -0.68
CA GLY E 143 16.31 45.32 0.65
C GLY E 143 15.74 46.72 0.70
N GLU E 144 15.71 47.41 -0.44
CA GLU E 144 15.31 48.84 -0.43
C GLU E 144 13.79 49.01 -0.32
N ARG E 145 13.00 48.23 -1.08
CA ARG E 145 11.54 48.48 -1.16
C ARG E 145 10.70 47.48 -0.37
N TYR E 146 11.25 46.32 0.00
CA TYR E 146 10.40 45.29 0.65
C TYR E 146 11.05 44.81 1.94
N ARG E 147 11.13 45.71 2.92
CA ARG E 147 11.72 45.31 4.22
C ARG E 147 10.64 45.46 5.31
N TYR E 148 10.54 44.47 6.19
CA TYR E 148 9.49 44.47 7.24
C TYR E 148 9.66 45.66 8.20
N PRO E 176 33.09 9.58 18.44
CA PRO E 176 34.54 9.94 18.44
C PRO E 176 35.21 9.38 17.19
N SER E 177 35.28 8.05 17.08
CA SER E 177 35.90 7.41 15.89
C SER E 177 35.10 7.81 14.63
N GLN E 178 33.77 7.77 14.73
CA GLN E 178 32.90 8.15 13.58
C GLN E 178 32.95 9.68 13.39
N ARG E 179 33.29 10.42 14.44
CA ARG E 179 33.42 11.89 14.33
C ARG E 179 34.77 12.21 13.66
N ILE E 180 34.83 12.08 12.32
CA ILE E 180 36.13 12.29 11.62
C ILE E 180 36.44 13.79 11.67
N PRO E 181 37.68 14.19 11.94
CA PRO E 181 38.05 15.62 11.98
C PRO E 181 38.20 16.24 10.60
N VAL E 182 37.85 17.53 10.50
CA VAL E 182 37.96 18.27 9.23
C VAL E 182 38.15 19.76 9.51
N ARG E 183 38.73 20.46 8.55
CA ARG E 183 39.02 21.90 8.75
C ARG E 183 38.36 22.70 7.63
N LEU E 184 37.64 23.77 8.01
CA LEU E 184 37.04 24.67 7.02
C LEU E 184 37.79 26.00 7.08
N THR E 185 38.07 26.58 5.91
CA THR E 185 38.85 27.82 5.87
C THR E 185 38.20 28.79 4.91
N TRP E 186 38.06 30.03 5.35
CA TRP E 186 37.41 31.06 4.50
C TRP E 186 38.40 32.11 4.05
N GLN E 187 38.63 32.18 2.73
CA GLN E 187 39.47 33.24 2.12
C GLN E 187 38.55 34.24 1.42
N PRO E 188 38.95 35.50 1.14
CA PRO E 188 40.06 36.26 1.82
C PRO E 188 39.68 36.81 3.19
N LEU E 189 38.64 36.26 3.80
CA LEU E 189 38.38 36.68 5.20
C LEU E 189 39.39 35.97 6.10
N GLY E 190 40.15 35.03 5.53
CA GLY E 190 41.26 34.36 6.25
C GLY E 190 40.84 33.56 7.46
N VAL E 191 39.55 33.51 7.78
CA VAL E 191 39.17 32.87 9.05
C VAL E 191 39.10 31.36 8.89
N GLN E 192 39.80 30.66 9.77
CA GLN E 192 39.71 29.19 9.74
C GLN E 192 38.90 28.73 10.96
N VAL E 193 38.05 27.72 10.74
CA VAL E 193 37.32 27.09 11.87
C VAL E 193 37.41 25.59 11.64
N ASP E 194 37.11 24.80 12.66
CA ASP E 194 37.30 23.33 12.50
C ASP E 194 36.06 22.57 12.94
N ALA E 195 35.76 21.48 12.23
CA ALA E 195 34.52 20.73 12.50
C ALA E 195 34.78 19.23 12.54
N GLU E 196 33.80 18.51 13.07
CA GLU E 196 33.88 17.03 13.07
C GLU E 196 32.71 16.50 12.24
N ILE E 197 33.04 15.76 11.18
CA ILE E 197 32.00 15.08 10.38
C ILE E 197 31.52 13.86 11.20
N TYR E 198 30.24 13.53 11.11
CA TYR E 198 29.73 12.29 11.77
C TYR E 198 29.36 11.27 10.71
N ALA E 199 30.10 10.15 10.65
CA ALA E 199 29.74 9.04 9.73
C ALA E 199 28.87 8.03 10.46
N ASP E 200 28.65 8.25 11.76
CA ASP E 200 27.83 7.29 12.52
C ASP E 200 26.38 7.41 12.08
N LEU E 201 25.90 8.65 11.91
CA LEU E 201 24.46 8.88 11.64
C LEU E 201 24.09 8.56 10.19
N ASN E 202 24.71 9.24 9.23
CA ASN E 202 24.41 8.99 7.80
C ASN E 202 25.66 8.43 7.14
N PRO E 203 25.89 7.13 7.21
CA PRO E 203 27.13 6.51 6.69
C PRO E 203 27.50 6.91 5.26
N GLN E 204 26.72 6.50 4.25
CA GLN E 204 27.18 6.72 2.86
C GLN E 204 27.18 8.21 2.50
N LEU E 205 26.43 9.02 3.25
CA LEU E 205 26.51 10.48 3.04
C LEU E 205 27.90 10.96 3.47
N ALA E 206 28.27 10.60 4.70
CA ALA E 206 29.61 10.96 5.19
C ALA E 206 30.67 10.39 4.25
N THR E 207 30.53 9.13 3.86
CA THR E 207 31.51 8.53 2.93
C THR E 207 31.59 9.36 1.66
N ASP E 208 30.44 9.72 1.10
CA ASP E 208 30.44 10.42 -0.21
C ASP E 208 31.14 11.78 -0.08
N VAL E 209 30.83 12.52 0.97
CA VAL E 209 31.46 13.85 1.02
C VAL E 209 32.91 13.69 1.49
N LEU E 210 33.18 12.72 2.39
CA LEU E 210 34.59 12.49 2.78
C LEU E 210 35.43 12.26 1.53
N LYS E 211 34.96 11.39 0.63
CA LYS E 211 35.70 11.26 -0.64
C LYS E 211 35.81 12.63 -1.31
N ALA E 212 34.71 13.40 -1.34
CA ALA E 212 34.81 14.69 -2.05
C ALA E 212 35.95 15.53 -1.46
N LEU E 213 36.33 15.27 -0.20
CA LEU E 213 37.38 16.07 0.46
C LEU E 213 38.74 15.79 -0.14
N PRO E 214 39.65 16.77 -0.09
CA PRO E 214 39.34 18.22 0.16
C PRO E 214 38.97 19.00 -1.10
N PHE E 215 38.10 20.00 -0.95
CA PHE E 215 37.68 20.84 -2.10
C PHE E 215 37.71 22.32 -1.72
N THR E 216 37.57 23.18 -2.73
CA THR E 216 37.42 24.62 -2.49
C THR E 216 36.36 25.13 -3.44
N VAL E 217 35.31 25.74 -2.87
CA VAL E 217 34.17 26.18 -3.72
C VAL E 217 33.72 27.56 -3.23
N LEU E 218 32.84 28.18 -3.99
CA LEU E 218 32.30 29.49 -3.55
C LEU E 218 31.27 29.29 -2.44
N GLN E 219 31.42 30.07 -1.37
CA GLN E 219 30.45 30.05 -0.26
C GLN E 219 29.54 31.27 -0.40
N ASP E 220 28.23 31.02 -0.43
CA ASP E 220 27.27 32.12 -0.51
C ASP E 220 26.31 32.04 0.67
N HIS E 221 25.52 33.08 0.83
CA HIS E 221 24.57 33.13 1.95
C HIS E 221 23.20 32.64 1.50
N ALA E 222 22.52 31.94 2.41
CA ALA E 222 21.12 31.57 2.18
C ALA E 222 20.28 32.85 2.14
N VAL E 223 19.68 33.12 0.98
CA VAL E 223 18.93 34.39 0.80
C VAL E 223 17.59 34.38 1.54
N VAL E 224 17.06 33.21 1.89
CA VAL E 224 15.69 33.17 2.49
C VAL E 224 15.70 32.41 3.82
N SER E 225 16.52 31.37 3.94
CA SER E 225 16.49 30.53 5.16
C SER E 225 16.82 31.35 6.40
N GLY E 226 17.59 32.42 6.24
CA GLY E 226 18.00 33.22 7.40
C GLY E 226 19.51 33.30 7.46
N GLU E 227 20.08 33.18 8.66
CA GLU E 227 21.56 33.19 8.81
C GLU E 227 22.05 31.76 8.69
N SER E 228 22.45 31.38 7.48
CA SER E 228 22.95 30.02 7.20
C SER E 228 23.79 30.14 5.92
N MET E 229 24.90 29.42 5.84
CA MET E 229 25.87 29.72 4.76
C MET E 229 26.19 28.44 3.98
N TYR E 230 25.92 28.47 2.68
CA TYR E 230 26.08 27.21 1.91
C TYR E 230 27.10 27.33 0.79
N ALA E 231 27.56 26.17 0.32
CA ALA E 231 28.46 26.12 -0.85
C ALA E 231 28.21 24.82 -1.58
N TRP E 232 28.36 24.85 -2.90
CA TRP E 232 28.01 23.67 -3.72
C TRP E 232 29.19 22.70 -3.77
N ALA E 233 29.12 21.66 -2.96
CA ALA E 233 30.20 20.66 -2.95
C ALA E 233 30.24 19.90 -4.28
N PRO E 234 31.45 19.65 -4.86
CA PRO E 234 31.59 19.01 -6.19
C PRO E 234 31.37 17.50 -6.08
N LEU E 235 30.11 17.09 -5.85
CA LEU E 235 29.79 15.65 -5.81
C LEU E 235 28.31 15.49 -6.19
N VAL E 236 27.83 14.26 -6.36
CA VAL E 236 26.40 14.04 -6.67
C VAL E 236 25.90 12.83 -5.85
N SER E 237 25.73 13.01 -4.54
CA SER E 237 25.31 11.90 -3.65
C SER E 237 23.81 11.63 -3.77
N VAL E 238 23.42 10.36 -3.87
CA VAL E 238 21.97 9.99 -3.91
C VAL E 238 21.68 9.11 -2.70
N ALA E 239 22.65 8.97 -1.80
CA ALA E 239 22.50 8.09 -0.61
C ALA E 239 21.44 8.66 0.34
N PRO E 240 20.46 7.85 0.80
CA PRO E 240 19.42 8.32 1.76
C PRO E 240 20.05 8.72 3.08
N THR E 241 19.48 9.71 3.76
CA THR E 241 20.02 10.18 5.05
C THR E 241 19.03 9.86 6.15
N PRO E 242 19.18 8.75 6.88
CA PRO E 242 18.21 8.31 7.93
C PRO E 242 18.12 9.32 9.07
N VAL E 243 19.21 10.04 9.36
CA VAL E 243 19.22 10.96 10.52
C VAL E 243 19.19 12.39 9.98
N ARG E 244 18.08 13.08 10.23
CA ARG E 244 17.99 14.50 9.83
C ARG E 244 17.30 15.23 10.98
N GLU E 245 17.64 16.51 11.18
CA GLU E 245 17.08 17.23 12.34
C GLU E 245 16.35 18.50 11.89
N ARG E 246 15.37 18.92 12.69
CA ARG E 246 14.64 20.18 12.38
C ARG E 246 15.62 21.34 12.45
N ILE E 247 15.60 22.19 11.43
CA ILE E 247 16.48 23.38 11.45
C ILE E 247 16.25 24.16 12.75
N CYS E 248 14.99 24.31 13.15
CA CYS E 248 14.71 24.99 14.44
C CYS E 248 15.49 24.29 15.55
N ASP E 249 15.42 22.95 15.56
CA ASP E 249 16.16 22.14 16.56
C ASP E 249 17.68 22.22 16.32
N ALA E 250 18.09 22.61 15.11
CA ALA E 250 19.54 22.59 14.80
C ALA E 250 20.29 23.62 15.64
N PRO E 251 21.43 23.24 16.24
CA PRO E 251 22.20 24.17 17.11
C PRO E 251 23.23 24.96 16.32
N VAL E 252 23.90 25.88 17.01
CA VAL E 252 24.84 26.79 16.31
C VAL E 252 25.95 25.98 15.63
N GLY E 253 26.43 26.50 14.51
CA GLY E 253 27.52 25.81 13.78
C GLY E 253 27.14 24.42 13.31
N ARG E 254 25.85 24.06 13.28
CA ARG E 254 25.53 22.73 12.74
C ARG E 254 25.73 22.73 11.21
N LEU E 255 26.28 21.65 10.71
CA LEU E 255 26.56 21.55 9.26
C LEU E 255 25.57 20.55 8.65
N ARG E 256 25.08 20.87 7.45
CA ARG E 256 24.12 19.97 6.79
C ARG E 256 24.39 19.89 5.28
N PHE E 257 24.10 18.73 4.71
CA PHE E 257 24.21 18.54 3.24
C PHE E 257 22.79 18.45 2.68
N SER E 258 22.52 19.24 1.64
CA SER E 258 21.19 19.20 0.96
C SER E 258 21.41 18.59 -0.42
N GLN E 259 21.03 17.34 -0.59
CA GLN E 259 21.23 16.67 -1.89
C GLN E 259 20.31 17.29 -2.94
N ALA E 260 19.02 17.44 -2.61
CA ALA E 260 18.08 17.94 -3.62
C ALA E 260 18.44 19.35 -4.07
N THR E 261 18.87 20.21 -3.14
CA THR E 261 19.07 21.63 -3.50
C THR E 261 20.43 21.90 -4.12
N GLY E 262 21.12 20.85 -4.59
CA GLY E 262 22.39 21.09 -5.30
C GLY E 262 23.60 20.50 -4.60
N ASN E 263 23.38 19.47 -3.79
CA ASN E 263 24.49 18.84 -3.04
C ASN E 263 25.25 19.90 -2.25
N LYS E 264 24.49 20.72 -1.54
CA LYS E 264 25.14 21.85 -0.84
C LYS E 264 25.58 21.46 0.55
N VAL E 265 26.68 22.07 0.99
CA VAL E 265 27.07 21.94 2.43
C VAL E 265 26.86 23.33 3.04
N ILE E 266 26.27 23.34 4.22
CA ILE E 266 25.92 24.66 4.80
C ILE E 266 26.20 24.66 6.31
N VAL E 267 26.70 25.80 6.78
CA VAL E 267 26.96 26.01 8.23
C VAL E 267 25.84 26.91 8.75
N GLN E 268 25.26 26.53 9.88
CA GLN E 268 24.22 27.38 10.48
C GLN E 268 24.87 28.32 11.50
N TYR E 269 25.02 29.58 11.14
CA TYR E 269 25.59 30.53 12.13
C TYR E 269 24.45 31.27 12.84
N SER E 278 16.38 18.82 7.92
CA SER E 278 17.53 18.72 7.00
C SER E 278 18.54 17.71 7.57
N PRO E 279 19.26 16.98 6.70
CA PRO E 279 20.17 15.91 7.17
C PRO E 279 21.50 16.49 7.61
N VAL E 280 22.00 15.97 8.75
CA VAL E 280 23.21 16.56 9.40
C VAL E 280 24.50 15.91 8.93
N LEU E 281 25.51 16.73 8.64
CA LEU E 281 26.84 16.20 8.25
C LEU E 281 27.74 16.10 9.50
N GLY E 282 27.52 16.98 10.48
CA GLY E 282 28.36 17.00 11.69
C GLY E 282 28.34 18.38 12.30
N LYS E 283 29.32 18.68 13.16
CA LYS E 283 29.28 20.01 13.82
C LYS E 283 30.68 20.63 13.90
N VAL E 284 30.74 21.96 13.75
CA VAL E 284 32.03 22.70 13.86
C VAL E 284 32.39 22.85 15.35
N VAL E 285 33.61 23.31 15.65
CA VAL E 285 34.06 23.48 17.06
C VAL E 285 33.19 24.58 17.71
N ASP E 286 32.68 24.32 18.91
CA ASP E 286 31.82 25.32 19.63
C ASP E 286 32.68 26.53 20.01
N SER E 287 33.95 26.31 20.34
CA SER E 287 34.83 27.44 20.77
C SER E 287 34.87 28.51 19.69
N HIS E 288 35.04 28.12 18.42
CA HIS E 288 35.09 29.10 17.31
C HIS E 288 33.73 29.14 16.61
N ALA E 289 32.83 30.03 17.06
CA ALA E 289 31.50 30.15 16.42
C ALA E 289 31.25 31.61 16.04
N ASP E 290 31.63 32.54 16.94
CA ASP E 290 31.43 34.00 16.66
C ASP E 290 32.23 34.39 15.43
N ARG E 291 33.50 33.97 15.36
CA ARG E 291 34.35 34.28 14.18
C ARG E 291 33.71 33.67 12.92
N LEU E 292 33.24 32.42 13.02
CA LEU E 292 32.55 31.76 11.88
C LEU E 292 31.30 32.57 11.52
N ALA E 293 30.54 33.01 12.52
CA ALA E 293 29.32 33.81 12.27
C ALA E 293 29.71 35.13 11.59
N GLU E 294 30.86 35.70 11.98
CA GLU E 294 31.32 36.98 11.38
C GLU E 294 31.59 36.79 9.88
N VAL E 295 32.22 35.67 9.50
CA VAL E 295 32.44 35.39 8.05
C VAL E 295 31.06 35.31 7.38
N GLY E 296 30.04 34.81 8.09
CA GLY E 296 28.67 34.73 7.55
C GLY E 296 28.13 36.10 7.23
N LYS E 297 28.31 37.06 8.15
CA LYS E 297 27.84 38.46 7.90
C LYS E 297 28.57 39.01 6.67
N ALA E 298 29.89 38.77 6.58
CA ALA E 298 30.67 39.25 5.42
C ALA E 298 30.18 38.54 4.15
N VAL E 299 29.92 37.24 4.24
CA VAL E 299 29.46 36.45 3.06
C VAL E 299 28.11 37.01 2.59
N TRP E 300 27.25 37.41 3.53
CA TRP E 300 25.96 38.01 3.13
C TRP E 300 26.19 39.01 1.99
N GLU E 301 27.03 40.03 2.24
CA GLU E 301 27.29 41.04 1.21
C GLU E 301 27.67 40.35 -0.11
N SER E 302 28.56 39.36 -0.04
CA SER E 302 28.97 38.66 -1.28
C SER E 302 27.73 38.15 -2.03
N THR E 303 26.82 37.48 -1.32
CA THR E 303 25.59 36.96 -1.97
C THR E 303 24.69 38.12 -2.38
N PHE E 304 24.61 39.16 -1.54
CA PHE E 304 23.61 40.22 -1.79
C PHE E 304 24.19 41.44 -2.48
N SER E 305 25.23 42.06 -1.91
CA SER E 305 25.70 43.37 -2.42
C SER E 305 27.07 43.36 -3.10
N SER E 306 28.09 42.79 -2.47
CA SER E 306 29.49 42.99 -2.95
C SER E 306 29.82 42.25 -4.24
N LYS E 307 29.15 41.13 -4.52
CA LYS E 307 29.50 40.33 -5.73
C LYS E 307 30.98 39.92 -5.68
N GLU E 308 31.52 39.80 -4.47
CA GLU E 308 32.96 39.50 -4.30
C GLU E 308 33.11 38.08 -3.80
N PRO E 309 33.96 37.27 -4.42
CA PRO E 309 34.03 35.84 -4.08
C PRO E 309 34.60 35.60 -2.69
N VAL E 310 33.91 34.75 -1.92
CA VAL E 310 34.47 34.27 -0.64
C VAL E 310 34.66 32.75 -0.84
N TRP E 311 35.90 32.31 -1.02
CA TRP E 311 36.09 30.87 -1.29
C TRP E 311 36.24 30.12 0.02
N LEU E 312 35.75 28.88 0.02
CA LEU E 312 35.87 28.04 1.23
C LEU E 312 36.60 26.75 0.86
N THR E 313 37.61 26.43 1.67
CA THR E 313 38.35 25.17 1.50
C THR E 313 37.99 24.24 2.63
N VAL E 314 37.50 23.06 2.27
CA VAL E 314 37.27 22.02 3.31
C VAL E 314 38.31 20.93 3.08
N GLU E 315 38.92 20.48 4.17
CA GLU E 315 39.91 19.39 4.07
C GLU E 315 39.81 18.51 5.31
N ARG E 316 40.48 17.36 5.26
CA ARG E 316 40.41 16.40 6.39
C ARG E 316 41.67 16.50 7.25
N LEU E 317 41.48 16.45 8.58
CA LEU E 317 42.64 16.56 9.52
C LEU E 317 42.84 15.27 10.33
N LEU F 7 -11.27 20.99 -3.56
CA LEU F 7 -10.24 21.80 -4.25
C LEU F 7 -10.87 22.66 -5.34
N ARG F 8 -11.79 22.08 -6.11
CA ARG F 8 -12.42 22.83 -7.23
C ARG F 8 -13.09 24.10 -6.68
N GLU F 9 -13.60 24.03 -5.45
CA GLU F 9 -14.22 25.22 -4.83
C GLU F 9 -13.25 26.40 -4.89
N LEU F 10 -12.00 26.17 -4.48
CA LEU F 10 -10.97 27.23 -4.45
C LEU F 10 -10.51 27.56 -5.87
N ILE F 11 -10.39 26.54 -6.72
CA ILE F 11 -10.10 26.80 -8.15
C ILE F 11 -11.04 27.90 -8.64
N ALA F 12 -12.35 27.68 -8.52
CA ALA F 12 -13.33 28.64 -9.05
C ALA F 12 -13.21 29.97 -8.31
N SER F 13 -13.24 29.91 -6.98
CA SER F 13 -13.12 31.14 -6.16
C SER F 13 -11.96 31.98 -6.70
N PHE F 14 -10.84 31.33 -7.00
CA PHE F 14 -9.62 32.10 -7.34
C PHE F 14 -9.61 32.60 -8.76
N VAL F 15 -10.28 31.93 -9.69
CA VAL F 15 -10.19 32.48 -11.07
C VAL F 15 -10.75 33.91 -11.12
N SER F 16 -11.55 34.32 -10.13
CA SER F 16 -12.13 35.69 -10.13
C SER F 16 -11.81 36.47 -8.84
N GLU F 17 -11.26 35.80 -7.83
CA GLU F 17 -10.88 36.50 -6.57
C GLU F 17 -9.39 36.21 -6.28
N GLU F 18 -8.74 37.16 -5.60
CA GLU F 18 -7.29 37.00 -5.33
C GLU F 18 -7.08 36.05 -4.15
N PRO F 19 -6.29 34.99 -4.31
CA PRO F 19 -6.01 34.09 -3.19
C PRO F 19 -5.49 34.92 -2.03
N PRO F 20 -5.77 34.51 -0.80
CA PRO F 20 -5.21 35.20 0.37
C PRO F 20 -3.71 34.98 0.38
N GLU F 21 -3.29 33.74 0.09
CA GLU F 21 -1.86 33.36 0.04
C GLU F 21 -1.06 34.43 -0.71
N ILE F 22 -1.46 34.69 -1.95
CA ILE F 22 -0.68 35.64 -2.77
C ILE F 22 -0.82 37.04 -2.17
N ARG F 23 -1.95 37.31 -1.51
CA ARG F 23 -2.13 38.67 -0.97
C ARG F 23 -1.08 38.96 0.11
N ARG F 24 -0.80 38.00 0.98
CA ARG F 24 0.14 38.38 2.08
C ARG F 24 1.58 38.06 1.74
N ILE F 25 1.83 37.19 0.76
CA ILE F 25 3.24 37.16 0.29
C ILE F 25 3.42 38.49 -0.46
N ARG F 26 2.33 39.05 -0.99
CA ARG F 26 2.44 40.37 -1.65
C ARG F 26 2.74 41.43 -0.58
N THR F 27 2.04 41.40 0.54
CA THR F 27 2.22 42.42 1.55
C THR F 27 3.27 42.03 2.56
N GLY F 28 3.99 40.94 2.30
CA GLY F 28 5.03 40.49 3.23
C GLY F 28 4.49 40.25 4.62
N THR F 29 3.24 39.82 4.73
CA THR F 29 2.69 39.49 6.07
C THR F 29 2.61 38.00 6.22
N VAL F 30 3.58 37.29 5.63
CA VAL F 30 3.61 35.80 5.78
C VAL F 30 3.98 35.47 7.23
N PRO F 31 3.38 34.44 7.85
CA PRO F 31 3.53 34.18 9.31
C PRO F 31 4.97 34.23 9.81
N ASP F 32 5.83 33.32 9.37
CA ASP F 32 7.19 33.24 9.97
C ASP F 32 8.18 34.17 9.30
N LEU F 33 7.69 35.23 8.66
CA LEU F 33 8.59 36.29 8.08
C LEU F 33 9.64 35.67 7.16
N PRO F 34 9.25 35.00 6.07
CA PRO F 34 10.22 34.31 5.21
C PRO F 34 11.16 35.31 4.58
N GLY F 35 12.44 34.97 4.58
CA GLY F 35 13.44 35.88 3.98
C GLY F 35 14.50 36.27 4.98
N SER F 36 15.67 36.64 4.46
CA SER F 36 16.75 37.10 5.35
C SER F 36 16.70 38.62 5.50
N TYR F 37 17.15 39.11 6.66
CA TYR F 37 17.41 40.56 6.85
C TYR F 37 16.16 41.39 6.95
N GLY F 38 15.07 40.76 7.41
CA GLY F 38 13.81 41.51 7.38
C GLY F 38 13.54 42.02 5.97
N GLN F 39 13.90 41.21 4.97
CA GLN F 39 13.66 41.58 3.56
C GLN F 39 12.95 40.39 2.91
N TYR F 40 11.75 40.64 2.36
CA TYR F 40 10.94 39.51 1.83
C TYR F 40 10.97 39.45 0.32
N PHE F 41 11.76 40.28 -0.34
CA PHE F 41 11.82 40.12 -1.82
C PHE F 41 12.47 38.80 -2.19
N THR F 42 13.44 38.36 -1.40
CA THR F 42 14.04 37.04 -1.67
C THR F 42 12.96 35.97 -1.63
N ALA F 43 12.30 35.82 -0.49
CA ALA F 43 11.29 34.74 -0.34
C ALA F 43 10.22 34.87 -1.43
N TRP F 44 9.90 36.10 -1.82
CA TRP F 44 8.87 36.32 -2.86
C TRP F 44 9.36 35.83 -4.22
N ASP F 45 10.56 36.24 -4.60
CA ASP F 45 11.14 35.75 -5.87
C ASP F 45 11.04 34.23 -5.88
N PHE F 46 11.47 33.62 -4.77
CA PHE F 46 11.48 32.15 -4.74
C PHE F 46 10.06 31.59 -4.86
N SER F 47 9.12 32.13 -4.08
CA SER F 47 7.74 31.58 -4.10
C SER F 47 7.15 31.67 -5.51
N ASN F 48 7.28 32.82 -6.16
CA ASN F 48 6.73 32.96 -7.52
C ASN F 48 7.35 31.90 -8.44
N SER F 49 8.68 31.79 -8.45
CA SER F 49 9.31 30.89 -9.42
C SER F 49 9.05 29.41 -9.09
N ILE F 50 8.98 29.10 -7.80
CA ILE F 50 8.80 27.67 -7.40
C ILE F 50 7.35 27.28 -7.67
N VAL F 51 6.41 28.20 -7.45
CA VAL F 51 5.01 27.88 -7.83
C VAL F 51 4.94 27.68 -9.35
N ARG F 52 5.52 28.61 -10.12
CA ARG F 52 5.52 28.44 -11.58
C ARG F 52 6.08 27.07 -11.98
N ASP F 53 7.24 26.73 -11.44
CA ASP F 53 7.92 25.50 -11.93
C ASP F 53 7.29 24.26 -11.34
N TYR F 54 6.80 24.38 -10.11
CA TYR F 54 6.03 23.23 -9.58
C TYR F 54 4.85 23.00 -10.49
N ALA F 55 4.23 24.09 -10.96
CA ALA F 55 3.07 23.95 -11.87
C ALA F 55 3.50 23.25 -13.16
N MET F 56 4.61 23.70 -13.73
CA MET F 56 5.08 23.05 -14.97
C MET F 56 5.31 21.56 -14.70
N ASN F 57 5.85 21.24 -13.53
CA ASN F 57 6.16 19.82 -13.27
C ASN F 57 4.85 19.04 -13.13
N LEU F 58 3.88 19.63 -12.45
CA LEU F 58 2.59 18.94 -12.25
C LEU F 58 1.94 18.68 -13.62
N TYR F 59 1.95 19.70 -14.48
CA TYR F 59 1.30 19.50 -15.79
C TYR F 59 1.99 18.36 -16.52
N GLN F 60 3.33 18.30 -16.43
CA GLN F 60 4.04 17.24 -17.18
C GLN F 60 3.79 15.89 -16.51
N LEU F 61 3.62 15.88 -15.19
CA LEU F 61 3.25 14.61 -14.50
C LEU F 61 1.87 14.15 -14.99
N THR F 62 0.94 15.08 -15.14
CA THR F 62 -0.40 14.72 -15.65
C THR F 62 -0.30 14.16 -17.05
N ARG F 63 0.37 14.90 -17.93
CA ARG F 63 0.57 14.38 -19.29
C ARG F 63 1.14 12.95 -19.24
N LEU F 64 1.95 12.66 -18.23
CA LEU F 64 2.44 11.27 -18.13
C LEU F 64 1.33 10.34 -17.63
N ALA F 65 0.51 10.82 -16.70
CA ALA F 65 -0.59 9.97 -16.17
C ALA F 65 -1.53 9.57 -17.30
N THR F 66 -1.50 10.29 -18.40
CA THR F 66 -2.32 9.82 -19.54
C THR F 66 -1.60 8.78 -20.37
N ASP F 67 -0.26 8.78 -20.34
CA ASP F 67 0.51 7.73 -21.06
C ASP F 67 0.35 6.39 -20.35
N GLU F 68 0.36 5.31 -21.12
CA GLU F 68 0.09 3.99 -20.48
C GLU F 68 1.32 3.08 -20.49
N SER F 69 2.50 3.59 -20.89
CA SER F 69 3.74 2.78 -20.78
C SER F 69 4.18 2.75 -19.31
N VAL F 70 3.95 3.84 -18.59
CA VAL F 70 4.34 3.90 -17.16
C VAL F 70 3.22 3.28 -16.32
N SER F 71 3.57 2.27 -15.51
CA SER F 71 2.56 1.74 -14.58
C SER F 71 2.03 2.88 -13.70
N VAL F 72 0.85 2.69 -13.15
CA VAL F 72 0.32 3.74 -12.24
C VAL F 72 1.24 3.84 -11.02
N GLU F 73 1.58 2.70 -10.41
CA GLU F 73 2.50 2.79 -9.26
C GLU F 73 3.82 3.44 -9.67
N ASN F 74 4.32 3.13 -10.86
CA ASN F 74 5.56 3.78 -11.31
C ASN F 74 5.34 5.30 -11.34
N LEU F 75 4.20 5.73 -11.85
CA LEU F 75 4.03 7.19 -11.91
C LEU F 75 3.91 7.75 -10.49
N LEU F 76 3.35 6.97 -9.58
CA LEU F 76 3.16 7.49 -8.21
C LEU F 76 4.53 7.62 -7.54
N THR F 77 5.43 6.67 -7.77
CA THR F 77 6.79 6.81 -7.20
C THR F 77 7.49 8.01 -7.85
N VAL F 78 7.37 8.19 -9.16
CA VAL F 78 8.04 9.39 -9.72
C VAL F 78 7.45 10.65 -9.10
N PHE F 79 6.13 10.69 -8.88
CA PHE F 79 5.54 11.87 -8.22
C PHE F 79 6.02 11.97 -6.77
N ARG F 80 6.16 10.84 -6.09
CA ARG F 80 6.55 10.87 -4.66
C ARG F 80 8.03 11.25 -4.53
N THR F 81 8.82 11.09 -5.59
CA THR F 81 10.21 11.59 -5.50
C THR F 81 10.24 13.06 -5.86
N LEU F 82 9.69 13.44 -7.01
CA LEU F 82 9.83 14.84 -7.48
C LEU F 82 9.00 15.81 -6.65
N ASP F 83 7.81 15.40 -6.26
CA ASP F 83 6.89 16.33 -5.56
C ASP F 83 7.42 16.96 -4.28
N PRO F 84 7.93 16.18 -3.30
CA PRO F 84 8.04 16.68 -1.92
C PRO F 84 8.86 17.93 -1.70
N ILE F 85 10.01 18.09 -2.35
CA ILE F 85 10.82 19.29 -1.99
C ILE F 85 10.09 20.57 -2.43
N TYR F 86 9.60 20.60 -3.66
CA TYR F 86 8.79 21.76 -4.11
C TYR F 86 7.60 21.95 -3.19
N SER F 87 6.86 20.86 -2.99
CA SER F 87 5.65 20.96 -2.16
C SER F 87 6.01 21.61 -0.82
N THR F 88 7.00 21.05 -0.13
CA THR F 88 7.34 21.53 1.23
C THR F 88 7.81 22.96 1.21
N PHE F 89 8.64 23.33 0.24
CA PHE F 89 9.17 24.71 0.25
C PHE F 89 8.02 25.69 0.09
N LEU F 90 7.08 25.35 -0.79
CA LEU F 90 5.88 26.21 -0.93
C LEU F 90 5.12 26.26 0.39
N GLY F 91 4.88 25.08 0.98
CA GLY F 91 4.12 25.04 2.25
C GLY F 91 4.74 25.91 3.33
N TYR F 92 6.07 25.99 3.40
CA TYR F 92 6.63 26.85 4.47
C TYR F 92 6.68 28.30 4.05
N ASN F 93 6.54 28.57 2.75
CA ASN F 93 6.67 29.97 2.27
C ASN F 93 5.44 30.37 1.46
N GLY F 94 4.28 30.39 2.11
CA GLY F 94 3.05 30.90 1.47
C GLY F 94 1.96 29.90 1.24
N PHE F 95 2.31 28.68 0.82
CA PHE F 95 1.28 27.78 0.24
C PHE F 95 1.13 26.47 0.98
N PRO F 96 0.78 26.49 2.27
CA PRO F 96 0.66 25.24 3.04
C PRO F 96 -0.42 24.34 2.47
N VAL F 97 -1.59 24.91 2.17
CA VAL F 97 -2.73 24.11 1.61
C VAL F 97 -2.26 23.37 0.37
N LEU F 98 -1.38 24.00 -0.41
CA LEU F 98 -0.78 23.30 -1.58
C LEU F 98 -0.06 22.04 -1.10
N ALA F 99 0.78 22.17 -0.08
CA ALA F 99 1.50 20.99 0.47
C ALA F 99 0.50 19.93 0.90
N GLU F 100 -0.57 20.34 1.57
CA GLU F 100 -1.53 19.34 2.10
C GLU F 100 -2.18 18.58 0.93
N TYR F 101 -2.62 19.32 -0.08
CA TYR F 101 -3.25 18.62 -1.23
C TYR F 101 -2.21 17.79 -1.95
N ALA F 102 -0.97 18.25 -2.03
CA ALA F 102 0.09 17.49 -2.72
C ALA F 102 0.27 16.15 -2.04
N GLN F 103 0.35 16.17 -0.70
CA GLN F 103 0.42 14.90 0.05
C GLN F 103 -0.79 14.03 -0.34
N ARG F 104 -1.97 14.63 -0.42
CA ARG F 104 -3.13 13.78 -0.73
C ARG F 104 -3.07 13.28 -2.19
N VAL F 105 -2.43 14.01 -3.10
CA VAL F 105 -2.34 13.52 -4.50
C VAL F 105 -1.48 12.26 -4.56
N GLY F 106 -0.41 12.22 -3.76
CA GLY F 106 0.53 11.09 -3.81
C GLY F 106 0.00 9.82 -3.20
N GLN F 107 -1.15 9.90 -2.54
CA GLN F 107 -1.74 8.70 -1.90
C GLN F 107 -2.03 7.65 -2.96
N PRO F 108 -2.00 6.35 -2.60
CA PRO F 108 -2.19 5.26 -3.59
C PRO F 108 -3.54 5.40 -4.27
N ALA F 109 -3.58 5.09 -5.57
CA ALA F 109 -4.82 5.34 -6.34
C ALA F 109 -5.43 4.04 -6.85
N GLU F 110 -6.77 4.00 -6.87
CA GLU F 110 -7.51 2.84 -7.44
C GLU F 110 -7.10 2.63 -8.89
N SER F 111 -7.17 3.70 -9.69
CA SER F 111 -6.94 3.52 -11.14
C SER F 111 -6.29 4.77 -11.72
N ARG F 112 -5.62 4.62 -12.85
CA ARG F 112 -4.96 5.76 -13.50
C ARG F 112 -5.92 6.95 -13.59
N ALA F 113 -7.21 6.69 -13.71
CA ALA F 113 -8.18 7.79 -13.90
C ALA F 113 -8.31 8.63 -12.63
N GLU F 114 -8.26 7.99 -11.47
CA GLU F 114 -8.43 8.79 -10.23
C GLU F 114 -7.23 9.73 -10.08
N LEU F 115 -6.04 9.18 -10.26
CA LEU F 115 -4.86 10.04 -10.12
C LEU F 115 -4.82 11.07 -11.25
N LEU F 116 -5.26 10.68 -12.45
CA LEU F 116 -5.32 11.66 -13.55
C LEU F 116 -6.24 12.83 -13.17
N ASP F 117 -7.40 12.53 -12.57
CA ASP F 117 -8.28 13.63 -12.12
C ASP F 117 -7.58 14.44 -11.02
N ARG F 118 -6.97 13.74 -10.07
CA ARG F 118 -6.29 14.44 -8.96
C ARG F 118 -5.24 15.38 -9.55
N LEU F 119 -4.54 14.91 -10.59
CA LEU F 119 -3.47 15.73 -11.18
C LEU F 119 -4.07 16.95 -11.92
N THR F 120 -5.11 16.74 -12.73
CA THR F 120 -5.70 17.90 -13.41
C THR F 120 -6.15 18.94 -12.40
N THR F 121 -6.84 18.51 -11.34
CA THR F 121 -7.35 19.47 -10.35
C THR F 121 -6.19 20.21 -9.71
N PHE F 122 -5.20 19.47 -9.25
CA PHE F 122 -4.06 20.12 -8.56
C PHE F 122 -3.39 21.11 -9.49
N THR F 123 -3.06 20.66 -10.71
CA THR F 123 -2.32 21.53 -11.65
C THR F 123 -3.14 22.80 -11.90
N GLU F 124 -4.45 22.70 -11.96
CA GLU F 124 -5.21 23.94 -12.23
C GLU F 124 -5.15 24.85 -10.99
N TYR F 125 -5.24 24.26 -9.80
CA TYR F 125 -5.11 25.09 -8.57
C TYR F 125 -3.81 25.88 -8.63
N VAL F 126 -2.71 25.15 -8.83
CA VAL F 126 -1.37 25.80 -8.86
C VAL F 126 -1.34 26.85 -9.99
N ASN F 127 -1.90 26.53 -11.15
CA ASN F 127 -1.81 27.48 -12.29
C ASN F 127 -2.58 28.76 -11.99
N ARG F 128 -3.67 28.66 -11.22
CA ARG F 128 -4.36 29.92 -10.86
C ARG F 128 -3.50 30.70 -9.86
N LEU F 129 -2.89 29.98 -8.92
CA LEU F 129 -1.96 30.68 -8.02
C LEU F 129 -0.84 31.33 -8.86
N THR F 130 -0.28 30.59 -9.83
CA THR F 130 0.80 31.11 -10.68
C THR F 130 0.33 32.35 -11.42
N ALA F 131 -0.84 32.26 -12.05
CA ALA F 131 -1.45 33.44 -12.68
C ALA F 131 -1.41 34.64 -11.73
N TRP F 132 -2.03 34.49 -10.57
CA TRP F 132 -2.17 35.66 -9.68
C TRP F 132 -0.81 36.23 -9.31
N SER F 133 0.11 35.37 -8.89
CA SER F 133 1.44 35.86 -8.44
C SER F 133 2.16 36.52 -9.62
N HIS F 134 1.93 36.02 -10.83
CA HIS F 134 2.53 36.69 -12.01
C HIS F 134 1.90 38.07 -12.20
N HIS F 135 0.61 38.17 -11.93
CA HIS F 135 0.03 39.53 -12.03
C HIS F 135 0.69 40.43 -11.00
N TYR F 136 0.81 39.94 -9.76
CA TYR F 136 1.29 40.81 -8.66
C TYR F 136 2.79 40.66 -8.39
N PHE F 137 3.53 40.03 -9.28
CA PHE F 137 4.99 39.98 -8.98
C PHE F 137 5.63 41.28 -9.42
N PRO F 138 6.56 41.83 -8.63
CA PRO F 138 7.18 43.12 -8.99
C PRO F 138 8.22 42.87 -10.08
N TRP F 139 7.84 43.09 -11.33
CA TRP F 139 8.83 42.92 -12.42
C TRP F 139 9.47 44.26 -12.75
N ASP F 140 9.06 45.33 -12.09
CA ASP F 140 9.54 46.68 -12.47
C ASP F 140 10.88 47.05 -11.82
N LEU F 141 11.30 46.36 -10.77
CA LEU F 141 12.52 46.78 -10.02
C LEU F 141 13.72 46.86 -10.96
N GLY F 142 14.08 45.73 -11.58
CA GLY F 142 15.26 45.73 -12.46
C GLY F 142 15.01 46.52 -13.72
N GLY F 143 13.74 46.83 -14.01
CA GLY F 143 13.44 47.70 -15.16
C GLY F 143 14.04 49.09 -14.96
N GLU F 144 14.08 49.55 -13.71
CA GLU F 144 14.68 50.86 -13.41
C GLU F 144 16.20 50.81 -13.60
N ARG F 145 16.85 49.72 -13.17
CA ARG F 145 18.33 49.70 -13.18
C ARG F 145 18.94 49.10 -14.46
N TYR F 146 18.30 48.09 -15.06
CA TYR F 146 18.92 47.41 -16.24
C TYR F 146 18.16 47.77 -17.50
N ARG F 147 18.91 48.23 -18.51
CA ARG F 147 18.25 48.63 -19.78
C ARG F 147 19.10 48.16 -20.98
N ASP F 175 -8.90 23.89 -43.53
CA ASP F 175 -10.32 24.07 -43.94
C ASP F 175 -10.84 25.39 -43.40
N PRO F 176 -10.86 26.44 -44.22
CA PRO F 176 -11.44 27.75 -43.81
C PRO F 176 -12.91 27.54 -43.44
N SER F 177 -13.49 26.43 -43.88
CA SER F 177 -14.87 26.07 -43.48
C SER F 177 -14.92 25.75 -41.98
N GLN F 178 -14.02 24.89 -41.50
CA GLN F 178 -14.14 24.43 -40.09
C GLN F 178 -13.85 25.55 -39.08
N ARG F 179 -13.57 26.79 -39.49
CA ARG F 179 -13.23 27.81 -38.47
C ARG F 179 -14.45 28.11 -37.58
N ILE F 180 -14.19 28.53 -36.34
CA ILE F 180 -15.29 28.80 -35.37
C ILE F 180 -15.12 30.21 -34.78
N PRO F 181 -16.10 31.11 -34.92
CA PRO F 181 -15.94 32.48 -34.42
C PRO F 181 -16.18 32.60 -32.92
N VAL F 182 -15.45 33.53 -32.30
CA VAL F 182 -15.61 33.82 -30.84
C VAL F 182 -15.34 35.31 -30.65
N ARG F 183 -15.61 35.82 -29.45
CA ARG F 183 -15.44 37.26 -29.22
C ARG F 183 -14.67 37.47 -27.91
N LEU F 184 -13.71 38.39 -27.96
CA LEU F 184 -12.86 38.64 -26.78
C LEU F 184 -13.01 40.11 -26.37
N THR F 185 -13.35 40.33 -25.12
CA THR F 185 -13.61 41.71 -24.63
C THR F 185 -12.82 41.95 -23.37
N TRP F 186 -11.99 43.00 -23.39
CA TRP F 186 -11.16 43.38 -22.21
C TRP F 186 -11.86 44.48 -21.43
N GLN F 187 -11.99 44.27 -20.12
CA GLN F 187 -12.57 45.30 -19.23
C GLN F 187 -11.61 45.52 -18.07
N PRO F 188 -11.42 46.73 -17.52
CA PRO F 188 -12.19 47.97 -17.80
C PRO F 188 -11.68 48.75 -19.01
N LEU F 189 -10.84 48.16 -19.84
CA LEU F 189 -10.45 48.94 -21.02
C LEU F 189 -11.60 49.00 -22.01
N GLY F 190 -12.60 48.15 -21.84
CA GLY F 190 -13.79 48.17 -22.72
C GLY F 190 -13.42 48.00 -24.17
N VAL F 191 -12.44 47.14 -24.46
CA VAL F 191 -12.00 47.00 -25.87
C VAL F 191 -12.49 45.63 -26.37
N GLN F 192 -12.96 45.59 -27.61
CA GLN F 192 -13.56 44.33 -28.09
C GLN F 192 -13.03 43.97 -29.46
N VAL F 193 -12.74 42.68 -29.64
CA VAL F 193 -12.32 42.20 -30.98
C VAL F 193 -12.98 40.84 -31.20
N ASP F 194 -13.03 40.43 -32.46
CA ASP F 194 -13.71 39.16 -32.82
C ASP F 194 -12.69 38.27 -33.51
N ALA F 195 -12.64 37.02 -33.09
CA ALA F 195 -11.61 36.13 -33.65
C ALA F 195 -12.23 34.84 -34.11
N GLU F 196 -11.42 34.00 -34.76
CA GLU F 196 -11.91 32.66 -35.16
C GLU F 196 -10.88 31.62 -34.74
N ILE F 197 -11.38 30.51 -34.21
CA ILE F 197 -10.51 29.37 -33.80
C ILE F 197 -10.52 28.33 -34.91
N TYR F 198 -9.36 28.07 -35.50
CA TYR F 198 -9.28 27.12 -36.65
C TYR F 198 -9.37 25.72 -36.08
N ALA F 199 -10.56 25.15 -36.10
CA ALA F 199 -10.72 23.84 -35.42
C ALA F 199 -10.11 22.69 -36.22
N ASP F 200 -9.77 22.94 -37.48
CA ASP F 200 -9.16 21.87 -38.29
C ASP F 200 -7.72 21.63 -37.85
N LEU F 201 -6.99 22.70 -37.50
CA LEU F 201 -5.55 22.57 -37.17
C LEU F 201 -5.34 21.75 -35.88
N ASN F 202 -5.84 22.24 -34.76
CA ASN F 202 -5.57 21.56 -33.47
C ASN F 202 -6.91 21.12 -32.89
N PRO F 203 -7.49 20.00 -33.37
CA PRO F 203 -8.88 19.60 -33.00
C PRO F 203 -9.13 19.42 -31.51
N GLN F 204 -8.46 18.47 -30.87
CA GLN F 204 -8.77 18.19 -29.44
C GLN F 204 -8.41 19.41 -28.60
N LEU F 205 -7.42 20.17 -29.06
CA LEU F 205 -7.04 21.37 -28.28
C LEU F 205 -8.18 22.38 -28.35
N ALA F 206 -8.54 22.79 -29.57
CA ALA F 206 -9.63 23.78 -29.73
C ALA F 206 -10.88 23.27 -29.00
N THR F 207 -11.21 21.98 -29.18
CA THR F 207 -12.34 21.42 -28.42
C THR F 207 -12.22 21.83 -26.97
N ASP F 208 -11.13 21.40 -26.32
CA ASP F 208 -10.99 21.58 -24.87
C ASP F 208 -11.10 23.05 -24.48
N VAL F 209 -10.49 23.90 -25.30
CA VAL F 209 -10.51 25.35 -24.98
C VAL F 209 -11.94 25.86 -25.10
N LEU F 210 -12.61 25.49 -26.18
CA LEU F 210 -14.02 25.95 -26.40
C LEU F 210 -14.90 25.52 -25.23
N LYS F 211 -14.79 24.27 -24.81
CA LYS F 211 -15.74 23.80 -23.77
C LYS F 211 -15.75 24.72 -22.55
N ALA F 212 -14.63 25.32 -22.19
CA ALA F 212 -14.72 26.15 -20.97
C ALA F 212 -15.37 27.49 -21.29
N LEU F 213 -15.64 27.75 -22.56
CA LEU F 213 -16.31 29.01 -22.93
C LEU F 213 -17.73 29.00 -22.38
N PRO F 214 -18.24 30.15 -21.94
CA PRO F 214 -17.52 31.43 -21.88
C PRO F 214 -16.73 31.52 -20.58
N PHE F 215 -15.90 32.55 -20.44
CA PHE F 215 -15.23 32.76 -19.13
C PHE F 215 -14.54 34.10 -19.14
N THR F 216 -14.28 34.61 -17.93
CA THR F 216 -13.53 35.86 -17.82
C THR F 216 -12.43 35.63 -16.80
N VAL F 217 -11.19 35.92 -17.19
CA VAL F 217 -10.03 35.68 -16.31
C VAL F 217 -9.07 36.87 -16.44
N LEU F 218 -7.98 36.81 -15.67
CA LEU F 218 -7.03 37.95 -15.66
C LEU F 218 -6.10 37.89 -16.87
N GLN F 219 -5.92 39.05 -17.50
CA GLN F 219 -5.00 39.13 -18.66
C GLN F 219 -3.69 39.77 -18.19
N ASP F 220 -2.60 39.02 -18.32
CA ASP F 220 -1.28 39.54 -17.91
C ASP F 220 -0.36 39.52 -19.13
N HIS F 221 0.70 40.30 -19.08
CA HIS F 221 1.60 40.47 -20.24
C HIS F 221 2.77 39.49 -20.16
N ALA F 222 3.43 39.30 -21.30
CA ALA F 222 4.72 38.57 -21.36
C ALA F 222 5.84 39.48 -20.85
N VAL F 223 6.49 39.09 -19.75
CA VAL F 223 7.62 39.91 -19.23
C VAL F 223 8.91 39.60 -19.99
N VAL F 224 8.97 38.46 -20.68
CA VAL F 224 10.26 38.07 -21.33
C VAL F 224 10.08 37.92 -22.84
N SER F 225 8.99 37.29 -23.26
CA SER F 225 8.83 36.92 -24.69
C SER F 225 8.88 38.16 -25.59
N GLY F 226 8.12 39.19 -25.24
CA GLY F 226 8.06 40.39 -26.10
C GLY F 226 6.66 40.96 -26.23
N GLU F 227 6.22 41.20 -27.47
CA GLU F 227 4.87 41.79 -27.70
C GLU F 227 3.83 40.66 -27.72
N SER F 228 3.41 40.24 -26.54
CA SER F 228 2.46 39.12 -26.44
C SER F 228 1.82 39.18 -25.06
N MET F 229 0.59 38.69 -24.96
CA MET F 229 -0.10 38.70 -23.66
C MET F 229 -0.79 37.36 -23.46
N TYR F 230 -1.06 37.04 -22.19
CA TYR F 230 -1.65 35.71 -21.91
C TYR F 230 -2.52 35.76 -20.68
N ALA F 231 -3.48 34.85 -20.66
CA ALA F 231 -4.36 34.72 -19.49
C ALA F 231 -4.45 33.24 -19.13
N TRP F 232 -4.64 32.96 -17.85
CA TRP F 232 -4.66 31.55 -17.38
C TRP F 232 -6.08 31.04 -17.53
N ALA F 233 -6.28 30.13 -18.48
CA ALA F 233 -7.67 29.71 -18.80
C ALA F 233 -8.16 28.59 -17.89
N PRO F 234 -9.48 28.47 -17.69
CA PRO F 234 -10.02 27.45 -16.78
C PRO F 234 -10.13 26.08 -17.47
N LEU F 235 -8.98 25.46 -17.74
CA LEU F 235 -9.02 24.10 -18.30
C LEU F 235 -7.64 23.44 -18.17
N VAL F 236 -7.62 22.11 -18.22
CA VAL F 236 -6.33 21.37 -18.20
C VAL F 236 -6.37 20.44 -19.41
N SER F 237 -5.59 20.76 -20.44
CA SER F 237 -5.72 20.01 -21.71
C SER F 237 -4.52 19.11 -22.00
N VAL F 238 -4.76 17.79 -22.06
CA VAL F 238 -3.69 16.85 -22.49
C VAL F 238 -3.87 16.70 -24.00
N ALA F 239 -4.61 17.62 -24.60
CA ALA F 239 -4.90 17.49 -26.04
C ALA F 239 -3.61 17.57 -26.85
N PRO F 240 -3.35 16.62 -27.76
CA PRO F 240 -2.17 16.71 -28.66
C PRO F 240 -2.11 18.09 -29.32
N THR F 241 -0.94 18.49 -29.82
CA THR F 241 -0.78 19.81 -30.48
C THR F 241 0.00 19.64 -31.76
N PRO F 242 -0.48 18.85 -32.72
CA PRO F 242 0.33 18.47 -33.90
C PRO F 242 0.74 19.67 -34.76
N VAL F 243 0.02 20.77 -34.67
CA VAL F 243 0.45 21.95 -35.44
C VAL F 243 1.01 22.98 -34.47
N ARG F 244 2.33 23.13 -34.52
CA ARG F 244 2.96 24.21 -33.73
C ARG F 244 3.67 25.11 -34.74
N GLU F 245 3.73 26.40 -34.45
CA GLU F 245 4.34 27.34 -35.41
C GLU F 245 5.31 28.24 -34.65
N ARG F 246 6.28 28.78 -35.38
CA ARG F 246 7.27 29.65 -34.70
C ARG F 246 6.63 31.00 -34.48
N ILE F 247 6.65 31.45 -33.23
CA ILE F 247 6.09 32.80 -32.93
C ILE F 247 6.89 33.87 -33.67
N CYS F 248 8.12 33.55 -34.07
CA CYS F 248 8.81 34.51 -34.96
C CYS F 248 7.99 34.57 -36.26
N ASP F 249 7.51 33.42 -36.71
CA ASP F 249 6.65 33.41 -37.91
C ASP F 249 5.28 33.98 -37.62
N ALA F 250 4.83 33.98 -36.36
CA ALA F 250 3.44 34.36 -36.05
C ALA F 250 3.10 35.78 -36.49
N PRO F 251 1.97 35.97 -37.18
CA PRO F 251 1.51 37.30 -37.60
C PRO F 251 0.65 37.94 -36.52
N VAL F 252 0.39 39.24 -36.68
CA VAL F 252 -0.32 39.96 -35.60
C VAL F 252 -1.68 39.31 -35.32
N GLY F 253 -2.12 39.44 -34.07
CA GLY F 253 -3.43 38.88 -33.70
C GLY F 253 -3.43 37.36 -33.63
N ARG F 254 -2.27 36.70 -33.73
CA ARG F 254 -2.33 35.23 -33.59
C ARG F 254 -2.61 34.86 -32.13
N LEU F 255 -3.46 33.84 -31.96
CA LEU F 255 -3.78 33.35 -30.60
C LEU F 255 -3.29 31.91 -30.50
N ARG F 256 -2.37 31.67 -29.56
CA ARG F 256 -1.80 30.31 -29.38
C ARG F 256 -2.24 29.78 -28.00
N PHE F 257 -1.83 28.56 -27.65
CA PHE F 257 -2.16 28.01 -26.31
C PHE F 257 -0.87 27.51 -25.66
N SER F 258 -0.83 27.50 -24.32
CA SER F 258 0.40 27.07 -23.60
C SER F 258 0.02 26.14 -22.45
N GLN F 259 -0.41 24.92 -22.75
CA GLN F 259 -0.75 23.92 -21.70
C GLN F 259 0.50 23.66 -20.85
N ALA F 260 1.66 23.57 -21.49
CA ALA F 260 2.93 23.31 -20.77
C ALA F 260 3.33 24.52 -19.93
N THR F 261 2.92 25.72 -20.36
CA THR F 261 3.29 26.96 -19.64
C THR F 261 2.16 27.37 -18.71
N GLY F 262 1.27 26.43 -18.36
CA GLY F 262 0.20 26.74 -17.40
C GLY F 262 -1.17 26.70 -18.05
N ASN F 263 -1.31 25.95 -19.15
CA ASN F 263 -2.64 25.80 -19.82
C ASN F 263 -3.24 27.20 -20.02
N LYS F 264 -2.52 28.09 -20.71
CA LYS F 264 -3.00 29.50 -20.85
C LYS F 264 -3.10 29.90 -22.33
N VAL F 265 -4.02 30.80 -22.66
CA VAL F 265 -4.17 31.30 -24.05
C VAL F 265 -3.19 32.48 -24.23
N ILE F 266 -2.77 32.76 -25.47
CA ILE F 266 -1.75 33.84 -25.72
C ILE F 266 -2.14 34.64 -26.97
N VAL F 267 -2.32 35.95 -26.85
CA VAL F 267 -2.59 36.79 -28.06
C VAL F 267 -1.33 37.60 -28.33
N GLN F 268 -0.82 37.48 -29.55
CA GLN F 268 0.44 38.19 -29.89
C GLN F 268 0.08 39.50 -30.57
N TYR F 269 0.50 40.61 -29.96
CA TYR F 269 0.25 41.90 -30.63
C TYR F 269 1.60 42.46 -31.07
N SER F 278 4.95 27.00 -30.97
CA SER F 278 3.74 27.16 -30.13
C SER F 278 2.54 26.57 -30.87
N PRO F 279 1.58 25.96 -30.15
CA PRO F 279 0.37 25.44 -30.80
C PRO F 279 -0.53 26.59 -31.19
N VAL F 280 -1.12 26.50 -32.37
CA VAL F 280 -1.93 27.62 -32.91
C VAL F 280 -3.42 27.36 -32.61
N LEU F 281 -4.03 28.28 -31.87
CA LEU F 281 -5.48 28.16 -31.57
C LEU F 281 -6.28 28.86 -32.67
N GLY F 282 -5.92 30.10 -32.99
CA GLY F 282 -6.64 30.79 -34.07
C GLY F 282 -6.13 32.19 -34.33
N LYS F 283 -6.98 33.01 -34.95
CA LYS F 283 -6.53 34.38 -35.32
C LYS F 283 -7.66 35.39 -35.14
N VAL F 284 -7.30 36.54 -34.58
CA VAL F 284 -8.27 37.66 -34.58
C VAL F 284 -8.40 38.13 -36.03
N VAL F 285 -9.61 38.47 -36.43
CA VAL F 285 -9.80 38.90 -37.83
C VAL F 285 -8.99 40.17 -38.09
N ASP F 286 -8.48 40.30 -39.31
CA ASP F 286 -7.55 41.42 -39.59
C ASP F 286 -8.23 42.78 -39.40
N SER F 287 -9.53 42.86 -39.59
CA SER F 287 -10.18 44.19 -39.49
C SER F 287 -9.96 44.76 -38.08
N HIS F 288 -10.06 43.90 -37.07
CA HIS F 288 -9.92 44.36 -35.67
C HIS F 288 -8.48 44.22 -35.18
N ALA F 289 -7.57 43.75 -36.04
CA ALA F 289 -6.15 43.60 -35.65
C ALA F 289 -5.57 44.97 -35.25
N ASP F 290 -6.02 46.04 -35.90
CA ASP F 290 -5.53 47.38 -35.54
C ASP F 290 -5.83 47.68 -34.07
N ARG F 291 -6.98 47.24 -33.57
CA ARG F 291 -7.34 47.61 -32.19
C ARG F 291 -6.43 46.90 -31.18
N LEU F 292 -5.74 45.84 -31.59
CA LEU F 292 -4.93 45.07 -30.62
C LEU F 292 -3.72 45.86 -30.12
N ALA F 293 -3.13 46.69 -30.97
CA ALA F 293 -1.86 47.37 -30.60
C ALA F 293 -1.98 48.19 -29.32
N GLU F 294 -3.17 48.69 -28.99
CA GLU F 294 -3.22 49.58 -27.81
C GLU F 294 -3.61 48.83 -26.53
N VAL F 295 -4.15 47.62 -26.63
CA VAL F 295 -4.49 46.94 -25.35
C VAL F 295 -3.19 46.39 -24.72
N GLY F 296 -2.20 46.06 -25.54
CA GLY F 296 -0.97 45.47 -24.99
C GLY F 296 -0.23 46.43 -24.07
N LYS F 297 -0.29 47.71 -24.37
CA LYS F 297 0.49 48.65 -23.52
C LYS F 297 -0.13 48.74 -22.13
N ALA F 298 -1.47 48.80 -22.07
CA ALA F 298 -2.12 48.91 -20.75
C ALA F 298 -1.96 47.60 -19.97
N VAL F 299 -1.87 46.46 -20.67
CA VAL F 299 -1.62 45.22 -19.88
C VAL F 299 -0.15 45.13 -19.46
N TRP F 300 0.76 45.69 -20.26
CA TRP F 300 2.16 45.79 -19.77
C TRP F 300 2.17 46.63 -18.48
N GLU F 301 1.53 47.80 -18.51
CA GLU F 301 1.48 48.58 -17.25
C GLU F 301 0.79 47.75 -16.15
N SER F 302 -0.19 46.94 -16.53
CA SER F 302 -0.91 46.13 -15.51
C SER F 302 0.07 45.19 -14.80
N THR F 303 0.91 44.50 -15.57
CA THR F 303 1.83 43.48 -14.97
C THR F 303 3.10 44.09 -14.45
N PHE F 304 3.49 45.27 -14.94
CA PHE F 304 4.80 45.83 -14.55
C PHE F 304 4.68 46.77 -13.36
N SER F 305 3.74 47.71 -13.40
CA SER F 305 3.71 48.71 -12.32
C SER F 305 2.32 48.94 -11.73
N SER F 306 1.31 49.18 -12.57
CA SER F 306 -0.03 49.56 -12.04
C SER F 306 -0.64 48.43 -11.19
N LYS F 307 -0.48 47.18 -11.62
CA LYS F 307 -1.04 46.01 -10.88
C LYS F 307 -2.56 46.16 -10.71
N GLU F 308 -3.18 46.87 -11.63
CA GLU F 308 -4.65 46.94 -11.58
C GLU F 308 -5.15 45.94 -12.62
N PRO F 309 -6.09 45.08 -12.25
CA PRO F 309 -6.46 43.94 -13.09
C PRO F 309 -7.16 44.30 -14.38
N VAL F 310 -6.89 43.49 -15.41
CA VAL F 310 -7.63 43.63 -16.69
C VAL F 310 -8.25 42.25 -16.93
N TRP F 311 -9.53 42.23 -17.27
CA TRP F 311 -10.17 40.92 -17.38
C TRP F 311 -10.56 40.64 -18.80
N LEU F 312 -10.11 39.47 -19.27
CA LEU F 312 -10.48 39.03 -20.62
C LEU F 312 -11.72 38.15 -20.51
N THR F 313 -12.78 38.56 -21.22
CA THR F 313 -13.94 37.67 -21.34
C THR F 313 -13.88 37.10 -22.73
N VAL F 314 -13.87 35.76 -22.81
CA VAL F 314 -13.99 35.13 -24.14
C VAL F 314 -15.38 34.48 -24.16
N GLU F 315 -16.04 34.60 -25.31
CA GLU F 315 -17.41 34.05 -25.46
C GLU F 315 -17.50 33.43 -26.85
N ARG F 316 -18.25 32.35 -26.95
CA ARG F 316 -18.45 31.71 -28.27
C ARG F 316 -19.37 32.58 -29.12
N LEU F 317 -19.20 32.52 -30.43
CA LEU F 317 -20.09 33.27 -31.35
C LEU F 317 -20.63 32.32 -32.41
C01 A1B1P G . 18.22 -24.09 5.14
C02 A1B1P G . 17.33 -23.70 6.25
C03 A1B1P G . 16.07 -23.05 5.70
C04 A1B1P G . 15.51 -21.95 6.59
C08 A1B1P G . 19.16 -22.94 3.12
C09 A1B1P G . 18.06 -23.50 2.25
C10 A1B1P G . 17.29 -24.64 2.86
C11 A1B1P G . 17.37 -24.93 4.20
C13 A1B1P G . 16.01 -26.42 3.39
C14 A1B1P G . 15.12 -27.48 3.19
C15 A1B1P G . 14.62 -27.75 1.92
C16 A1B1P G . 15.02 -26.95 0.86
C17 A1B1P G . 15.91 -25.89 1.05
C18 A1B1P G . 16.41 -25.62 2.34
C19 A1B1P G . 19.64 -21.52 2.77
N07 A1B1P G . 18.68 -22.80 4.51
N12 A1B1P G . 16.60 -25.99 4.49
O05 A1B1P G . 15.24 -22.17 7.80
O06 A1B1P G . 15.32 -20.82 6.10
O20 A1B1P G . 19.47 -20.60 3.61
O21 A1B1P G . 20.21 -21.25 1.68
C01 A1B1P H . 9.24 -25.77 -20.57
C02 A1B1P H . 9.99 -26.45 -21.66
C03 A1B1P H . 11.45 -26.60 -21.29
C04 A1B1P H . 12.26 -25.39 -21.71
C08 A1B1P H . 9.26 -23.71 -19.28
C09 A1B1P H . 10.14 -24.29 -18.20
C10 A1B1P H . 10.06 -25.76 -18.19
C11 A1B1P H . 9.63 -26.47 -19.26
C13 A1B1P H . 10.08 -27.92 -17.69
C14 A1B1P H . 10.27 -29.07 -16.90
C15 A1B1P H . 10.73 -28.92 -15.61
C16 A1B1P H . 11.00 -27.66 -15.09
C17 A1B1P H . 10.81 -26.53 -15.87
C18 A1B1P H . 10.34 -26.69 -17.17
C19 A1B1P H . 9.52 -22.21 -19.27
N07 A1B1P H . 9.60 -24.28 -20.59
N12 A1B1P H . 9.66 -27.78 -18.94
O05 A1B1P H . 13.01 -25.47 -22.71
O06 A1B1P H . 12.17 -24.30 -21.06
O20 A1B1P H . 10.00 -21.70 -20.30
O21 A1B1P H . 9.27 -21.54 -18.25
C01 A1B1P I . -30.66 -6.47 8.49
C02 A1B1P I . -30.06 -7.66 7.79
C03 A1B1P I . -28.54 -7.78 7.96
C04 A1B1P I . -27.77 -7.19 6.78
C08 A1B1P I . -30.57 -3.93 8.08
C09 A1B1P I . -29.48 -3.84 9.15
C10 A1B1P I . -29.38 -4.98 10.11
C11 A1B1P I . -29.90 -6.20 9.82
C13 A1B1P I . -29.02 -6.42 11.81
C14 A1B1P I . -28.56 -6.90 13.04
C15 A1B1P I . -27.89 -6.06 13.89
C16 A1B1P I . -27.66 -4.74 13.51
C17 A1B1P I . -28.10 -4.28 12.27
C18 A1B1P I . -28.79 -5.13 11.41
C19 A1B1P I . -30.30 -2.97 6.88
N07 A1B1P I . -30.74 -5.30 7.51
N12 A1B1P I . -29.69 -7.04 10.84
O05 A1B1P I . -27.18 -7.94 5.97
O06 A1B1P I . -27.75 -5.94 6.63
O20 A1B1P I . -30.10 -3.40 5.71
O21 A1B1P I . -30.30 -1.72 7.03
C01 A1B1P J . -17.13 10.76 23.61
C02 A1B1P J . -17.97 11.76 24.34
C03 A1B1P J . -18.73 12.67 23.36
C04 A1B1P J . -20.04 13.25 23.90
C08 A1B1P J . -16.20 10.36 21.33
C09 A1B1P J . -17.28 9.34 21.01
C10 A1B1P J . -18.01 8.85 22.20
C11 A1B1P J . -17.95 9.48 23.41
C13 A1B1P J . -19.23 7.75 23.70
C14 A1B1P J . -20.08 6.74 24.20
C15 A1B1P J . -20.52 5.74 23.33
C16 A1B1P J . -20.11 5.70 22.00
C17 A1B1P J . -19.27 6.70 21.52
C18 A1B1P J . -18.84 7.72 22.39
C19 A1B1P J . -15.68 11.05 20.05
N07 A1B1P J . -16.72 11.37 22.28
N12 A1B1P J . -18.70 8.81 24.30
O05 A1B1P J . -20.62 14.17 23.27
O06 A1B1P J . -20.55 12.83 24.97
O20 A1B1P J . -15.54 10.43 18.97
O21 A1B1P J . -15.39 12.28 20.09
C01 A1B1P K . 15.95 26.35 1.87
C02 A1B1P K . 14.93 27.08 2.66
C03 A1B1P K . 14.04 26.14 3.46
C04 A1B1P K . 12.73 26.84 3.81
C08 A1B1P K . 17.31 27.87 0.26
C09 A1B1P K . 16.05 27.88 -0.59
C10 A1B1P K . 15.35 26.59 -0.55
C11 A1B1P K . 15.29 25.85 0.58
C13 A1B1P K . 14.21 24.72 -0.94
C14 A1B1P K . 13.47 23.79 -1.69
C15 A1B1P K . 13.20 24.04 -3.03
C16 A1B1P K . 13.65 25.19 -3.63
C17 A1B1P K . 14.38 26.12 -2.90
C18 A1B1P K . 14.65 25.87 -1.55
C19 A1B1P K . 17.81 29.32 0.38
N07 A1B1P K . 17.11 27.33 1.64
N12 A1B1P K . 14.60 24.72 0.34
O05 A1B1P K . 12.73 28.09 3.94
O06 A1B1P K . 11.68 26.18 3.95
O20 A1B1P K . 18.12 29.96 -0.65
O21 A1B1P K . 17.91 29.89 1.50
C01 A1B1P L . 8.18 32.24 -22.35
C02 A1B1P L . 9.25 32.27 -23.41
C03 A1B1P L . 10.07 33.58 -23.40
C04 A1B1P L . 11.04 33.75 -24.57
C08 A1B1P L . 7.58 33.71 -20.41
C09 A1B1P L . 8.47 32.94 -19.46
C10 A1B1P L . 8.69 31.56 -19.94
C11 A1B1P L . 8.57 31.22 -21.25
C13 A1B1P L . 9.10 29.38 -20.19
C14 A1B1P L . 9.43 28.08 -19.81
C15 A1B1P L . 9.70 27.82 -18.48
C16 A1B1P L . 9.62 28.83 -17.53
C17 A1B1P L . 9.29 30.11 -17.91
C18 A1B1P L . 9.04 30.38 -19.26
C19 A1B1P L . 7.60 35.17 -20.02
N07 A1B1P L . 8.04 33.66 -21.80
N12 A1B1P L . 8.82 29.91 -21.38
O05 A1B1P L . 12.21 34.19 -24.39
O06 A1B1P L . 10.67 33.48 -25.74
O20 A1B1P L . 7.71 36.01 -20.94
O21 A1B1P L . 7.54 35.52 -18.81
#